data_5YZE
# 
_entry.id   5YZE 
# 
_audit_conform.dict_name       mmcif_pdbx.dic 
_audit_conform.dict_version    5.387 
_audit_conform.dict_location   http://mmcif.pdb.org/dictionaries/ascii/mmcif_pdbx.dic 
# 
loop_
_database_2.database_id 
_database_2.database_code 
_database_2.pdbx_database_accession 
_database_2.pdbx_DOI 
PDB   5YZE         pdb_00005yze 10.2210/pdb5yze/pdb 
WWPDB D_1300006165 ?            ?                   
# 
loop_
_pdbx_audit_revision_history.ordinal 
_pdbx_audit_revision_history.data_content_type 
_pdbx_audit_revision_history.major_revision 
_pdbx_audit_revision_history.minor_revision 
_pdbx_audit_revision_history.revision_date 
1 'Structure model' 1 0 2018-10-17 
2 'Structure model' 2 0 2020-07-29 
3 'Structure model' 3 0 2021-01-20 
4 'Structure model' 3 1 2024-03-27 
# 
loop_
_pdbx_audit_revision_details.ordinal 
_pdbx_audit_revision_details.revision_ordinal 
_pdbx_audit_revision_details.data_content_type 
_pdbx_audit_revision_details.provider 
_pdbx_audit_revision_details.type 
_pdbx_audit_revision_details.description 
_pdbx_audit_revision_details.details 
1 1 'Structure model' repository 'Initial release' ?                          ? 
2 2 'Structure model' repository Remediation       'Carbohydrate remediation' ? 
# 
loop_
_pdbx_audit_revision_group.ordinal 
_pdbx_audit_revision_group.revision_ordinal 
_pdbx_audit_revision_group.data_content_type 
_pdbx_audit_revision_group.group 
1  2 'Structure model' Advisory               
2  2 'Structure model' 'Atomic model'         
3  2 'Structure model' 'Data collection'      
4  2 'Structure model' 'Derived calculations' 
5  2 'Structure model' 'Structure summary'    
6  3 'Structure model' 'Derived calculations' 
7  3 'Structure model' 'Polymer sequence'     
8  3 'Structure model' 'Structure summary'    
9  4 'Structure model' 'Data collection'      
10 4 'Structure model' 'Database references'  
# 
loop_
_pdbx_audit_revision_category.ordinal 
_pdbx_audit_revision_category.revision_ordinal 
_pdbx_audit_revision_category.data_content_type 
_pdbx_audit_revision_category.category 
1  2 'Structure model' atom_site                     
2  2 'Structure model' atom_site_anisotrop           
3  2 'Structure model' chem_comp                     
4  2 'Structure model' entity                        
5  2 'Structure model' pdbx_branch_scheme            
6  2 'Structure model' pdbx_chem_comp_identifier     
7  2 'Structure model' pdbx_entity_branch            
8  2 'Structure model' pdbx_entity_branch_descriptor 
9  2 'Structure model' pdbx_entity_branch_link       
10 2 'Structure model' pdbx_entity_branch_list       
11 2 'Structure model' pdbx_entity_nonpoly           
12 2 'Structure model' pdbx_nonpoly_scheme           
13 2 'Structure model' pdbx_struct_assembly_gen      
14 2 'Structure model' pdbx_struct_conn_angle        
15 2 'Structure model' pdbx_validate_close_contact   
16 2 'Structure model' struct_asym                   
17 2 'Structure model' struct_conn                   
18 2 'Structure model' struct_conn_type              
19 2 'Structure model' struct_site                   
20 2 'Structure model' struct_site_gen               
21 3 'Structure model' chem_comp                     
22 3 'Structure model' entity_poly                   
23 3 'Structure model' struct_conn                   
24 4 'Structure model' chem_comp_atom                
25 4 'Structure model' chem_comp_bond                
26 4 'Structure model' database_2                    
# 
loop_
_pdbx_audit_revision_item.ordinal 
_pdbx_audit_revision_item.revision_ordinal 
_pdbx_audit_revision_item.data_content_type 
_pdbx_audit_revision_item.item 
1  2 'Structure model' '_atom_site.B_iso_or_equiv'                   
2  2 'Structure model' '_atom_site.Cartn_x'                          
3  2 'Structure model' '_atom_site.Cartn_y'                          
4  2 'Structure model' '_atom_site.Cartn_z'                          
5  2 'Structure model' '_atom_site.auth_asym_id'                     
6  2 'Structure model' '_atom_site.auth_atom_id'                     
7  2 'Structure model' '_atom_site.auth_comp_id'                     
8  2 'Structure model' '_atom_site.auth_seq_id'                      
9  2 'Structure model' '_atom_site.label_asym_id'                    
10 2 'Structure model' '_atom_site.label_atom_id'                    
11 2 'Structure model' '_atom_site.label_comp_id'                    
12 2 'Structure model' '_atom_site.label_entity_id'                  
13 2 'Structure model' '_atom_site.type_symbol'                      
14 2 'Structure model' '_atom_site_anisotrop.U[1][1]'                
15 2 'Structure model' '_atom_site_anisotrop.U[1][2]'                
16 2 'Structure model' '_atom_site_anisotrop.U[1][3]'                
17 2 'Structure model' '_atom_site_anisotrop.U[2][2]'                
18 2 'Structure model' '_atom_site_anisotrop.U[2][3]'                
19 2 'Structure model' '_atom_site_anisotrop.U[3][3]'                
20 2 'Structure model' '_atom_site_anisotrop.pdbx_auth_asym_id'      
21 2 'Structure model' '_atom_site_anisotrop.pdbx_auth_atom_id'      
22 2 'Structure model' '_atom_site_anisotrop.pdbx_auth_comp_id'      
23 2 'Structure model' '_atom_site_anisotrop.pdbx_auth_seq_id'       
24 2 'Structure model' '_atom_site_anisotrop.pdbx_label_asym_id'     
25 2 'Structure model' '_atom_site_anisotrop.pdbx_label_atom_id'     
26 2 'Structure model' '_atom_site_anisotrop.pdbx_label_comp_id'     
27 2 'Structure model' '_atom_site_anisotrop.type_symbol'            
28 2 'Structure model' '_chem_comp.mon_nstd_flag'                    
29 2 'Structure model' '_chem_comp.name'                             
30 2 'Structure model' '_chem_comp.type'                             
31 2 'Structure model' '_pdbx_struct_assembly_gen.asym_id_list'      
32 2 'Structure model' '_pdbx_struct_conn_angle.ptnr1_auth_asym_id'  
33 2 'Structure model' '_pdbx_struct_conn_angle.ptnr1_auth_comp_id'  
34 2 'Structure model' '_pdbx_struct_conn_angle.ptnr1_auth_seq_id'   
35 2 'Structure model' '_pdbx_struct_conn_angle.ptnr1_label_asym_id' 
36 2 'Structure model' '_pdbx_struct_conn_angle.ptnr1_label_atom_id' 
37 2 'Structure model' '_pdbx_struct_conn_angle.ptnr1_label_comp_id' 
38 2 'Structure model' '_pdbx_struct_conn_angle.ptnr1_label_seq_id'  
39 2 'Structure model' '_pdbx_struct_conn_angle.ptnr2_auth_asym_id'  
40 2 'Structure model' '_pdbx_struct_conn_angle.ptnr2_label_asym_id' 
41 2 'Structure model' '_pdbx_struct_conn_angle.ptnr3_auth_asym_id'  
42 2 'Structure model' '_pdbx_struct_conn_angle.ptnr3_auth_comp_id'  
43 2 'Structure model' '_pdbx_struct_conn_angle.ptnr3_auth_seq_id'   
44 2 'Structure model' '_pdbx_struct_conn_angle.ptnr3_label_asym_id' 
45 2 'Structure model' '_pdbx_struct_conn_angle.ptnr3_label_atom_id' 
46 2 'Structure model' '_pdbx_struct_conn_angle.ptnr3_label_comp_id' 
47 2 'Structure model' '_pdbx_struct_conn_angle.value'               
48 2 'Structure model' '_pdbx_validate_close_contact.auth_asym_id_1' 
49 2 'Structure model' '_pdbx_validate_close_contact.auth_asym_id_2' 
50 2 'Structure model' '_pdbx_validate_close_contact.auth_seq_id_1'  
51 2 'Structure model' '_pdbx_validate_close_contact.auth_seq_id_2'  
52 2 'Structure model' '_struct_conn.conn_type_id'                   
53 2 'Structure model' '_struct_conn.id'                             
54 2 'Structure model' '_struct_conn.pdbx_dist_value'                
55 2 'Structure model' '_struct_conn.pdbx_leaving_atom_flag'         
56 2 'Structure model' '_struct_conn.ptnr1_auth_asym_id'             
57 2 'Structure model' '_struct_conn.ptnr1_auth_comp_id'             
58 2 'Structure model' '_struct_conn.ptnr1_auth_seq_id'              
59 2 'Structure model' '_struct_conn.ptnr1_label_asym_id'            
60 2 'Structure model' '_struct_conn.ptnr1_label_atom_id'            
61 2 'Structure model' '_struct_conn.ptnr1_label_comp_id'            
62 2 'Structure model' '_struct_conn.ptnr1_label_seq_id'             
63 2 'Structure model' '_struct_conn.ptnr2_auth_asym_id'             
64 2 'Structure model' '_struct_conn.ptnr2_auth_comp_id'             
65 2 'Structure model' '_struct_conn.ptnr2_auth_seq_id'              
66 2 'Structure model' '_struct_conn.ptnr2_label_asym_id'            
67 2 'Structure model' '_struct_conn.ptnr2_label_atom_id'            
68 2 'Structure model' '_struct_conn.ptnr2_label_comp_id'            
69 2 'Structure model' '_struct_conn_type.id'                        
70 3 'Structure model' '_chem_comp.pdbx_synonyms'                    
71 3 'Structure model' '_entity_poly.type'                           
72 3 'Structure model' '_struct_conn.pdbx_leaving_atom_flag'         
73 4 'Structure model' '_database_2.pdbx_DOI'                        
74 4 'Structure model' '_database_2.pdbx_database_accession'         
# 
_pdbx_database_status.status_code                     REL 
_pdbx_database_status.status_code_sf                  REL 
_pdbx_database_status.status_code_mr                  ? 
_pdbx_database_status.entry_id                        5YZE 
_pdbx_database_status.recvd_initial_deposition_date   2017-12-14 
_pdbx_database_status.SG_entry                        N 
_pdbx_database_status.deposit_site                    PDBJ 
_pdbx_database_status.process_site                    PDBJ 
_pdbx_database_status.status_code_cs                  ? 
_pdbx_database_status.methods_development_category    ? 
_pdbx_database_status.pdb_format_compatible           Y 
_pdbx_database_status.status_code_nmr_data            ? 
# 
loop_
_audit_author.name 
_audit_author.pdbx_ordinal 
_audit_author.identifier_ORCID 
'Hou, M.H.'     1 ? 
'Chen, Y.W.'    2 ? 
'Wu, P.C.'      3 ? 
'Satange, R.B.' 4 ? 
# 
_citation.abstract                  ? 
_citation.abstract_id_CAS           ? 
_citation.book_id_ISBN              ? 
_citation.book_publisher            ? 
_citation.book_publisher_city       ? 
_citation.book_title                ? 
_citation.coordinate_linkage        ? 
_citation.country                   CH 
_citation.database_id_Medline       ? 
_citation.details                   ? 
_citation.id                        primary 
_citation.journal_abbrev            'Int J Mol Sci' 
_citation.journal_id_ASTM           ? 
_citation.journal_id_CSD            ? 
_citation.journal_id_ISSN           1422-0067 
_citation.journal_full              ? 
_citation.journal_issue             ? 
_citation.journal_volume            19 
_citation.language                  ? 
_citation.page_first                ? 
_citation.page_last                 ? 
_citation.title                     
'CoII(Chromomycin)2 Complex Induces a Conformational Change of CCG Repeats from i-Motif to Base-Extruded DNA Duplex' 
_citation.year                      2018 
_citation.database_id_CSD           ? 
_citation.pdbx_database_id_DOI      10.3390/ijms19092796 
_citation.pdbx_database_id_PubMed   30227633 
_citation.unpublished_flag          ? 
# 
loop_
_citation_author.citation_id 
_citation_author.name 
_citation_author.ordinal 
_citation_author.identifier_ORCID 
primary 'Chen, Y.W.'   1  ? 
primary 'Satange, R.'  2  ? 
primary 'Wu, P.C.'     3  ? 
primary 'Jhan, C.R.'   4  ? 
primary 'Chang, C.K.'  5  ? 
primary 'Chung, K.R.'  6  ? 
primary 'Waring, M.J.' 7  ? 
primary 'Lin, S.W.'    8  ? 
primary 'Hsieh, L.C.'  9  ? 
primary 'Hou, M.H.'    10 ? 
# 
loop_
_entity.id 
_entity.type 
_entity.src_method 
_entity.pdbx_description 
_entity.formula_weight 
_entity.pdbx_number_of_molecules 
_entity.pdbx_ec 
_entity.pdbx_mutation 
_entity.pdbx_fragment 
_entity.details 
1 polymer     syn 
;DNA (5'-D(*TP*CP*CP*GP*CP*CP*GP*CP*CP*GP*A)-3')
;
3295.150 2  ? ? ? ? 
2 branched    man 
;3-C-methyl-4-O-acetyl-alpha-L-Olivopyranose-(1-3)-(2R,5S,6R)-6-methyltetrahydro-2H-pyran-2,5-diol-(1-3)-(2R,5S,6R)-6-methyltetrahydro-2H-pyran-2,5-diol
;
432.506  2  ? ? ? ? 
3 branched    man 
'2,6-dideoxy-4-O-methyl-alpha-D-galactopyranose-(1-3)-(2R,3R,6R)-6-hydroxy-2-methyltetrahydro-2H-pyran-3-yl acetate' 318.363  2  ? 
? ? ? 
4 non-polymer syn 
'(1S)-5-deoxy-1-O-methyl-1-C-[(2R,3S)-3,5,7,10-tetrahydroxy-6-methyl-4-oxo-1,2,3,4-tetrahydroanthracen-2-yl]-D-xylulose' 420.410  
2  ? ? ? ? 
5 non-polymer syn 'COBALT (II) ION' 58.933   3  ? ? ? ? 
6 water       nat water 18.015   77 ? ? ? ? 
# 
_entity_poly.entity_id                      1 
_entity_poly.type                           polydeoxyribonucleotide 
_entity_poly.nstd_linkage                   no 
_entity_poly.nstd_monomer                   no 
_entity_poly.pdbx_seq_one_letter_code       '(DT)(DC)(DC)(DG)(DC)(DC)(DG)(DC)(DC)(DG)(DA)' 
_entity_poly.pdbx_seq_one_letter_code_can   TCCGCCGCCGA 
_entity_poly.pdbx_strand_id                 A,B 
_entity_poly.pdbx_target_identifier         ? 
# 
loop_
_pdbx_entity_nonpoly.entity_id 
_pdbx_entity_nonpoly.name 
_pdbx_entity_nonpoly.comp_id 
4 '(1S)-5-deoxy-1-O-methyl-1-C-[(2R,3S)-3,5,7,10-tetrahydroxy-6-methyl-4-oxo-1,2,3,4-tetrahydroanthracen-2-yl]-D-xylulose' CPH 
5 'COBALT (II) ION'                                                                                                        CO  
6 water                                                                                                                    HOH 
# 
loop_
_entity_poly_seq.entity_id 
_entity_poly_seq.num 
_entity_poly_seq.mon_id 
_entity_poly_seq.hetero 
1 1  DT n 
1 2  DC n 
1 3  DC n 
1 4  DG n 
1 5  DC n 
1 6  DC n 
1 7  DG n 
1 8  DC n 
1 9  DC n 
1 10 DG n 
1 11 DA n 
# 
_pdbx_entity_src_syn.entity_id              1 
_pdbx_entity_src_syn.pdbx_src_id            1 
_pdbx_entity_src_syn.pdbx_alt_source_flag   sample 
_pdbx_entity_src_syn.pdbx_beg_seq_num       1 
_pdbx_entity_src_syn.pdbx_end_seq_num       11 
_pdbx_entity_src_syn.organism_scientific    'synthetic construct' 
_pdbx_entity_src_syn.organism_common_name   ? 
_pdbx_entity_src_syn.ncbi_taxonomy_id       32630 
_pdbx_entity_src_syn.details                ? 
# 
loop_
_pdbx_entity_branch.entity_id 
_pdbx_entity_branch.type 
2 oligosaccharide 
3 oligosaccharide 
# 
loop_
_pdbx_entity_branch_descriptor.ordinal 
_pdbx_entity_branch_descriptor.entity_id 
_pdbx_entity_branch_descriptor.descriptor 
_pdbx_entity_branch_descriptor.type 
_pdbx_entity_branch_descriptor.program 
_pdbx_entity_branch_descriptor.program_version 
1 2 'WURCS=2.0/2,3,2/[ad222m-1b_1-5][ad611m-1a_1-5_3*C_4*OCC/3=O]/1-1-2/a3-b1_b3-c1'        WURCS  PDB2Glycan 1.1.0 
2 2 '[][b-D-2,6-deoxy-Glcp]{[(3+1)][b-D-2,6-deoxy-Glcp]{[(3+1)][a-L-2,6-deoxy-Glcp4Ac]{}}}' LINUCS PDB-CARE   ?     
3 3 'WURCS=2.0/2,2,1/[ad212m-1b_1-5_4*OCC/3=O][ad112m-1a_1-5_4*OC]/1-2/a3-b1'               WURCS  PDB2Glycan 1.1.0 
4 3 '[][b-D-2-deoxy-Fucp4Ac]{[(3+1)][a-D-2-deoxy-Fucp4Me]{}}'                               LINUCS PDB-CARE   ?     
# 
loop_
_pdbx_entity_branch_link.link_id 
_pdbx_entity_branch_link.entity_id 
_pdbx_entity_branch_link.entity_branch_list_num_1 
_pdbx_entity_branch_link.comp_id_1 
_pdbx_entity_branch_link.atom_id_1 
_pdbx_entity_branch_link.leaving_atom_id_1 
_pdbx_entity_branch_link.entity_branch_list_num_2 
_pdbx_entity_branch_link.comp_id_2 
_pdbx_entity_branch_link.atom_id_2 
_pdbx_entity_branch_link.leaving_atom_id_2 
_pdbx_entity_branch_link.value_order 
_pdbx_entity_branch_link.details 
1 2 1 CDR C3 H3 2 CDR O1 HO1 sing ? 
2 2 2 CDR C3 H3 3 ERI O1 HO1 sing ? 
3 3 1 ARI C3 H3 2 1GL O1 HO1 sing ? 
# 
loop_
_chem_comp.id 
_chem_comp.type 
_chem_comp.mon_nstd_flag 
_chem_comp.name 
_chem_comp.pdbx_synonyms 
_chem_comp.formula 
_chem_comp.formula_weight 
1GL 'D-saccharide, alpha linking' . 2,6-dideoxy-4-O-methyl-alpha-D-galactopyranose 
;4-O-METHYL-2,6-DIDEOXY-ALPHA-D-GALACTO-HEXOPYRANOSE; 2-deoxy-4-O-methyl-alpha-D-fucopyranose; 2,6-dideoxy-4-O-methyl-alpha-D-galactose; 2,6-dideoxy-4-O-methyl-D-galactose; 2,6-dideoxy-4-O-methyl-galactose
;
'C7 H14 O4'       162.184 
ARI 'D-saccharide, beta linking'  . '(2R,3R,6R)-6-hydroxy-2-methyltetrahydro-2H-pyran-3-yl acetate' 
'[O4]-ACETOXY-2,3-DIDEOXYFUCOSE' 'C8 H14 O4'       174.194 
CDR 'D-saccharide, beta linking'  . '(2R,5S,6R)-6-methyltetrahydro-2H-pyran-2,5-diol' 2,3-DIDEOXYFUCOSE 'C6 H12 O3'       132.158 
CO  non-polymer                   . 'COBALT (II) ION' ? 'Co 2'            58.933  
CPH non-polymer                   . 
'(1S)-5-deoxy-1-O-methyl-1-C-[(2R,3S)-3,5,7,10-tetrahydroxy-6-methyl-4-oxo-1,2,3,4-tetrahydroanthracen-2-yl]-D-xylulose' None 
'C21 H24 O9'      420.410 
DA  'DNA linking'                 y "2'-DEOXYADENOSINE-5'-MONOPHOSPHATE" ? 'C10 H14 N5 O6 P' 331.222 
DC  'DNA linking'                 y "2'-DEOXYCYTIDINE-5'-MONOPHOSPHATE" ? 'C9 H14 N3 O7 P'  307.197 
DG  'DNA linking'                 y "2'-DEOXYGUANOSINE-5'-MONOPHOSPHATE" ? 'C10 H14 N5 O7 P' 347.221 
DT  'DNA linking'                 y "THYMIDINE-5'-MONOPHOSPHATE" ? 'C10 H15 N2 O8 P' 322.208 
ERI 'L-saccharide, alpha linking' n 3-C-methyl-4-O-acetyl-alpha-L-Olivopyranose 
;4-O-ACETYL-2,6-DIDEOXY-3-C-METHYL-BETA-L-ARABINO-HEXOPYRANOSE; 3-C-methyl-4-O-acetyl-alpha-L-Olivose; 3-C-methyl-4-O-acetyl-L-Olivose; 3-C-methyl-4-O-acetyl-Olivose
;
'C9 H16 O5'       204.220 
HOH non-polymer                   . WATER ? 'H2 O'            18.015  
# 
_pdbx_chem_comp_identifier.comp_id           1GL 
_pdbx_chem_comp_identifier.type              'IUPAC CARBOHYDRATE SYMBOL' 
_pdbx_chem_comp_identifier.program           PDB-CARE 
_pdbx_chem_comp_identifier.program_version   1.0 
_pdbx_chem_comp_identifier.identifier        a-D-2-deoxy-Fucp4OMe 
# 
loop_
_pdbx_poly_seq_scheme.asym_id 
_pdbx_poly_seq_scheme.entity_id 
_pdbx_poly_seq_scheme.seq_id 
_pdbx_poly_seq_scheme.mon_id 
_pdbx_poly_seq_scheme.ndb_seq_num 
_pdbx_poly_seq_scheme.pdb_seq_num 
_pdbx_poly_seq_scheme.auth_seq_num 
_pdbx_poly_seq_scheme.pdb_mon_id 
_pdbx_poly_seq_scheme.auth_mon_id 
_pdbx_poly_seq_scheme.pdb_strand_id 
_pdbx_poly_seq_scheme.pdb_ins_code 
_pdbx_poly_seq_scheme.hetero 
A 1 1  DT 1  1  1  DT DT A . n 
A 1 2  DC 2  2  ?  ?  ?  A . n 
A 1 3  DC 3  3  3  DC DC A . n 
A 1 4  DG 4  4  4  DG DG A . n 
A 1 5  DC 5  5  5  DC DC A . n 
A 1 6  DC 6  6  6  DC DC A . n 
A 1 7  DG 7  7  7  DG DG A . n 
A 1 8  DC 8  8  8  DC DC A . n 
A 1 9  DC 9  9  9  DC DC A . n 
A 1 10 DG 10 10 10 DG DG A . n 
A 1 11 DA 11 11 11 DA DA A . n 
B 1 1  DT 1  12 12 DT DT B . n 
B 1 2  DC 2  13 ?  ?  ?  B . n 
B 1 3  DC 3  14 14 DC DC B . n 
B 1 4  DG 4  15 15 DG DG B . n 
B 1 5  DC 5  16 16 DC DC B . n 
B 1 6  DC 6  17 17 DC DC B . n 
B 1 7  DG 7  18 18 DG DG B . n 
B 1 8  DC 8  19 19 DC DC B . n 
B 1 9  DC 9  20 20 DC DC B . n 
B 1 10 DG 10 21 21 DG DG B . n 
B 1 11 DA 11 22 22 DA DA B . n 
# 
loop_
_pdbx_branch_scheme.asym_id 
_pdbx_branch_scheme.entity_id 
_pdbx_branch_scheme.mon_id 
_pdbx_branch_scheme.num 
_pdbx_branch_scheme.pdb_asym_id 
_pdbx_branch_scheme.pdb_mon_id 
_pdbx_branch_scheme.pdb_seq_num 
_pdbx_branch_scheme.auth_asym_id 
_pdbx_branch_scheme.auth_mon_id 
_pdbx_branch_scheme.auth_seq_num 
_pdbx_branch_scheme.hetero 
C 2 CDR 1 C CDR 1 A CDR 101 n 
C 2 CDR 2 C CDR 2 A CDR 102 n 
C 2 ERI 3 C ERI 3 A ERI 103 n 
D 3 ARI 1 D ARI 1 A ARI 105 n 
D 3 1GL 2 D 1GL 2 A 1GL 104 n 
E 3 ARI 1 E ARI 1 B ARI 102 n 
E 3 1GL 2 E 1GL 2 B 1GL 101 n 
F 2 CDR 1 F CDR 1 B CDR 104 n 
F 2 CDR 2 F CDR 2 B CDR 105 n 
F 2 ERI 3 F ERI 3 B ERI 106 n 
# 
loop_
_pdbx_nonpoly_scheme.asym_id 
_pdbx_nonpoly_scheme.entity_id 
_pdbx_nonpoly_scheme.mon_id 
_pdbx_nonpoly_scheme.ndb_seq_num 
_pdbx_nonpoly_scheme.pdb_seq_num 
_pdbx_nonpoly_scheme.auth_seq_num 
_pdbx_nonpoly_scheme.pdb_mon_id 
_pdbx_nonpoly_scheme.auth_mon_id 
_pdbx_nonpoly_scheme.pdb_strand_id 
_pdbx_nonpoly_scheme.pdb_ins_code 
G 4 CPH 1  106 106 CPH CPH A . 
H 5 CO  1  107 107 CO  CO  A . 
I 5 CO  1  108 108 CO  CO  A . 
J 4 CPH 1  103 103 CPH CPH B . 
K 5 CO  1  107 107 CO  CO  B . 
L 6 HOH 1  201 201 HOH HOH A . 
L 6 HOH 2  202 202 HOH HOH A . 
L 6 HOH 3  203 203 HOH HOH A . 
L 6 HOH 4  204 204 HOH HOH A . 
L 6 HOH 5  205 205 HOH HOH A . 
L 6 HOH 6  206 206 HOH HOH A . 
L 6 HOH 7  207 207 HOH HOH A . 
L 6 HOH 8  208 208 HOH HOH A . 
L 6 HOH 9  209 209 HOH HOH A . 
L 6 HOH 10 210 210 HOH HOH A . 
L 6 HOH 11 211 211 HOH HOH A . 
L 6 HOH 12 212 212 HOH HOH A . 
L 6 HOH 13 213 213 HOH HOH A . 
L 6 HOH 14 214 214 HOH HOH A . 
L 6 HOH 15 215 215 HOH HOH A . 
L 6 HOH 16 216 216 HOH HOH A . 
L 6 HOH 17 217 217 HOH HOH A . 
L 6 HOH 18 218 218 HOH HOH A . 
L 6 HOH 19 219 219 HOH HOH A . 
L 6 HOH 20 220 220 HOH HOH A . 
L 6 HOH 21 221 221 HOH HOH A . 
L 6 HOH 22 222 222 HOH HOH A . 
L 6 HOH 23 223 223 HOH HOH A . 
L 6 HOH 24 224 224 HOH HOH A . 
L 6 HOH 25 225 225 HOH HOH A . 
L 6 HOH 26 226 226 HOH HOH A . 
L 6 HOH 27 227 227 HOH HOH A . 
L 6 HOH 28 228 228 HOH HOH A . 
L 6 HOH 29 229 229 HOH HOH A . 
L 6 HOH 30 230 230 HOH HOH A . 
L 6 HOH 31 231 231 HOH HOH A . 
L 6 HOH 32 232 232 HOH HOH A . 
L 6 HOH 33 233 233 HOH HOH A . 
L 6 HOH 34 234 234 HOH HOH A . 
L 6 HOH 35 235 235 HOH HOH A . 
L 6 HOH 36 236 236 HOH HOH A . 
L 6 HOH 37 237 237 HOH HOH A . 
M 6 HOH 1  201 201 HOH HOH B . 
M 6 HOH 2  202 202 HOH HOH B . 
M 6 HOH 3  203 203 HOH HOH B . 
M 6 HOH 4  204 204 HOH HOH B . 
M 6 HOH 5  205 205 HOH HOH B . 
M 6 HOH 6  206 206 HOH HOH B . 
M 6 HOH 7  207 207 HOH HOH B . 
M 6 HOH 8  208 208 HOH HOH B . 
M 6 HOH 9  209 209 HOH HOH B . 
M 6 HOH 10 210 210 HOH HOH B . 
M 6 HOH 11 211 211 HOH HOH B . 
M 6 HOH 12 212 212 HOH HOH B . 
M 6 HOH 13 213 213 HOH HOH B . 
M 6 HOH 14 214 214 HOH HOH B . 
M 6 HOH 15 215 215 HOH HOH B . 
M 6 HOH 16 216 216 HOH HOH B . 
M 6 HOH 17 217 217 HOH HOH B . 
M 6 HOH 18 218 218 HOH HOH B . 
M 6 HOH 19 219 219 HOH HOH B . 
M 6 HOH 20 220 220 HOH HOH B . 
M 6 HOH 21 221 221 HOH HOH B . 
M 6 HOH 22 222 222 HOH HOH B . 
M 6 HOH 23 223 223 HOH HOH B . 
M 6 HOH 24 224 224 HOH HOH B . 
M 6 HOH 25 225 225 HOH HOH B . 
M 6 HOH 26 226 226 HOH HOH B . 
M 6 HOH 27 227 227 HOH HOH B . 
M 6 HOH 28 228 228 HOH HOH B . 
M 6 HOH 29 229 229 HOH HOH B . 
M 6 HOH 30 230 230 HOH HOH B . 
M 6 HOH 31 231 231 HOH HOH B . 
M 6 HOH 32 232 232 HOH HOH B . 
M 6 HOH 33 233 233 HOH HOH B . 
M 6 HOH 34 234 234 HOH HOH B . 
M 6 HOH 35 235 235 HOH HOH B . 
M 6 HOH 36 236 236 HOH HOH B . 
M 6 HOH 37 237 237 HOH HOH B . 
M 6 HOH 38 238 238 HOH HOH B . 
M 6 HOH 39 239 239 HOH HOH B . 
M 6 HOH 40 240 240 HOH HOH B . 
# 
loop_
_software.citation_id 
_software.classification 
_software.compiler_name 
_software.compiler_version 
_software.contact_author 
_software.contact_author_email 
_software.date 
_software.description 
_software.dependencies 
_software.hardware 
_software.language 
_software.location 
_software.mods 
_software.name 
_software.os 
_software.os_version 
_software.type 
_software.version 
_software.pdbx_ordinal 
? refinement       ? ? ? ? ? ? ? ? ? ? ? PHENIX   ? ? ? . 1 
? phasing          ? ? ? ? ? ? ? ? ? ? ? SHELXDE  ? ? ? . 2 
? 'data scaling'   ? ? ? ? ? ? ? ? ? ? ? HKL-2000 ? ? ? . 3 
? 'model building' ? ? ? ? ? ? ? ? ? ? ? Coot     ? ? ? . 4 
? 'data reduction' ? ? ? ? ? ? ? ? ? ? ? HKL-2000 ? ? ? . 5 
# 
_cell.entry_id           5YZE 
_cell.length_a           46.401 
_cell.length_b           46.401 
_cell.length_c           73.822 
_cell.angle_alpha        90.00 
_cell.angle_beta         90.00 
_cell.angle_gamma        120.00 
_cell.Z_PDB              12 
_cell.pdbx_unique_axis   ? 
# 
_symmetry.entry_id                         5YZE 
_symmetry.space_group_name_H-M             'P 32 1 2' 
_symmetry.pdbx_full_space_group_name_H-M   ? 
_symmetry.cell_setting                     ? 
_symmetry.Int_Tables_number                153 
# 
_exptl.absorpt_coefficient_mu     ? 
_exptl.absorpt_correction_T_max   ? 
_exptl.absorpt_correction_T_min   ? 
_exptl.absorpt_correction_type    ? 
_exptl.absorpt_process_details    ? 
_exptl.entry_id                   5YZE 
_exptl.crystals_number            1 
_exptl.details                    ? 
_exptl.method                     'X-RAY DIFFRACTION' 
_exptl.method_details             ? 
# 
_exptl_crystal.colour                      ? 
_exptl_crystal.density_diffrn              ? 
_exptl_crystal.density_Matthews            3.64 
_exptl_crystal.density_method              ? 
_exptl_crystal.density_percent_sol         66.22 
_exptl_crystal.description                 ? 
_exptl_crystal.F_000                       ? 
_exptl_crystal.id                          1 
_exptl_crystal.preparation                 ? 
_exptl_crystal.size_max                    ? 
_exptl_crystal.size_mid                    ? 
_exptl_crystal.size_min                    ? 
_exptl_crystal.size_rad                    ? 
_exptl_crystal.colour_lustre               ? 
_exptl_crystal.colour_modifier             ? 
_exptl_crystal.colour_primary              ? 
_exptl_crystal.density_meas                ? 
_exptl_crystal.density_meas_esd            ? 
_exptl_crystal.density_meas_gt             ? 
_exptl_crystal.density_meas_lt             ? 
_exptl_crystal.density_meas_temp           ? 
_exptl_crystal.density_meas_temp_esd       ? 
_exptl_crystal.density_meas_temp_gt        ? 
_exptl_crystal.density_meas_temp_lt        ? 
_exptl_crystal.pdbx_crystal_image_url      ? 
_exptl_crystal.pdbx_crystal_image_format   ? 
_exptl_crystal.pdbx_mosaicity              ? 
_exptl_crystal.pdbx_mosaicity_esd          ? 
# 
_exptl_crystal_grow.apparatus       ? 
_exptl_crystal_grow.atmosphere      ? 
_exptl_crystal_grow.crystal_id      1 
_exptl_crystal_grow.details         ? 
_exptl_crystal_grow.method          'VAPOR DIFFUSION, SITTING DROP' 
_exptl_crystal_grow.method_ref      ? 
_exptl_crystal_grow.pH              ? 
_exptl_crystal_grow.pressure        ? 
_exptl_crystal_grow.pressure_esd    ? 
_exptl_crystal_grow.seeding         ? 
_exptl_crystal_grow.seeding_ref     ? 
_exptl_crystal_grow.temp            277.15 
_exptl_crystal_grow.temp_details    ? 
_exptl_crystal_grow.temp_esd        ? 
_exptl_crystal_grow.time            ? 
_exptl_crystal_grow.pdbx_details    
'0.75mM DNA, 1.5mM Chro, 3mM Cobalt, 50mM Sodium Cacodylate (pH= 6.0), 1mM MgCl2, 1% MPD eqillibriated against 30% MPD' 
_exptl_crystal_grow.pdbx_pH_range   ? 
# 
_diffrn.ambient_environment    ? 
_diffrn.ambient_temp           100 
_diffrn.ambient_temp_details   ? 
_diffrn.ambient_temp_esd       ? 
_diffrn.crystal_id             1 
_diffrn.crystal_support        ? 
_diffrn.crystal_treatment      ? 
_diffrn.details                ? 
_diffrn.id                     1 
_diffrn.ambient_pressure       ? 
_diffrn.ambient_pressure_esd   ? 
_diffrn.ambient_pressure_gt    ? 
_diffrn.ambient_pressure_lt    ? 
_diffrn.ambient_temp_gt        ? 
_diffrn.ambient_temp_lt        ? 
# 
_diffrn_detector.details                      ? 
_diffrn_detector.detector                     CCD 
_diffrn_detector.diffrn_id                    1 
_diffrn_detector.type                         'ADSC QUANTUM 315' 
_diffrn_detector.area_resol_mean              ? 
_diffrn_detector.dtime                        ? 
_diffrn_detector.pdbx_frames_total            ? 
_diffrn_detector.pdbx_collection_time_total   ? 
_diffrn_detector.pdbx_collection_date         2012-09-18 
# 
_diffrn_radiation.collimation                      ? 
_diffrn_radiation.diffrn_id                        1 
_diffrn_radiation.filter_edge                      ? 
_diffrn_radiation.inhomogeneity                    ? 
_diffrn_radiation.monochromator                    ? 
_diffrn_radiation.polarisn_norm                    ? 
_diffrn_radiation.polarisn_ratio                   ? 
_diffrn_radiation.probe                            ? 
_diffrn_radiation.type                             ? 
_diffrn_radiation.xray_symbol                      ? 
_diffrn_radiation.wavelength_id                    1 
_diffrn_radiation.pdbx_monochromatic_or_laue_m_l   M 
_diffrn_radiation.pdbx_wavelength_list             ? 
_diffrn_radiation.pdbx_wavelength                  ? 
_diffrn_radiation.pdbx_diffrn_protocol             MAD 
_diffrn_radiation.pdbx_analyzer                    ? 
_diffrn_radiation.pdbx_scattering_type             x-ray 
# 
_diffrn_radiation_wavelength.id           1 
_diffrn_radiation_wavelength.wavelength   1.56418 
_diffrn_radiation_wavelength.wt           1.0 
# 
_diffrn_source.current                     ? 
_diffrn_source.details                     ? 
_diffrn_source.diffrn_id                   1 
_diffrn_source.power                       ? 
_diffrn_source.size                        ? 
_diffrn_source.source                      SYNCHROTRON 
_diffrn_source.target                      ? 
_diffrn_source.type                        'NSRRC BEAMLINE BL13B1' 
_diffrn_source.voltage                     ? 
_diffrn_source.take-off_angle              ? 
_diffrn_source.pdbx_wavelength_list        1.56418 
_diffrn_source.pdbx_wavelength             ? 
_diffrn_source.pdbx_synchrotron_beamline   BL13B1 
_diffrn_source.pdbx_synchrotron_site       NSRRC 
# 
_reflns.pdbx_diffrn_id               1 
_reflns.pdbx_ordinal                 1 
_reflns.entry_id                     5YZE 
_reflns.observed_criterion_sigma_I   ? 
_reflns.observed_criterion_sigma_F   ? 
_reflns.d_resolution_low             27.200 
_reflns.d_resolution_high            1.870 
_reflns.number_obs                   7726 
_reflns.number_all                   ? 
_reflns.percent_possible_obs         99.6 
_reflns.pdbx_Rmerge_I_obs            0.050 
_reflns.pdbx_Rsym_value              0.050 
_reflns.pdbx_netI_over_sigmaI        44.5500 
_reflns.B_iso_Wilson_estimate        31.27 
_reflns.pdbx_redundancy              4.000 
_reflns.pdbx_CC_half                 ? 
_reflns.pdbx_Rpim_I_all              ? 
_reflns.pdbx_Rrim_I_all              ? 
# 
_reflns_shell.pdbx_diffrn_id         1 
_reflns_shell.pdbx_ordinal           1 
_reflns_shell.d_res_high             1.87 
_reflns_shell.d_res_low              1.94 
_reflns_shell.percent_possible_all   ? 
_reflns_shell.Rmerge_I_obs           0.171 
_reflns_shell.pdbx_Rsym_value        0.171 
_reflns_shell.meanI_over_sigI_obs    ? 
_reflns_shell.pdbx_redundancy        ? 
_reflns_shell.number_measured_obs    ? 
_reflns_shell.number_unique_all      ? 
_reflns_shell.number_unique_obs      775 
_reflns_shell.pdbx_CC_half           ? 
_reflns_shell.pdbx_Rpim_I_all        ? 
_reflns_shell.pdbx_Rrim_I_all        ? 
# 
_refine.pdbx_refine_id                           'X-RAY DIFFRACTION' 
_refine.entry_id                                 5YZE 
_refine.pdbx_diffrn_id                           1 
_refine.pdbx_TLS_residual_ADP_flag               ? 
_refine.ls_number_reflns_obs                     7708 
_refine.ls_number_reflns_all                     ? 
_refine.pdbx_ls_sigma_I                          ? 
_refine.pdbx_ls_sigma_F                          1.370 
_refine.pdbx_data_cutoff_high_absF               ? 
_refine.pdbx_data_cutoff_low_absF                ? 
_refine.pdbx_data_cutoff_high_rms_absF           ? 
_refine.ls_d_res_low                             27.18 
_refine.ls_d_res_high                            1.87 
_refine.ls_percent_reflns_obs                    99.7 
_refine.ls_R_factor_obs                          0.196 
_refine.ls_R_factor_all                          ? 
_refine.ls_R_factor_R_work                       0.194 
_refine.ls_R_factor_R_free                       0.252 
_refine.ls_R_factor_R_free_error                 ? 
_refine.ls_R_factor_R_free_error_details         ? 
_refine.ls_percent_reflns_R_free                 4.593 
_refine.ls_number_reflns_R_free                  354 
_refine.ls_number_parameters                     ? 
_refine.ls_number_restraints                     ? 
_refine.occupancy_min                            ? 
_refine.occupancy_max                            ? 
_refine.correlation_coeff_Fo_to_Fc               ? 
_refine.correlation_coeff_Fo_to_Fc_free          ? 
_refine.B_iso_mean                               47.48 
_refine.aniso_B[1][1]                            ? 
_refine.aniso_B[2][2]                            ? 
_refine.aniso_B[3][3]                            ? 
_refine.aniso_B[1][2]                            ? 
_refine.aniso_B[1][3]                            ? 
_refine.aniso_B[2][3]                            ? 
_refine.solvent_model_details                    ? 
_refine.solvent_model_param_ksol                 ? 
_refine.solvent_model_param_bsol                 ? 
_refine.pdbx_solvent_vdw_probe_radii             1.11 
_refine.pdbx_solvent_ion_probe_radii             ? 
_refine.pdbx_solvent_shrinkage_radii             0.90 
_refine.pdbx_ls_cross_valid_method               NONE 
_refine.details                                  ? 
_refine.pdbx_starting_model                      ? 
_refine.pdbx_method_to_determine_struct          MAD 
_refine.pdbx_isotropic_thermal_model             ? 
_refine.pdbx_stereochemistry_target_values       ? 
_refine.pdbx_stereochem_target_val_spec_case     ? 
_refine.pdbx_R_Free_selection_details            ? 
_refine.pdbx_overall_ESU_R                       ? 
_refine.pdbx_overall_ESU_R_Free                  ? 
_refine.overall_SU_ML                            0.142 
_refine.pdbx_overall_phase_error                 30.171 
_refine.overall_SU_B                             ? 
_refine.overall_SU_R_Cruickshank_DPI             ? 
_refine.pdbx_overall_SU_R_free_Cruickshank_DPI   ? 
_refine.pdbx_overall_SU_R_Blow_DPI               ? 
_refine.pdbx_overall_SU_R_free_Blow_DPI          ? 
# 
_refine_hist.pdbx_refine_id                   'X-RAY DIFFRACTION' 
_refine_hist.cycle_id                         LAST 
_refine_hist.pdbx_number_atoms_protein        0 
_refine_hist.pdbx_number_atoms_nucleic_acid   398 
_refine_hist.pdbx_number_atoms_ligand         169 
_refine_hist.number_atoms_solvent             77 
_refine_hist.number_atoms_total               644 
_refine_hist.d_res_high                       1.87 
_refine_hist.d_res_low                        27.18 
# 
loop_
_refine_ls_restr.type 
_refine_ls_restr.dev_ideal 
_refine_ls_restr.dev_ideal_target 
_refine_ls_restr.weight 
_refine_ls_restr.number 
_refine_ls_restr.pdbx_refine_id 
_refine_ls_restr.pdbx_restraint_function 
f_bond_d           0.006  ? ? 622 'X-RAY DIFFRACTION' ? 
f_angle_d          1.008  ? ? 914 'X-RAY DIFFRACTION' ? 
f_dihedral_angle_d 26.219 ? ? 276 'X-RAY DIFFRACTION' ? 
f_chiral_restr     0.050  ? ? 120 'X-RAY DIFFRACTION' ? 
f_plane_restr      0.007  ? ? 26  'X-RAY DIFFRACTION' ? 
# 
loop_
_refine_ls_shell.pdbx_refine_id 
_refine_ls_shell.pdbx_total_number_of_bins_used 
_refine_ls_shell.d_res_high 
_refine_ls_shell.d_res_low 
_refine_ls_shell.number_reflns_R_work 
_refine_ls_shell.R_factor_R_work 
_refine_ls_shell.percent_reflns_obs 
_refine_ls_shell.R_factor_R_free 
_refine_ls_shell.R_factor_R_free_error 
_refine_ls_shell.percent_reflns_R_free 
_refine_ls_shell.number_reflns_R_free 
_refine_ls_shell.number_reflns_all 
_refine_ls_shell.R_factor_all 
_refine_ls_shell.R_factor_obs 
_refine_ls_shell.number_reflns_obs 
'X-RAY DIFFRACTION' . 1.8702 2.1407  2420 0.1855 100.00 0.2465 . . 106 . . . . 
'X-RAY DIFFRACTION' . 2.1407 2.6967  2442 0.2374 100.00 0.2930 . . 120 . . . . 
'X-RAY DIFFRACTION' . 2.6967 27.1866 2492 0.1819 100.00 0.2395 . . 128 . . . . 
# 
_struct.entry_id                     5YZE 
_struct.title                        'Crystal structure of the [Co2+-(chromomycin A3)2]-d(CCG)3 complex' 
_struct.pdbx_model_details           ? 
_struct.pdbx_formula_weight          ? 
_struct.pdbx_formula_weight_method   ? 
_struct.pdbx_model_type_details      ? 
_struct.pdbx_CASP_flag               N 
# 
_struct_keywords.entry_id        5YZE 
_struct_keywords.text            'Drug-DNA complex, Chromomycin A3, CCG repeats, i-motif, flipout, DNA, ANTIBIOTICS-DNA complex' 
_struct_keywords.pdbx_keywords   ANTIBIOTICS/DNA 
# 
loop_
_struct_asym.id 
_struct_asym.pdbx_blank_PDB_chainid_flag 
_struct_asym.pdbx_modified 
_struct_asym.entity_id 
_struct_asym.details 
A N N 1 ? 
B N N 1 ? 
C N N 2 ? 
D N N 3 ? 
E N N 3 ? 
F N N 2 ? 
G N N 4 ? 
H N N 5 ? 
I N N 5 ? 
J N N 4 ? 
K N N 5 ? 
L N N 6 ? 
M N N 6 ? 
# 
_struct_ref.id                         1 
_struct_ref.db_name                    PDB 
_struct_ref.db_code                    5YZE 
_struct_ref.pdbx_db_accession          5YZE 
_struct_ref.pdbx_db_isoform            ? 
_struct_ref.entity_id                  1 
_struct_ref.pdbx_seq_one_letter_code   ? 
_struct_ref.pdbx_align_begin           1 
# 
loop_
_struct_ref_seq.align_id 
_struct_ref_seq.ref_id 
_struct_ref_seq.pdbx_PDB_id_code 
_struct_ref_seq.pdbx_strand_id 
_struct_ref_seq.seq_align_beg 
_struct_ref_seq.pdbx_seq_align_beg_ins_code 
_struct_ref_seq.seq_align_end 
_struct_ref_seq.pdbx_seq_align_end_ins_code 
_struct_ref_seq.pdbx_db_accession 
_struct_ref_seq.db_align_beg 
_struct_ref_seq.pdbx_db_align_beg_ins_code 
_struct_ref_seq.db_align_end 
_struct_ref_seq.pdbx_db_align_end_ins_code 
_struct_ref_seq.pdbx_auth_seq_align_beg 
_struct_ref_seq.pdbx_auth_seq_align_end 
1 1 5YZE A 1 ? 11 ? 5YZE 1  ? 11 ? 1  11 
2 1 5YZE B 1 ? 11 ? 5YZE 12 ? 22 ? 12 22 
# 
_pdbx_struct_assembly.id                   1 
_pdbx_struct_assembly.details              author_and_software_defined_assembly 
_pdbx_struct_assembly.method_details       PISA 
_pdbx_struct_assembly.oligomeric_details   dimeric 
_pdbx_struct_assembly.oligomeric_count     2 
# 
loop_
_pdbx_struct_assembly_prop.biol_id 
_pdbx_struct_assembly_prop.type 
_pdbx_struct_assembly_prop.value 
_pdbx_struct_assembly_prop.details 
1 'ABSA (A^2)' 990  ? 
1 MORE         -20  ? 
1 'SSA (A^2)'  4140 ? 
# 
_pdbx_struct_assembly_gen.assembly_id       1 
_pdbx_struct_assembly_gen.oper_expression   1 
_pdbx_struct_assembly_gen.asym_id_list      A,B,C,D,E,F,G,H,I,J,K,L,M 
# 
_pdbx_struct_assembly_auth_evidence.id                     1 
_pdbx_struct_assembly_auth_evidence.assembly_id            1 
_pdbx_struct_assembly_auth_evidence.experimental_support   none 
_pdbx_struct_assembly_auth_evidence.details                ? 
# 
_pdbx_struct_oper_list.id                   1 
_pdbx_struct_oper_list.type                 'identity operation' 
_pdbx_struct_oper_list.name                 1_555 
_pdbx_struct_oper_list.symmetry_operation   x,y,z 
_pdbx_struct_oper_list.matrix[1][1]         1.0000000000 
_pdbx_struct_oper_list.matrix[1][2]         0.0000000000 
_pdbx_struct_oper_list.matrix[1][3]         0.0000000000 
_pdbx_struct_oper_list.vector[1]            0.0000000000 
_pdbx_struct_oper_list.matrix[2][1]         0.0000000000 
_pdbx_struct_oper_list.matrix[2][2]         1.0000000000 
_pdbx_struct_oper_list.matrix[2][3]         0.0000000000 
_pdbx_struct_oper_list.vector[2]            0.0000000000 
_pdbx_struct_oper_list.matrix[3][1]         0.0000000000 
_pdbx_struct_oper_list.matrix[3][2]         0.0000000000 
_pdbx_struct_oper_list.matrix[3][3]         1.0000000000 
_pdbx_struct_oper_list.vector[3]            0.0000000000 
# 
loop_
_struct_conn.id 
_struct_conn.conn_type_id 
_struct_conn.pdbx_leaving_atom_flag 
_struct_conn.pdbx_PDB_id 
_struct_conn.ptnr1_label_asym_id 
_struct_conn.ptnr1_label_comp_id 
_struct_conn.ptnr1_label_seq_id 
_struct_conn.ptnr1_label_atom_id 
_struct_conn.pdbx_ptnr1_label_alt_id 
_struct_conn.pdbx_ptnr1_PDB_ins_code 
_struct_conn.pdbx_ptnr1_standard_comp_id 
_struct_conn.ptnr1_symmetry 
_struct_conn.ptnr2_label_asym_id 
_struct_conn.ptnr2_label_comp_id 
_struct_conn.ptnr2_label_seq_id 
_struct_conn.ptnr2_label_atom_id 
_struct_conn.pdbx_ptnr2_label_alt_id 
_struct_conn.pdbx_ptnr2_PDB_ins_code 
_struct_conn.ptnr1_auth_asym_id 
_struct_conn.ptnr1_auth_comp_id 
_struct_conn.ptnr1_auth_seq_id 
_struct_conn.ptnr2_auth_asym_id 
_struct_conn.ptnr2_auth_comp_id 
_struct_conn.ptnr2_auth_seq_id 
_struct_conn.ptnr2_symmetry 
_struct_conn.pdbx_ptnr3_label_atom_id 
_struct_conn.pdbx_ptnr3_label_seq_id 
_struct_conn.pdbx_ptnr3_label_comp_id 
_struct_conn.pdbx_ptnr3_label_asym_id 
_struct_conn.pdbx_ptnr3_label_alt_id 
_struct_conn.pdbx_ptnr3_PDB_ins_code 
_struct_conn.details 
_struct_conn.pdbx_dist_value 
_struct_conn.pdbx_value_order 
_struct_conn.pdbx_role 
covale1  covale one ? G CPH .  C6 ? ? ? 1_555 D ARI .  O1 ? ? A CPH 106 D ARI 1   1_555 ? ? ? ? ? ? ?            1.374 ? ? 
covale2  covale one ? G CPH .  C2 ? ? ? 1_555 F CDR .  O1 ? ? A CPH 106 F CDR 1   1_555 ? ? ? ? ? ? ?            1.379 ? ? 
covale3  covale one ? J CPH .  C2 ? ? ? 1_555 C CDR .  O1 ? ? B CPH 103 C CDR 1   1_555 ? ? ? ? ? ? ?            1.380 ? ? 
covale4  covale one ? J CPH .  C6 ? ? ? 1_555 E ARI .  O1 ? ? B CPH 103 E ARI 1   1_555 ? ? ? ? ? ? ?            1.377 ? ? 
covale5  covale one ? C CDR .  C3 ? ? ? 1_555 C CDR .  O1 ? ? C CDR 1   C CDR 2   1_555 ? ? ? ? ? ? ?            1.375 ? ? 
covale6  covale one ? C CDR .  C3 ? ? ? 1_555 C ERI .  O1 ? ? C CDR 2   C ERI 3   1_555 ? ? ? ? ? ? ?            1.376 ? ? 
covale7  covale one ? D ARI .  C3 ? ? ? 1_555 D 1GL .  O1 ? ? D ARI 1   D 1GL 2   1_555 ? ? ? ? ? ? ?            1.375 ? ? 
covale8  covale one ? E ARI .  C3 ? ? ? 1_555 E 1GL .  O1 ? ? E ARI 1   E 1GL 2   1_555 ? ? ? ? ? ? ?            1.376 ? ? 
covale9  covale one ? F CDR .  C3 ? ? ? 1_555 F CDR .  O1 ? ? F CDR 1   F CDR 2   1_555 ? ? ? ? ? ? ?            1.376 ? ? 
covale10 covale one ? F CDR .  C3 ? ? ? 1_555 F ERI .  O1 ? ? F CDR 2   F ERI 3   1_555 ? ? ? ? ? ? ?            1.378 ? ? 
metalc1  metalc ?   ? A DG  7  N7 ? ? ? 1_555 I CO  .  CO ? ? A DG  7   A CO  108 1_555 ? ? ? ? ? ? ?            2.194 ? ? 
metalc2  metalc ?   ? G CPH .  O1 ? ? ? 1_555 H CO  .  CO ? ? A CPH 106 A CO  107 1_555 ? ? ? ? ? ? ?            2.036 ? ? 
metalc3  metalc ?   ? G CPH .  O9 ? ? ? 1_555 H CO  .  CO ? ? A CPH 106 A CO  107 1_555 ? ? ? ? ? ? ?            1.954 ? ? 
metalc4  metalc ?   ? H CO  .  CO ? ? ? 1_555 L HOH .  O  ? ? A CO  107 A HOH 202 1_555 ? ? ? ? ? ? ?            2.108 ? ? 
metalc5  metalc ?   ? H CO  .  CO ? ? ? 1_555 J CPH .  O9 ? ? A CO  107 B CPH 103 1_555 ? ? ? ? ? ? ?            1.953 ? ? 
metalc6  metalc ?   ? H CO  .  CO ? ? ? 1_555 J CPH .  O1 ? ? A CO  107 B CPH 103 1_555 ? ? ? ? ? ? ?            2.023 ? ? 
metalc7  metalc ?   ? H CO  .  CO ? ? ? 1_555 M HOH .  O  ? ? A CO  107 B HOH 208 1_555 ? ? ? ? ? ? ?            2.078 ? ? 
metalc8  metalc ?   ? I CO  .  CO ? ? ? 1_555 L HOH .  O  ? ? A CO  108 A HOH 201 1_555 ? ? ? ? ? ? ?            2.249 ? ? 
metalc9  metalc ?   ? I CO  .  CO ? ? ? 1_555 L HOH .  O  ? ? A CO  108 A HOH 203 1_555 ? ? ? ? ? ? ?            2.028 ? ? 
metalc10 metalc ?   ? I CO  .  CO ? ? ? 1_555 L HOH .  O  ? ? A CO  108 A HOH 217 1_555 ? ? ? ? ? ? ?            2.199 ? ? 
metalc11 metalc ?   ? I CO  .  CO ? ? ? 1_555 L HOH .  O  ? ? A CO  108 A HOH 221 1_555 ? ? ? ? ? ? ?            2.030 ? ? 
metalc12 metalc ?   ? I CO  .  CO ? ? ? 1_555 L HOH .  O  ? ? A CO  108 A HOH 229 1_555 ? ? ? ? ? ? ?            2.192 ? ? 
metalc13 metalc ?   ? B DG  7  N7 ? ? ? 1_555 K CO  .  CO ? ? B DG  18  B CO  107 1_555 ? ? ? ? ? ? ?            2.173 ? ? 
metalc14 metalc ?   ? K CO  .  CO ? ? ? 1_555 M HOH .  O  ? ? B CO  107 B HOH 202 1_555 ? ? ? ? ? ? ?            2.227 ? ? 
metalc15 metalc ?   ? K CO  .  CO ? ? ? 1_555 M HOH .  O  ? ? B CO  107 B HOH 206 1_555 ? ? ? ? ? ? ?            2.019 ? ? 
metalc16 metalc ?   ? K CO  .  CO ? ? ? 1_555 M HOH .  O  ? ? B CO  107 B HOH 216 1_555 ? ? ? ? ? ? ?            2.154 ? ? 
metalc17 metalc ?   ? K CO  .  CO ? ? ? 1_555 M HOH .  O  ? ? B CO  107 B HOH 220 1_555 ? ? ? ? ? ? ?            1.936 ? ? 
metalc18 metalc ?   ? K CO  .  CO ? ? ? 1_555 M HOH .  O  ? ? B CO  107 B HOH 235 1_555 ? ? ? ? ? ? ?            2.198 ? ? 
hydrog1  hydrog ?   ? A DC  3  N3 ? ? ? 1_555 B DG  10 N1 ? ? A DC  3   B DG  21  1_555 ? ? ? ? ? ? WATSON-CRICK ?     ? ? 
hydrog2  hydrog ?   ? A DC  3  N4 ? ? ? 1_555 B DG  10 O6 ? ? A DC  3   B DG  21  1_555 ? ? ? ? ? ? WATSON-CRICK ?     ? ? 
hydrog3  hydrog ?   ? A DC  3  O2 ? ? ? 1_555 B DG  10 N2 ? ? A DC  3   B DG  21  1_555 ? ? ? ? ? ? WATSON-CRICK ?     ? ? 
hydrog4  hydrog ?   ? A DG  4  N1 ? ? ? 1_555 B DC  9  N3 ? ? A DG  4   B DC  20  1_555 ? ? ? ? ? ? WATSON-CRICK ?     ? ? 
hydrog5  hydrog ?   ? A DG  4  N2 ? ? ? 1_555 B DC  9  O2 ? ? A DG  4   B DC  20  1_555 ? ? ? ? ? ? WATSON-CRICK ?     ? ? 
hydrog6  hydrog ?   ? A DG  4  O6 ? ? ? 1_555 B DC  9  N4 ? ? A DG  4   B DC  20  1_555 ? ? ? ? ? ? WATSON-CRICK ?     ? ? 
hydrog7  hydrog ?   ? A DG  7  N1 ? ? ? 1_555 B DC  8  N3 ? ? A DG  7   B DC  19  1_555 ? ? ? ? ? ? WATSON-CRICK ?     ? ? 
hydrog8  hydrog ?   ? A DG  7  N2 ? ? ? 1_555 B DC  8  O2 ? ? A DG  7   B DC  19  1_555 ? ? ? ? ? ? WATSON-CRICK ?     ? ? 
hydrog9  hydrog ?   ? A DG  7  O6 ? ? ? 1_555 B DC  8  N4 ? ? A DG  7   B DC  19  1_555 ? ? ? ? ? ? WATSON-CRICK ?     ? ? 
hydrog10 hydrog ?   ? A DC  8  N3 ? ? ? 1_555 B DG  7  N1 ? ? A DC  8   B DG  18  1_555 ? ? ? ? ? ? WATSON-CRICK ?     ? ? 
hydrog11 hydrog ?   ? A DC  8  N4 ? ? ? 1_555 B DG  7  O6 ? ? A DC  8   B DG  18  1_555 ? ? ? ? ? ? WATSON-CRICK ?     ? ? 
hydrog12 hydrog ?   ? A DC  8  O2 ? ? ? 1_555 B DG  7  N2 ? ? A DC  8   B DG  18  1_555 ? ? ? ? ? ? WATSON-CRICK ?     ? ? 
hydrog13 hydrog ?   ? A DC  9  N3 ? ? ? 1_555 B DG  4  N1 ? ? A DC  9   B DG  15  1_555 ? ? ? ? ? ? WATSON-CRICK ?     ? ? 
hydrog14 hydrog ?   ? A DC  9  N4 ? ? ? 1_555 B DG  4  O6 ? ? A DC  9   B DG  15  1_555 ? ? ? ? ? ? WATSON-CRICK ?     ? ? 
hydrog15 hydrog ?   ? A DC  9  O2 ? ? ? 1_555 B DG  4  N2 ? ? A DC  9   B DG  15  1_555 ? ? ? ? ? ? WATSON-CRICK ?     ? ? 
hydrog16 hydrog ?   ? A DG  10 N1 ? ? ? 1_555 B DC  3  N3 ? ? A DG  10  B DC  14  1_555 ? ? ? ? ? ? WATSON-CRICK ?     ? ? 
hydrog17 hydrog ?   ? A DG  10 N2 ? ? ? 1_555 B DC  3  O2 ? ? A DG  10  B DC  14  1_555 ? ? ? ? ? ? WATSON-CRICK ?     ? ? 
hydrog18 hydrog ?   ? A DG  10 O6 ? ? ? 1_555 B DC  3  N4 ? ? A DG  10  B DC  14  1_555 ? ? ? ? ? ? WATSON-CRICK ?     ? ? 
# 
loop_
_struct_conn_type.id 
_struct_conn_type.criteria 
_struct_conn_type.reference 
covale ? ? 
metalc ? ? 
hydrog ? ? 
# 
loop_
_pdbx_struct_conn_angle.id 
_pdbx_struct_conn_angle.ptnr1_label_atom_id 
_pdbx_struct_conn_angle.ptnr1_label_alt_id 
_pdbx_struct_conn_angle.ptnr1_label_asym_id 
_pdbx_struct_conn_angle.ptnr1_label_comp_id 
_pdbx_struct_conn_angle.ptnr1_label_seq_id 
_pdbx_struct_conn_angle.ptnr1_auth_atom_id 
_pdbx_struct_conn_angle.ptnr1_auth_asym_id 
_pdbx_struct_conn_angle.ptnr1_auth_comp_id 
_pdbx_struct_conn_angle.ptnr1_auth_seq_id 
_pdbx_struct_conn_angle.ptnr1_PDB_ins_code 
_pdbx_struct_conn_angle.ptnr1_symmetry 
_pdbx_struct_conn_angle.ptnr2_label_atom_id 
_pdbx_struct_conn_angle.ptnr2_label_alt_id 
_pdbx_struct_conn_angle.ptnr2_label_asym_id 
_pdbx_struct_conn_angle.ptnr2_label_comp_id 
_pdbx_struct_conn_angle.ptnr2_label_seq_id 
_pdbx_struct_conn_angle.ptnr2_auth_atom_id 
_pdbx_struct_conn_angle.ptnr2_auth_asym_id 
_pdbx_struct_conn_angle.ptnr2_auth_comp_id 
_pdbx_struct_conn_angle.ptnr2_auth_seq_id 
_pdbx_struct_conn_angle.ptnr2_PDB_ins_code 
_pdbx_struct_conn_angle.ptnr2_symmetry 
_pdbx_struct_conn_angle.ptnr3_label_atom_id 
_pdbx_struct_conn_angle.ptnr3_label_alt_id 
_pdbx_struct_conn_angle.ptnr3_label_asym_id 
_pdbx_struct_conn_angle.ptnr3_label_comp_id 
_pdbx_struct_conn_angle.ptnr3_label_seq_id 
_pdbx_struct_conn_angle.ptnr3_auth_atom_id 
_pdbx_struct_conn_angle.ptnr3_auth_asym_id 
_pdbx_struct_conn_angle.ptnr3_auth_comp_id 
_pdbx_struct_conn_angle.ptnr3_auth_seq_id 
_pdbx_struct_conn_angle.ptnr3_PDB_ins_code 
_pdbx_struct_conn_angle.ptnr3_symmetry 
_pdbx_struct_conn_angle.value 
_pdbx_struct_conn_angle.value_esd 
1  N7 ? A DG  7 ? A DG  7   ? 1_555 CO ? I CO . ? A CO 108 ? 1_555 O  ? L HOH . ? A HOH 201 ? 1_555 94.4  ? 
2  N7 ? A DG  7 ? A DG  7   ? 1_555 CO ? I CO . ? A CO 108 ? 1_555 O  ? L HOH . ? A HOH 203 ? 1_555 93.5  ? 
3  O  ? L HOH . ? A HOH 201 ? 1_555 CO ? I CO . ? A CO 108 ? 1_555 O  ? L HOH . ? A HOH 203 ? 1_555 92.1  ? 
4  N7 ? A DG  7 ? A DG  7   ? 1_555 CO ? I CO . ? A CO 108 ? 1_555 O  ? L HOH . ? A HOH 217 ? 1_555 88.7  ? 
5  O  ? L HOH . ? A HOH 201 ? 1_555 CO ? I CO . ? A CO 108 ? 1_555 O  ? L HOH . ? A HOH 217 ? 1_555 171.4 ? 
6  O  ? L HOH . ? A HOH 203 ? 1_555 CO ? I CO . ? A CO 108 ? 1_555 O  ? L HOH . ? A HOH 217 ? 1_555 95.8  ? 
7  N7 ? A DG  7 ? A DG  7   ? 1_555 CO ? I CO . ? A CO 108 ? 1_555 O  ? L HOH . ? A HOH 221 ? 1_555 91.1  ? 
8  O  ? L HOH . ? A HOH 201 ? 1_555 CO ? I CO . ? A CO 108 ? 1_555 O  ? L HOH . ? A HOH 221 ? 1_555 86.5  ? 
9  O  ? L HOH . ? A HOH 203 ? 1_555 CO ? I CO . ? A CO 108 ? 1_555 O  ? L HOH . ? A HOH 221 ? 1_555 175.3 ? 
10 O  ? L HOH . ? A HOH 217 ? 1_555 CO ? I CO . ? A CO 108 ? 1_555 O  ? L HOH . ? A HOH 221 ? 1_555 85.4  ? 
11 N7 ? A DG  7 ? A DG  7   ? 1_555 CO ? I CO . ? A CO 108 ? 1_555 O  ? L HOH . ? A HOH 229 ? 1_555 175.7 ? 
12 O  ? L HOH . ? A HOH 201 ? 1_555 CO ? I CO . ? A CO 108 ? 1_555 O  ? L HOH . ? A HOH 229 ? 1_555 82.9  ? 
13 O  ? L HOH . ? A HOH 203 ? 1_555 CO ? I CO . ? A CO 108 ? 1_555 O  ? L HOH . ? A HOH 229 ? 1_555 83.2  ? 
14 O  ? L HOH . ? A HOH 217 ? 1_555 CO ? I CO . ? A CO 108 ? 1_555 O  ? L HOH . ? A HOH 229 ? 1_555 94.5  ? 
15 O  ? L HOH . ? A HOH 221 ? 1_555 CO ? I CO . ? A CO 108 ? 1_555 O  ? L HOH . ? A HOH 229 ? 1_555 92.2  ? 
16 O1 ? G CPH . ? A CPH 106 ? 1_555 CO ? H CO . ? A CO 107 ? 1_555 O9 ? G CPH . ? A CPH 106 ? 1_555 81.2  ? 
17 O1 ? G CPH . ? A CPH 106 ? 1_555 CO ? H CO . ? A CO 107 ? 1_555 O  ? L HOH . ? A HOH 202 ? 1_555 94.8  ? 
18 O9 ? G CPH . ? A CPH 106 ? 1_555 CO ? H CO . ? A CO 107 ? 1_555 O  ? L HOH . ? A HOH 202 ? 1_555 94.7  ? 
19 O1 ? G CPH . ? A CPH 106 ? 1_555 CO ? H CO . ? A CO 107 ? 1_555 O9 ? J CPH . ? B CPH 103 ? 1_555 97.4  ? 
20 O9 ? G CPH . ? A CPH 106 ? 1_555 CO ? H CO . ? A CO 107 ? 1_555 O9 ? J CPH . ? B CPH 103 ? 1_555 178.6 ? 
21 O  ? L HOH . ? A HOH 202 ? 1_555 CO ? H CO . ? A CO 107 ? 1_555 O9 ? J CPH . ? B CPH 103 ? 1_555 85.2  ? 
22 O1 ? G CPH . ? A CPH 106 ? 1_555 CO ? H CO . ? A CO 107 ? 1_555 O1 ? J CPH . ? B CPH 103 ? 1_555 83.1  ? 
23 O9 ? G CPH . ? A CPH 106 ? 1_555 CO ? H CO . ? A CO 107 ? 1_555 O1 ? J CPH . ? B CPH 103 ? 1_555 96.9  ? 
24 O  ? L HOH . ? A HOH 202 ? 1_555 CO ? H CO . ? A CO 107 ? 1_555 O1 ? J CPH . ? B CPH 103 ? 1_555 167.8 ? 
25 O9 ? J CPH . ? B CPH 103 ? 1_555 CO ? H CO . ? A CO 107 ? 1_555 O1 ? J CPH . ? B CPH 103 ? 1_555 83.1  ? 
26 O1 ? G CPH . ? A CPH 106 ? 1_555 CO ? H CO . ? A CO 107 ? 1_555 O  ? M HOH . ? B HOH 208 ? 1_555 165.4 ? 
27 O9 ? G CPH . ? A CPH 106 ? 1_555 CO ? H CO . ? A CO 107 ? 1_555 O  ? M HOH . ? B HOH 208 ? 1_555 86.0  ? 
28 O  ? L HOH . ? A HOH 202 ? 1_555 CO ? H CO . ? A CO 107 ? 1_555 O  ? M HOH . ? B HOH 208 ? 1_555 93.1  ? 
29 O9 ? J CPH . ? B CPH 103 ? 1_555 CO ? H CO . ? A CO 107 ? 1_555 O  ? M HOH . ? B HOH 208 ? 1_555 95.4  ? 
30 O1 ? J CPH . ? B CPH 103 ? 1_555 CO ? H CO . ? A CO 107 ? 1_555 O  ? M HOH . ? B HOH 208 ? 1_555 91.6  ? 
31 N7 ? B DG  7 ? B DG  18  ? 1_555 CO ? K CO . ? B CO 107 ? 1_555 O  ? M HOH . ? B HOH 202 ? 1_555 95.8  ? 
32 N7 ? B DG  7 ? B DG  18  ? 1_555 CO ? K CO . ? B CO 107 ? 1_555 O  ? M HOH . ? B HOH 206 ? 1_555 93.1  ? 
33 O  ? M HOH . ? B HOH 202 ? 1_555 CO ? K CO . ? B CO 107 ? 1_555 O  ? M HOH . ? B HOH 206 ? 1_555 88.8  ? 
34 N7 ? B DG  7 ? B DG  18  ? 1_555 CO ? K CO . ? B CO 107 ? 1_555 O  ? M HOH . ? B HOH 216 ? 1_555 88.7  ? 
35 O  ? M HOH . ? B HOH 202 ? 1_555 CO ? K CO . ? B CO 107 ? 1_555 O  ? M HOH . ? B HOH 216 ? 1_555 175.4 ? 
36 O  ? M HOH . ? B HOH 206 ? 1_555 CO ? K CO . ? B CO 107 ? 1_555 O  ? M HOH . ? B HOH 216 ? 1_555 91.3  ? 
37 N7 ? B DG  7 ? B DG  18  ? 1_555 CO ? K CO . ? B CO 107 ? 1_555 O  ? M HOH . ? B HOH 220 ? 1_555 92.4  ? 
38 O  ? M HOH . ? B HOH 202 ? 1_555 CO ? K CO . ? B CO 107 ? 1_555 O  ? M HOH . ? B HOH 220 ? 1_555 90.2  ? 
39 O  ? M HOH . ? B HOH 206 ? 1_555 CO ? K CO . ? B CO 107 ? 1_555 O  ? M HOH . ? B HOH 220 ? 1_555 174.5 ? 
40 O  ? M HOH . ? B HOH 216 ? 1_555 CO ? K CO . ? B CO 107 ? 1_555 O  ? M HOH . ? B HOH 220 ? 1_555 89.3  ? 
41 N7 ? B DG  7 ? B DG  18  ? 1_555 CO ? K CO . ? B CO 107 ? 1_555 O  ? M HOH . ? B HOH 235 ? 1_555 175.8 ? 
42 O  ? M HOH . ? B HOH 202 ? 1_555 CO ? K CO . ? B CO 107 ? 1_555 O  ? M HOH . ? B HOH 235 ? 1_555 88.2  ? 
43 O  ? M HOH . ? B HOH 206 ? 1_555 CO ? K CO . ? B CO 107 ? 1_555 O  ? M HOH . ? B HOH 235 ? 1_555 88.1  ? 
44 O  ? M HOH . ? B HOH 216 ? 1_555 CO ? K CO . ? B CO 107 ? 1_555 O  ? M HOH . ? B HOH 235 ? 1_555 87.2  ? 
45 O  ? M HOH . ? B HOH 220 ? 1_555 CO ? K CO . ? B CO 107 ? 1_555 O  ? M HOH . ? B HOH 235 ? 1_555 86.5  ? 
# 
_pdbx_validate_close_contact.id               1 
_pdbx_validate_close_contact.PDB_model_num    1 
_pdbx_validate_close_contact.auth_atom_id_1   C4 
_pdbx_validate_close_contact.auth_asym_id_1   F 
_pdbx_validate_close_contact.auth_comp_id_1   CDR 
_pdbx_validate_close_contact.auth_seq_id_1    2 
_pdbx_validate_close_contact.PDB_ins_code_1   ? 
_pdbx_validate_close_contact.label_alt_id_1   ? 
_pdbx_validate_close_contact.auth_atom_id_2   O1 
_pdbx_validate_close_contact.auth_asym_id_2   F 
_pdbx_validate_close_contact.auth_comp_id_2   ERI 
_pdbx_validate_close_contact.auth_seq_id_2    3 
_pdbx_validate_close_contact.PDB_ins_code_2   ? 
_pdbx_validate_close_contact.label_alt_id_2   ? 
_pdbx_validate_close_contact.dist             2.16 
# 
loop_
_space_group_symop.id 
_space_group_symop.operation_xyz 
1 x,y,z         
2 -y,x-y,z+2/3  
3 -x+y,-x,z+1/3 
4 -y,-x,-z+1/3  
5 -x+y,y,-z+2/3 
6 x,x-y,-z      
# 
loop_
_pdbx_refine_tls.pdbx_refine_id 
_pdbx_refine_tls.id 
_pdbx_refine_tls.details 
_pdbx_refine_tls.method 
_pdbx_refine_tls.origin_x 
_pdbx_refine_tls.origin_y 
_pdbx_refine_tls.origin_z 
_pdbx_refine_tls.T[1][1] 
_pdbx_refine_tls.T[2][2] 
_pdbx_refine_tls.T[3][3] 
_pdbx_refine_tls.T[1][2] 
_pdbx_refine_tls.T[1][3] 
_pdbx_refine_tls.T[2][3] 
_pdbx_refine_tls.L[1][1] 
_pdbx_refine_tls.L[2][2] 
_pdbx_refine_tls.L[3][3] 
_pdbx_refine_tls.L[1][2] 
_pdbx_refine_tls.L[1][3] 
_pdbx_refine_tls.L[2][3] 
_pdbx_refine_tls.S[1][1] 
_pdbx_refine_tls.S[2][2] 
_pdbx_refine_tls.S[3][3] 
_pdbx_refine_tls.S[1][2] 
_pdbx_refine_tls.S[1][3] 
_pdbx_refine_tls.S[2][3] 
_pdbx_refine_tls.S[2][1] 
_pdbx_refine_tls.S[3][1] 
_pdbx_refine_tls.S[3][2] 
'X-RAY DIFFRACTION' 1 ? refined -5.0951 1.9111 -0.2234 0.2424 0.2921 0.3806 0.0028 0.0252 0.0294  10.6477 4.0233 4.4234 0.4238 0.5576  -0.1702 -0.1852 0.1701 -0.1248 0.2450 1.4992 0.1099 -0.2405 -0.2428 0.3262  
'X-RAY DIFFRACTION' 2 ? refined 4.7652  2.7088 -0.3433 0.2324 0.3137 0.3798 0.0012 0.0263 -0.0128 9.8031  3.9519 4.3054 0.4663 -0.0584 -0.6765 -0.1981 0.2692 0.0452  0.3241 1.3252 0.0469 0.3045  -0.2168 -0.2806 
# 
loop_
_pdbx_refine_tls_group.pdbx_refine_id 
_pdbx_refine_tls_group.id 
_pdbx_refine_tls_group.refine_tls_id 
_pdbx_refine_tls_group.beg_auth_asym_id 
_pdbx_refine_tls_group.beg_auth_seq_id 
_pdbx_refine_tls_group.end_auth_asym_id 
_pdbx_refine_tls_group.end_auth_seq_id 
_pdbx_refine_tls_group.selection_details 
_pdbx_refine_tls_group.beg_label_asym_id 
_pdbx_refine_tls_group.beg_label_seq_id 
_pdbx_refine_tls_group.end_label_asym_id 
_pdbx_refine_tls_group.end_label_seq_id 
_pdbx_refine_tls_group.selection 
'X-RAY DIFFRACTION' 1 1 A 1  A 11 
;chain 'A' and (resid 1 through 11 )
;
? ? ? ? ? 
'X-RAY DIFFRACTION' 2 2 B 12 B 22 
;chain 'B' and (resid 12 through 22 )
;
? ? ? ? ? 
# 
loop_
_pdbx_distant_solvent_atoms.id 
_pdbx_distant_solvent_atoms.PDB_model_num 
_pdbx_distant_solvent_atoms.auth_atom_id 
_pdbx_distant_solvent_atoms.label_alt_id 
_pdbx_distant_solvent_atoms.auth_asym_id 
_pdbx_distant_solvent_atoms.auth_comp_id 
_pdbx_distant_solvent_atoms.auth_seq_id 
_pdbx_distant_solvent_atoms.PDB_ins_code 
_pdbx_distant_solvent_atoms.neighbor_macromolecule_distance 
_pdbx_distant_solvent_atoms.neighbor_ligand_distance 
1 1 O ? A HOH 236 ? . 6.65 
2 1 O ? A HOH 237 ? . 8.48 
# 
loop_
_pdbx_unobs_or_zero_occ_residues.id 
_pdbx_unobs_or_zero_occ_residues.PDB_model_num 
_pdbx_unobs_or_zero_occ_residues.polymer_flag 
_pdbx_unobs_or_zero_occ_residues.occupancy_flag 
_pdbx_unobs_or_zero_occ_residues.auth_asym_id 
_pdbx_unobs_or_zero_occ_residues.auth_comp_id 
_pdbx_unobs_or_zero_occ_residues.auth_seq_id 
_pdbx_unobs_or_zero_occ_residues.PDB_ins_code 
_pdbx_unobs_or_zero_occ_residues.label_asym_id 
_pdbx_unobs_or_zero_occ_residues.label_comp_id 
_pdbx_unobs_or_zero_occ_residues.label_seq_id 
1 1 Y 1 A DC 2  ? A DC 2 
2 1 Y 1 B DC 13 ? B DC 2 
# 
loop_
_chem_comp_atom.comp_id 
_chem_comp_atom.atom_id 
_chem_comp_atom.type_symbol 
_chem_comp_atom.pdbx_aromatic_flag 
_chem_comp_atom.pdbx_stereo_config 
_chem_comp_atom.pdbx_ordinal 
1GL O1     O  N N 1   
1GL C1     C  N S 2   
1GL C2     C  N N 3   
1GL C3     C  N R 4   
1GL O3     O  N N 5   
1GL C4     C  N R 6   
1GL O4     O  N N 7   
1GL CME    C  N N 8   
1GL C5     C  N R 9   
1GL O5     O  N N 10  
1GL C6     C  N N 11  
1GL HO1    H  N N 12  
1GL H1     H  N N 13  
1GL H2     H  N N 14  
1GL H22    H  N N 15  
1GL H3     H  N N 16  
1GL HO3    H  N N 17  
1GL H4     H  N N 18  
1GL HM41   H  N N 19  
1GL HM42   H  N N 20  
1GL HM43   H  N N 21  
1GL H5     H  N N 22  
1GL H61    H  N N 23  
1GL H62    H  N N 24  
1GL H63    H  N N 25  
ARI O1     O  N N 26  
ARI C1     C  N R 27  
ARI C2     C  N N 28  
ARI C3     C  N N 29  
ARI C4     C  N R 30  
ARI O4     O  N N 31  
ARI CME    C  N N 32  
ARI CO4    C  N N 33  
ARI OC4    O  N N 34  
ARI C5     C  N R 35  
ARI O5     O  N N 36  
ARI C6     C  N N 37  
ARI HO1    H  N N 38  
ARI H1     H  N N 39  
ARI H2     H  N N 40  
ARI H22    H  N N 41  
ARI H3     H  N N 42  
ARI H32    H  N N 43  
ARI H4     H  N N 44  
ARI H41    H  N N 45  
ARI H42    H  N N 46  
ARI H43    H  N N 47  
ARI H5     H  N N 48  
ARI H61    H  N N 49  
ARI H62    H  N N 50  
ARI H63    H  N N 51  
CDR O1     O  N N 52  
CDR C1     C  N R 53  
CDR C2     C  N N 54  
CDR C3     C  N N 55  
CDR C4     C  N S 56  
CDR O4     O  N N 57  
CDR C5     C  N R 58  
CDR O5     O  N N 59  
CDR C6     C  N N 60  
CDR HO1    H  N N 61  
CDR H1     H  N N 62  
CDR H2     H  N N 63  
CDR H22    H  N N 64  
CDR H3     H  N N 65  
CDR H32    H  N N 66  
CDR H4     H  N N 67  
CDR HO4    H  N N 68  
CDR H5     H  N N 69  
CDR H61    H  N N 70  
CDR H62    H  N N 71  
CDR H63    H  N N 72  
CO  CO     CO N N 73  
CPH C1     C  N N 74  
CPH O1     O  N N 75  
CPH C2     C  N S 76  
CPH C3     C  N R 77  
CPH C4     C  N N 78  
CPH C5     C  Y N 79  
CPH C6     C  Y N 80  
CPH C7     C  Y N 81  
CPH C8     C  Y N 82  
CPH O8     O  N N 83  
CPH C9     C  Y N 84  
CPH O9     O  N N 85  
CPH "C1'"  C  N S 86  
CPH "O1'"  O  N N 87  
CPH C10    C  Y N 88  
CPH "C2'"  C  N N 89  
CPH "O2'"  O  N N 90  
CPH "C3'"  C  N S 91  
CPH "O3'"  O  N N 92  
CPH "C4'"  C  N R 93  
CPH "O4'"  O  N N 94  
CPH C4A    C  Y N 95  
CPH "C5'"  C  N N 96  
CPH C5A    C  Y N 97  
CPH C8A    C  Y N 98  
CPH C9A    C  Y N 99  
CPH CC7    C  N N 100 
CPH O6     O  N N 101 
CPH O2     O  N N 102 
CPH CME    C  N N 103 
CPH H2     H  N N 104 
CPH H3     H  N N 105 
CPH H4     H  N N 106 
CPH H4A    H  N N 107 
CPH H5     H  N N 108 
CPH HO8    H  N N 109 
CPH HO9    H  N N 110 
CPH "H1'"  H  N N 111 
CPH H10    H  N N 112 
CPH "H3'"  H  N N 113 
CPH "HO3'" H  N N 114 
CPH "H4'"  H  N N 115 
CPH "HO4'" H  N N 116 
CPH "H5'"  H  N N 117 
CPH "H5'A" H  N N 118 
CPH "H5'B" H  N N 119 
CPH HC7    H  N N 120 
CPH HC7A   H  N N 121 
CPH HC7B   H  N N 122 
CPH HO6    H  N N 123 
CPH HO2    H  N N 124 
CPH HME    H  N N 125 
CPH HMEA   H  N N 126 
CPH HMEB   H  N N 127 
DA  OP3    O  N N 128 
DA  P      P  N N 129 
DA  OP1    O  N N 130 
DA  OP2    O  N N 131 
DA  "O5'"  O  N N 132 
DA  "C5'"  C  N N 133 
DA  "C4'"  C  N R 134 
DA  "O4'"  O  N N 135 
DA  "C3'"  C  N S 136 
DA  "O3'"  O  N N 137 
DA  "C2'"  C  N N 138 
DA  "C1'"  C  N R 139 
DA  N9     N  Y N 140 
DA  C8     C  Y N 141 
DA  N7     N  Y N 142 
DA  C5     C  Y N 143 
DA  C6     C  Y N 144 
DA  N6     N  N N 145 
DA  N1     N  Y N 146 
DA  C2     C  Y N 147 
DA  N3     N  Y N 148 
DA  C4     C  Y N 149 
DA  HOP3   H  N N 150 
DA  HOP2   H  N N 151 
DA  "H5'"  H  N N 152 
DA  "H5''" H  N N 153 
DA  "H4'"  H  N N 154 
DA  "H3'"  H  N N 155 
DA  "HO3'" H  N N 156 
DA  "H2'"  H  N N 157 
DA  "H2''" H  N N 158 
DA  "H1'"  H  N N 159 
DA  H8     H  N N 160 
DA  H61    H  N N 161 
DA  H62    H  N N 162 
DA  H2     H  N N 163 
DC  OP3    O  N N 164 
DC  P      P  N N 165 
DC  OP1    O  N N 166 
DC  OP2    O  N N 167 
DC  "O5'"  O  N N 168 
DC  "C5'"  C  N N 169 
DC  "C4'"  C  N R 170 
DC  "O4'"  O  N N 171 
DC  "C3'"  C  N S 172 
DC  "O3'"  O  N N 173 
DC  "C2'"  C  N N 174 
DC  "C1'"  C  N R 175 
DC  N1     N  N N 176 
DC  C2     C  N N 177 
DC  O2     O  N N 178 
DC  N3     N  N N 179 
DC  C4     C  N N 180 
DC  N4     N  N N 181 
DC  C5     C  N N 182 
DC  C6     C  N N 183 
DC  HOP3   H  N N 184 
DC  HOP2   H  N N 185 
DC  "H5'"  H  N N 186 
DC  "H5''" H  N N 187 
DC  "H4'"  H  N N 188 
DC  "H3'"  H  N N 189 
DC  "HO3'" H  N N 190 
DC  "H2'"  H  N N 191 
DC  "H2''" H  N N 192 
DC  "H1'"  H  N N 193 
DC  H41    H  N N 194 
DC  H42    H  N N 195 
DC  H5     H  N N 196 
DC  H6     H  N N 197 
DG  OP3    O  N N 198 
DG  P      P  N N 199 
DG  OP1    O  N N 200 
DG  OP2    O  N N 201 
DG  "O5'"  O  N N 202 
DG  "C5'"  C  N N 203 
DG  "C4'"  C  N R 204 
DG  "O4'"  O  N N 205 
DG  "C3'"  C  N S 206 
DG  "O3'"  O  N N 207 
DG  "C2'"  C  N N 208 
DG  "C1'"  C  N R 209 
DG  N9     N  Y N 210 
DG  C8     C  Y N 211 
DG  N7     N  Y N 212 
DG  C5     C  Y N 213 
DG  C6     C  N N 214 
DG  O6     O  N N 215 
DG  N1     N  N N 216 
DG  C2     C  N N 217 
DG  N2     N  N N 218 
DG  N3     N  N N 219 
DG  C4     C  Y N 220 
DG  HOP3   H  N N 221 
DG  HOP2   H  N N 222 
DG  "H5'"  H  N N 223 
DG  "H5''" H  N N 224 
DG  "H4'"  H  N N 225 
DG  "H3'"  H  N N 226 
DG  "HO3'" H  N N 227 
DG  "H2'"  H  N N 228 
DG  "H2''" H  N N 229 
DG  "H1'"  H  N N 230 
DG  H8     H  N N 231 
DG  H1     H  N N 232 
DG  H21    H  N N 233 
DG  H22    H  N N 234 
DT  OP3    O  N N 235 
DT  P      P  N N 236 
DT  OP1    O  N N 237 
DT  OP2    O  N N 238 
DT  "O5'"  O  N N 239 
DT  "C5'"  C  N N 240 
DT  "C4'"  C  N R 241 
DT  "O4'"  O  N N 242 
DT  "C3'"  C  N S 243 
DT  "O3'"  O  N N 244 
DT  "C2'"  C  N N 245 
DT  "C1'"  C  N R 246 
DT  N1     N  N N 247 
DT  C2     C  N N 248 
DT  O2     O  N N 249 
DT  N3     N  N N 250 
DT  C4     C  N N 251 
DT  O4     O  N N 252 
DT  C5     C  N N 253 
DT  C7     C  N N 254 
DT  C6     C  N N 255 
DT  HOP3   H  N N 256 
DT  HOP2   H  N N 257 
DT  "H5'"  H  N N 258 
DT  "H5''" H  N N 259 
DT  "H4'"  H  N N 260 
DT  "H3'"  H  N N 261 
DT  "HO3'" H  N N 262 
DT  "H2'"  H  N N 263 
DT  "H2''" H  N N 264 
DT  "H1'"  H  N N 265 
DT  H3     H  N N 266 
DT  H71    H  N N 267 
DT  H72    H  N N 268 
DT  H73    H  N N 269 
DT  H6     H  N N 270 
ERI O1     O  N N 271 
ERI C1     C  N R 272 
ERI C2     C  N N 273 
ERI C3     C  N S 274 
ERI O3     O  N N 275 
ERI CC3    C  N N 276 
ERI C4     C  N S 277 
ERI O4     O  N N 278 
ERI CME    C  N N 279 
ERI CO4    C  N N 280 
ERI OC4    O  N N 281 
ERI C5     C  N S 282 
ERI O5     O  N N 283 
ERI C6     C  N N 284 
ERI HO1    H  N N 285 
ERI H1     H  N N 286 
ERI H21    H  N N 287 
ERI H22    H  N N 288 
ERI HO3    H  N N 289 
ERI H31    H  N N 290 
ERI H32    H  N N 291 
ERI H33    H  N N 292 
ERI H4     H  N N 293 
ERI H41    H  N N 294 
ERI H42    H  N N 295 
ERI H43    H  N N 296 
ERI H5     H  N N 297 
ERI H61    H  N N 298 
ERI H62    H  N N 299 
ERI H63    H  N N 300 
HOH O      O  N N 301 
HOH H1     H  N N 302 
HOH H2     H  N N 303 
# 
loop_
_chem_comp_bond.comp_id 
_chem_comp_bond.atom_id_1 
_chem_comp_bond.atom_id_2 
_chem_comp_bond.value_order 
_chem_comp_bond.pdbx_aromatic_flag 
_chem_comp_bond.pdbx_stereo_config 
_chem_comp_bond.pdbx_ordinal 
1GL O1    C1     sing N N 1   
1GL O1    HO1    sing N N 2   
1GL C1    C2     sing N N 3   
1GL C1    O5     sing N N 4   
1GL C1    H1     sing N N 5   
1GL C2    C3     sing N N 6   
1GL C2    H2     sing N N 7   
1GL C2    H22    sing N N 8   
1GL C3    O3     sing N N 9   
1GL C3    C4     sing N N 10  
1GL C3    H3     sing N N 11  
1GL O3    HO3    sing N N 12  
1GL C4    O4     sing N N 13  
1GL C4    C5     sing N N 14  
1GL C4    H4     sing N N 15  
1GL O4    CME    sing N N 16  
1GL CME   HM41   sing N N 17  
1GL CME   HM42   sing N N 18  
1GL CME   HM43   sing N N 19  
1GL C5    O5     sing N N 20  
1GL C5    C6     sing N N 21  
1GL C5    H5     sing N N 22  
1GL C6    H61    sing N N 23  
1GL C6    H62    sing N N 24  
1GL C6    H63    sing N N 25  
ARI O1    C1     sing N N 26  
ARI O1    HO1    sing N N 27  
ARI C1    C2     sing N N 28  
ARI C1    O5     sing N N 29  
ARI C1    H1     sing N N 30  
ARI C2    C3     sing N N 31  
ARI C2    H2     sing N N 32  
ARI C2    H22    sing N N 33  
ARI C3    C4     sing N N 34  
ARI C3    H3     sing N N 35  
ARI C3    H32    sing N N 36  
ARI C4    O4     sing N N 37  
ARI C4    C5     sing N N 38  
ARI C4    H4     sing N N 39  
ARI O4    CO4    sing N N 40  
ARI CME   CO4    sing N N 41  
ARI CME   H41    sing N N 42  
ARI CME   H42    sing N N 43  
ARI CME   H43    sing N N 44  
ARI CO4   OC4    doub N N 45  
ARI C5    O5     sing N N 46  
ARI C5    C6     sing N N 47  
ARI C5    H5     sing N N 48  
ARI C6    H61    sing N N 49  
ARI C6    H62    sing N N 50  
ARI C6    H63    sing N N 51  
CDR O1    C1     sing N N 52  
CDR O1    HO1    sing N N 53  
CDR C1    C2     sing N N 54  
CDR C1    O5     sing N N 55  
CDR C1    H1     sing N N 56  
CDR C2    C3     sing N N 57  
CDR C2    H2     sing N N 58  
CDR C2    H22    sing N N 59  
CDR C3    C4     sing N N 60  
CDR C3    H3     sing N N 61  
CDR C3    H32    sing N N 62  
CDR C4    O4     sing N N 63  
CDR C4    C5     sing N N 64  
CDR C4    H4     sing N N 65  
CDR O4    HO4    sing N N 66  
CDR C5    O5     sing N N 67  
CDR C5    C6     sing N N 68  
CDR C5    H5     sing N N 69  
CDR C6    H61    sing N N 70  
CDR C6    H62    sing N N 71  
CDR C6    H63    sing N N 72  
CPH O1    C1     doub N N 73  
CPH C9A   C1     sing N N 74  
CPH C1    C2     sing N N 75  
CPH C2    O2     sing N N 76  
CPH C2    C3     sing N N 77  
CPH C2    H2     sing N N 78  
CPH C3    C4     sing N N 79  
CPH C3    "C1'"  sing N N 80  
CPH C3    H3     sing N N 81  
CPH C4A   C4     sing N N 82  
CPH C4    H4     sing N N 83  
CPH C4    H4A    sing N N 84  
CPH C6    C5     doub Y N 85  
CPH C5    C5A    sing Y N 86  
CPH C5    H5     sing N N 87  
CPH C7    C6     sing Y N 88  
CPH O6    C6     sing N N 89  
CPH CC7   C7     sing N N 90  
CPH C7    C8     doub Y N 91  
CPH O8    C8     sing N N 92  
CPH C8    C8A    sing Y N 93  
CPH O8    HO8    sing N N 94  
CPH O9    C9     sing N N 95  
CPH C8A   C9     doub Y N 96  
CPH C9    C9A    sing Y N 97  
CPH O9    HO9    sing N N 98  
CPH "C2'" "C1'"  sing N N 99  
CPH "C1'" "O1'"  sing N N 100 
CPH "C1'" "H1'"  sing N N 101 
CPH "O1'" CME    sing N N 102 
CPH C5A   C10    doub Y N 103 
CPH C10   C4A    sing Y N 104 
CPH C10   H10    sing N N 105 
CPH "O2'" "C2'"  doub N N 106 
CPH "C2'" "C3'"  sing N N 107 
CPH "O3'" "C3'"  sing N N 108 
CPH "C3'" "C4'"  sing N N 109 
CPH "C3'" "H3'"  sing N N 110 
CPH "O3'" "HO3'" sing N N 111 
CPH "O4'" "C4'"  sing N N 112 
CPH "C4'" "C5'"  sing N N 113 
CPH "C4'" "H4'"  sing N N 114 
CPH "O4'" "HO4'" sing N N 115 
CPH C9A   C4A    doub Y N 116 
CPH "C5'" "H5'"  sing N N 117 
CPH "C5'" "H5'A" sing N N 118 
CPH "C5'" "H5'B" sing N N 119 
CPH C8A   C5A    sing Y N 120 
CPH CC7   HC7    sing N N 121 
CPH CC7   HC7A   sing N N 122 
CPH CC7   HC7B   sing N N 123 
CPH O6    HO6    sing N N 124 
CPH O2    HO2    sing N N 125 
CPH CME   HME    sing N N 126 
CPH CME   HMEA   sing N N 127 
CPH CME   HMEB   sing N N 128 
DA  OP3   P      sing N N 129 
DA  OP3   HOP3   sing N N 130 
DA  P     OP1    doub N N 131 
DA  P     OP2    sing N N 132 
DA  P     "O5'"  sing N N 133 
DA  OP2   HOP2   sing N N 134 
DA  "O5'" "C5'"  sing N N 135 
DA  "C5'" "C4'"  sing N N 136 
DA  "C5'" "H5'"  sing N N 137 
DA  "C5'" "H5''" sing N N 138 
DA  "C4'" "O4'"  sing N N 139 
DA  "C4'" "C3'"  sing N N 140 
DA  "C4'" "H4'"  sing N N 141 
DA  "O4'" "C1'"  sing N N 142 
DA  "C3'" "O3'"  sing N N 143 
DA  "C3'" "C2'"  sing N N 144 
DA  "C3'" "H3'"  sing N N 145 
DA  "O3'" "HO3'" sing N N 146 
DA  "C2'" "C1'"  sing N N 147 
DA  "C2'" "H2'"  sing N N 148 
DA  "C2'" "H2''" sing N N 149 
DA  "C1'" N9     sing N N 150 
DA  "C1'" "H1'"  sing N N 151 
DA  N9    C8     sing Y N 152 
DA  N9    C4     sing Y N 153 
DA  C8    N7     doub Y N 154 
DA  C8    H8     sing N N 155 
DA  N7    C5     sing Y N 156 
DA  C5    C6     sing Y N 157 
DA  C5    C4     doub Y N 158 
DA  C6    N6     sing N N 159 
DA  C6    N1     doub Y N 160 
DA  N6    H61    sing N N 161 
DA  N6    H62    sing N N 162 
DA  N1    C2     sing Y N 163 
DA  C2    N3     doub Y N 164 
DA  C2    H2     sing N N 165 
DA  N3    C4     sing Y N 166 
DC  OP3   P      sing N N 167 
DC  OP3   HOP3   sing N N 168 
DC  P     OP1    doub N N 169 
DC  P     OP2    sing N N 170 
DC  P     "O5'"  sing N N 171 
DC  OP2   HOP2   sing N N 172 
DC  "O5'" "C5'"  sing N N 173 
DC  "C5'" "C4'"  sing N N 174 
DC  "C5'" "H5'"  sing N N 175 
DC  "C5'" "H5''" sing N N 176 
DC  "C4'" "O4'"  sing N N 177 
DC  "C4'" "C3'"  sing N N 178 
DC  "C4'" "H4'"  sing N N 179 
DC  "O4'" "C1'"  sing N N 180 
DC  "C3'" "O3'"  sing N N 181 
DC  "C3'" "C2'"  sing N N 182 
DC  "C3'" "H3'"  sing N N 183 
DC  "O3'" "HO3'" sing N N 184 
DC  "C2'" "C1'"  sing N N 185 
DC  "C2'" "H2'"  sing N N 186 
DC  "C2'" "H2''" sing N N 187 
DC  "C1'" N1     sing N N 188 
DC  "C1'" "H1'"  sing N N 189 
DC  N1    C2     sing N N 190 
DC  N1    C6     sing N N 191 
DC  C2    O2     doub N N 192 
DC  C2    N3     sing N N 193 
DC  N3    C4     doub N N 194 
DC  C4    N4     sing N N 195 
DC  C4    C5     sing N N 196 
DC  N4    H41    sing N N 197 
DC  N4    H42    sing N N 198 
DC  C5    C6     doub N N 199 
DC  C5    H5     sing N N 200 
DC  C6    H6     sing N N 201 
DG  OP3   P      sing N N 202 
DG  OP3   HOP3   sing N N 203 
DG  P     OP1    doub N N 204 
DG  P     OP2    sing N N 205 
DG  P     "O5'"  sing N N 206 
DG  OP2   HOP2   sing N N 207 
DG  "O5'" "C5'"  sing N N 208 
DG  "C5'" "C4'"  sing N N 209 
DG  "C5'" "H5'"  sing N N 210 
DG  "C5'" "H5''" sing N N 211 
DG  "C4'" "O4'"  sing N N 212 
DG  "C4'" "C3'"  sing N N 213 
DG  "C4'" "H4'"  sing N N 214 
DG  "O4'" "C1'"  sing N N 215 
DG  "C3'" "O3'"  sing N N 216 
DG  "C3'" "C2'"  sing N N 217 
DG  "C3'" "H3'"  sing N N 218 
DG  "O3'" "HO3'" sing N N 219 
DG  "C2'" "C1'"  sing N N 220 
DG  "C2'" "H2'"  sing N N 221 
DG  "C2'" "H2''" sing N N 222 
DG  "C1'" N9     sing N N 223 
DG  "C1'" "H1'"  sing N N 224 
DG  N9    C8     sing Y N 225 
DG  N9    C4     sing Y N 226 
DG  C8    N7     doub Y N 227 
DG  C8    H8     sing N N 228 
DG  N7    C5     sing Y N 229 
DG  C5    C6     sing N N 230 
DG  C5    C4     doub Y N 231 
DG  C6    O6     doub N N 232 
DG  C6    N1     sing N N 233 
DG  N1    C2     sing N N 234 
DG  N1    H1     sing N N 235 
DG  C2    N2     sing N N 236 
DG  C2    N3     doub N N 237 
DG  N2    H21    sing N N 238 
DG  N2    H22    sing N N 239 
DG  N3    C4     sing N N 240 
DT  OP3   P      sing N N 241 
DT  OP3   HOP3   sing N N 242 
DT  P     OP1    doub N N 243 
DT  P     OP2    sing N N 244 
DT  P     "O5'"  sing N N 245 
DT  OP2   HOP2   sing N N 246 
DT  "O5'" "C5'"  sing N N 247 
DT  "C5'" "C4'"  sing N N 248 
DT  "C5'" "H5'"  sing N N 249 
DT  "C5'" "H5''" sing N N 250 
DT  "C4'" "O4'"  sing N N 251 
DT  "C4'" "C3'"  sing N N 252 
DT  "C4'" "H4'"  sing N N 253 
DT  "O4'" "C1'"  sing N N 254 
DT  "C3'" "O3'"  sing N N 255 
DT  "C3'" "C2'"  sing N N 256 
DT  "C3'" "H3'"  sing N N 257 
DT  "O3'" "HO3'" sing N N 258 
DT  "C2'" "C1'"  sing N N 259 
DT  "C2'" "H2'"  sing N N 260 
DT  "C2'" "H2''" sing N N 261 
DT  "C1'" N1     sing N N 262 
DT  "C1'" "H1'"  sing N N 263 
DT  N1    C2     sing N N 264 
DT  N1    C6     sing N N 265 
DT  C2    O2     doub N N 266 
DT  C2    N3     sing N N 267 
DT  N3    C4     sing N N 268 
DT  N3    H3     sing N N 269 
DT  C4    O4     doub N N 270 
DT  C4    C5     sing N N 271 
DT  C5    C7     sing N N 272 
DT  C5    C6     doub N N 273 
DT  C7    H71    sing N N 274 
DT  C7    H72    sing N N 275 
DT  C7    H73    sing N N 276 
DT  C6    H6     sing N N 277 
ERI O1    C1     sing N N 278 
ERI O1    HO1    sing N N 279 
ERI C1    C2     sing N N 280 
ERI C1    O5     sing N N 281 
ERI C1    H1     sing N N 282 
ERI C2    C3     sing N N 283 
ERI C2    H21    sing N N 284 
ERI C2    H22    sing N N 285 
ERI C3    O3     sing N N 286 
ERI C3    CC3    sing N N 287 
ERI C3    C4     sing N N 288 
ERI O3    HO3    sing N N 289 
ERI CC3   H31    sing N N 290 
ERI CC3   H32    sing N N 291 
ERI CC3   H33    sing N N 292 
ERI C4    O4     sing N N 293 
ERI C4    C5     sing N N 294 
ERI C4    H4     sing N N 295 
ERI O4    CO4    sing N N 296 
ERI CME   CO4    sing N N 297 
ERI CME   H41    sing N N 298 
ERI CME   H42    sing N N 299 
ERI CME   H43    sing N N 300 
ERI CO4   OC4    doub N N 301 
ERI C5    O5     sing N N 302 
ERI C5    C6     sing N N 303 
ERI C5    H5     sing N N 304 
ERI C6    H61    sing N N 305 
ERI C6    H62    sing N N 306 
ERI C6    H63    sing N N 307 
HOH O     H1     sing N N 308 
HOH O     H2     sing N N 309 
# 
_ndb_struct_conf_na.entry_id   5YZE 
_ndb_struct_conf_na.feature    'a-form double helix' 
# 
loop_
_ndb_struct_na_base_pair.model_number 
_ndb_struct_na_base_pair.i_label_asym_id 
_ndb_struct_na_base_pair.i_label_comp_id 
_ndb_struct_na_base_pair.i_label_seq_id 
_ndb_struct_na_base_pair.i_symmetry 
_ndb_struct_na_base_pair.j_label_asym_id 
_ndb_struct_na_base_pair.j_label_comp_id 
_ndb_struct_na_base_pair.j_label_seq_id 
_ndb_struct_na_base_pair.j_symmetry 
_ndb_struct_na_base_pair.shear 
_ndb_struct_na_base_pair.stretch 
_ndb_struct_na_base_pair.stagger 
_ndb_struct_na_base_pair.buckle 
_ndb_struct_na_base_pair.propeller 
_ndb_struct_na_base_pair.opening 
_ndb_struct_na_base_pair.pair_number 
_ndb_struct_na_base_pair.pair_name 
_ndb_struct_na_base_pair.i_auth_asym_id 
_ndb_struct_na_base_pair.i_auth_seq_id 
_ndb_struct_na_base_pair.i_PDB_ins_code 
_ndb_struct_na_base_pair.j_auth_asym_id 
_ndb_struct_na_base_pair.j_auth_seq_id 
_ndb_struct_na_base_pair.j_PDB_ins_code 
_ndb_struct_na_base_pair.hbond_type_28 
_ndb_struct_na_base_pair.hbond_type_12 
1 A DC 3  1_555 B DG 10 1_555 0.046  -0.133 0.251  2.448  -12.458 -1.906 1 A_DC3:DG21_B  A 3  ? B 21 ? 19 1 
1 A DG 4  1_555 B DC 9  1_555 -0.141 -0.167 -0.020 -1.984 -11.822 1.051  2 A_DG4:DC20_B  A 4  ? B 20 ? 19 1 
1 A DG 7  1_555 B DC 8  1_555 -0.466 -0.182 0.196  1.148  -10.009 0.496  3 A_DG7:DC19_B  A 7  ? B 19 ? 19 1 
1 A DC 8  1_555 B DG 7  1_555 0.401  -0.219 0.242  -1.407 -9.769  0.062  4 A_DC8:DG18_B  A 8  ? B 18 ? 19 1 
1 A DC 9  1_555 B DG 4  1_555 0.066  -0.224 -0.049 2.249  -13.059 0.484  5 A_DC9:DG15_B  A 9  ? B 15 ? 19 1 
1 A DG 10 1_555 B DC 3  1_555 -0.322 -0.062 0.241  -5.685 -17.482 2.767  6 A_DG10:DC14_B A 10 ? B 14 ? 19 1 
# 
loop_
_ndb_struct_na_base_pair_step.model_number 
_ndb_struct_na_base_pair_step.i_label_asym_id_1 
_ndb_struct_na_base_pair_step.i_label_comp_id_1 
_ndb_struct_na_base_pair_step.i_label_seq_id_1 
_ndb_struct_na_base_pair_step.i_symmetry_1 
_ndb_struct_na_base_pair_step.j_label_asym_id_1 
_ndb_struct_na_base_pair_step.j_label_comp_id_1 
_ndb_struct_na_base_pair_step.j_label_seq_id_1 
_ndb_struct_na_base_pair_step.j_symmetry_1 
_ndb_struct_na_base_pair_step.i_label_asym_id_2 
_ndb_struct_na_base_pair_step.i_label_comp_id_2 
_ndb_struct_na_base_pair_step.i_label_seq_id_2 
_ndb_struct_na_base_pair_step.i_symmetry_2 
_ndb_struct_na_base_pair_step.j_label_asym_id_2 
_ndb_struct_na_base_pair_step.j_label_comp_id_2 
_ndb_struct_na_base_pair_step.j_label_seq_id_2 
_ndb_struct_na_base_pair_step.j_symmetry_2 
_ndb_struct_na_base_pair_step.shift 
_ndb_struct_na_base_pair_step.slide 
_ndb_struct_na_base_pair_step.rise 
_ndb_struct_na_base_pair_step.tilt 
_ndb_struct_na_base_pair_step.roll 
_ndb_struct_na_base_pair_step.twist 
_ndb_struct_na_base_pair_step.x_displacement 
_ndb_struct_na_base_pair_step.y_displacement 
_ndb_struct_na_base_pair_step.helical_rise 
_ndb_struct_na_base_pair_step.inclination 
_ndb_struct_na_base_pair_step.tip 
_ndb_struct_na_base_pair_step.helical_twist 
_ndb_struct_na_base_pair_step.step_number 
_ndb_struct_na_base_pair_step.step_name 
_ndb_struct_na_base_pair_step.i_auth_asym_id_1 
_ndb_struct_na_base_pair_step.i_auth_seq_id_1 
_ndb_struct_na_base_pair_step.i_PDB_ins_code_1 
_ndb_struct_na_base_pair_step.j_auth_asym_id_1 
_ndb_struct_na_base_pair_step.j_auth_seq_id_1 
_ndb_struct_na_base_pair_step.j_PDB_ins_code_1 
_ndb_struct_na_base_pair_step.i_auth_asym_id_2 
_ndb_struct_na_base_pair_step.i_auth_seq_id_2 
_ndb_struct_na_base_pair_step.i_PDB_ins_code_2 
_ndb_struct_na_base_pair_step.j_auth_asym_id_2 
_ndb_struct_na_base_pair_step.j_auth_seq_id_2 
_ndb_struct_na_base_pair_step.j_PDB_ins_code_2 
1 A DC 3 1_555 B DG 10 1_555 A DG 4  1_555 B DC 9 1_555 0.859  0.252  3.532 2.966  4.702 37.579 -0.270 -0.906 3.592 7.251  -4.573 
37.974 1 AA_DC3DG4:DC20DG21_BB  A 3 ? B 21 ? A 4  ? B 20 ? 
1 A DG 4 1_555 B DC 9  1_555 A DG 7  1_555 B DC 8 1_555 2.185  -1.945 3.125 -0.944 7.712 18.580 -8.487 -6.610 2.047 22.646 2.772  
20.126 2 AA_DG4DG7:DC19DC20_BB  A 4 ? B 20 ? A 7  ? B 19 ? 
1 A DG 7 1_555 B DC 8  1_555 A DC 8  1_555 B DG 7 1_555 0.019  -2.151 3.288 -0.029 0.200 37.542 -3.369 -0.033 3.277 0.311  0.045  
37.542 3 AA_DG7DC8:DG18DC19_BB  A 7 ? B 19 ? A 8  ? B 18 ? 
1 A DC 8 1_555 B DG 7  1_555 A DC 9  1_555 B DG 4 1_555 -2.166 -1.977 3.103 1.222  7.929 18.455 -8.608 6.657  1.947 23.345 -3.599 
20.109 4 AA_DC8DC9:DG15DG18_BB  A 8 ? B 18 ? A 9  ? B 15 ? 
1 A DC 9 1_555 B DG 4  1_555 A DG 10 1_555 B DC 3 1_555 -0.787 0.283  3.568 -2.059 6.760 36.087 -0.570 0.938  3.599 10.785 3.284  
36.750 5 AA_DC9DG10:DC14DG15_BB A 9 ? B 15 ? A 10 ? B 14 ? 
# 
loop_
_pdbx_entity_branch_list.entity_id 
_pdbx_entity_branch_list.comp_id 
_pdbx_entity_branch_list.num 
_pdbx_entity_branch_list.hetero 
2 CDR 1 n 
2 CDR 2 n 
2 ERI 3 n 
3 ARI 1 n 
3 1GL 2 n 
# 
_space_group.name_H-M_alt     'P 32 1 2' 
_space_group.name_Hall        'P 32 2 (x,y,z+1/6)' 
_space_group.IT_number        153 
_space_group.crystal_system   trigonal 
_space_group.id               1 
# 
_atom_sites.entry_id                    5YZE 
_atom_sites.fract_transf_matrix[1][1]   -0.01001186 
_atom_sites.fract_transf_matrix[1][2]   -0.02135668 
_atom_sites.fract_transf_matrix[1][3]   0.00793278 
_atom_sites.fract_transf_matrix[2][1]   -0.02337572 
_atom_sites.fract_transf_matrix[2][2]   -0.00037326 
_atom_sites.fract_transf_matrix[2][3]   0.00852641 
_atom_sites.fract_transf_matrix[3][1]   -0.00452466 
_atom_sites.fract_transf_matrix[3][2]   -0.00252759 
_atom_sites.fract_transf_matrix[3][3]   -0.01251530 
_atom_sites.fract_transf_vector[1]      0.095328 
_atom_sites.fract_transf_vector[2]      0.332571 
_atom_sites.fract_transf_vector[3]      0.084510 
# 
loop_
_atom_type.symbol 
_atom_type.scat_dispersion_real 
_atom_type.scat_dispersion_imag 
_atom_type.scat_Cromer_Mann_a1 
_atom_type.scat_Cromer_Mann_a2 
_atom_type.scat_Cromer_Mann_b1 
_atom_type.scat_Cromer_Mann_b2 
_atom_type.scat_Cromer_Mann_c 
_atom_type.scat_source 
_atom_type.scat_dispersion_source 
C  ? ? 3.54356  2.42580 25.62398 1.50364  0.0 
;2-Gaussian fit: Grosse-Kunstleve RW, Sauter NK, Adams PD: Newsletter of the IUCr Commission on Crystallographic Computing 2004, 3, 22-31.
;
? 
CO ? ? 21.85313 5.04979 2.45200  36.11361 0.0 
;2-Gaussian fit: Grosse-Kunstleve RW, Sauter NK, Adams PD: Newsletter of the IUCr Commission on Crystallographic Computing 2004, 3, 22-31.
;
? 
N  ? ? 4.01032  2.96436 19.97189 1.75589  0.0 
;2-Gaussian fit: Grosse-Kunstleve RW, Sauter NK, Adams PD: Newsletter of the IUCr Commission on Crystallographic Computing 2004, 3, 22-31.
;
? 
O  ? ? 4.49882  3.47563 15.80542 1.70748  0.0 
;2-Gaussian fit: Grosse-Kunstleve RW, Sauter NK, Adams PD: Newsletter of the IUCr Commission on Crystallographic Computing 2004, 3, 22-31.
;
? 
P  ? ? 9.51135  5.44231 1.42069  35.72801 0.0 
;2-Gaussian fit: Grosse-Kunstleve RW, Sauter NK, Adams PD: Newsletter of the IUCr Commission on Crystallographic Computing 2004, 3, 22-31.
;
? 
# 
loop_
_atom_site.group_PDB 
_atom_site.id 
_atom_site.type_symbol 
_atom_site.label_atom_id 
_atom_site.label_alt_id 
_atom_site.label_comp_id 
_atom_site.label_asym_id 
_atom_site.label_entity_id 
_atom_site.label_seq_id 
_atom_site.pdbx_PDB_ins_code 
_atom_site.Cartn_x 
_atom_site.Cartn_y 
_atom_site.Cartn_z 
_atom_site.occupancy 
_atom_site.B_iso_or_equiv 
_atom_site.pdbx_formal_charge 
_atom_site.auth_seq_id 
_atom_site.auth_comp_id 
_atom_site.auth_asym_id 
_atom_site.auth_atom_id 
_atom_site.pdbx_PDB_model_num 
ATOM   1   O  "O5'" . DT  A 1 1  ? 1.679   7.566   -10.019 1.00 121.31 ? 1   DT  A "O5'" 1 
ATOM   2   C  "C5'" . DT  A 1 1  ? 0.643   6.613   -10.239 1.00 118.39 ? 1   DT  A "C5'" 1 
ATOM   3   C  "C4'" . DT  A 1 1  ? -0.222  7.015   -11.422 1.00 121.80 ? 1   DT  A "C4'" 1 
ATOM   4   O  "O4'" . DT  A 1 1  ? -0.537  5.839   -12.209 1.00 124.01 ? 1   DT  A "O4'" 1 
ATOM   5   C  "C3'" . DT  A 1 1  ? -1.560  7.671   -11.057 1.00 120.14 ? 1   DT  A "C3'" 1 
ATOM   6   O  "O3'" . DT  A 1 1  ? -1.727  8.891   -11.773 1.00 115.99 ? 1   DT  A "O3'" 1 
ATOM   7   C  "C2'" . DT  A 1 1  ? -2.606  6.631   -11.464 1.00 124.20 ? 1   DT  A "C2'" 1 
ATOM   8   C  "C1'" . DT  A 1 1  ? -1.897  5.860   -12.568 1.00 126.78 ? 1   DT  A "C1'" 1 
ATOM   9   N  N1    . DT  A 1 1  ? -2.372  4.449   -12.694 1.00 121.74 ? 1   DT  A N1    1 
ATOM   10  C  C2    . DT  A 1 1  ? -3.580  4.192   -13.308 1.00 116.60 ? 1   DT  A C2    1 
ATOM   11  O  O2    . DT  A 1 1  ? -4.295  5.062   -13.773 1.00 113.78 ? 1   DT  A O2    1 
ATOM   12  N  N3    . DT  A 1 1  ? -3.921  2.867   -13.362 1.00 112.18 ? 1   DT  A N3    1 
ATOM   13  C  C4    . DT  A 1 1  ? -3.196  1.796   -12.872 1.00 104.89 ? 1   DT  A C4    1 
ATOM   14  O  O4    . DT  A 1 1  ? -3.591  0.642   -12.970 1.00 99.31  ? 1   DT  A O4    1 
ATOM   15  C  C5    . DT  A 1 1  ? -1.941  2.134   -12.240 1.00 105.53 ? 1   DT  A C5    1 
ATOM   16  C  C7    . DT  A 1 1  ? -1.065  1.056   -11.674 1.00 99.59  ? 1   DT  A C7    1 
ATOM   17  C  C6    . DT  A 1 1  ? -1.594  3.428   -12.181 1.00 113.76 ? 1   DT  A C6    1 
ATOM   18  P  P     . DC  A 1 3  ? -5.859  9.023   -9.395  1.00 110.49 ? 3   DC  A P     1 
ATOM   19  O  OP1   . DC  A 1 3  ? -4.607  8.346   -9.790  1.00 113.84 ? 3   DC  A OP1   1 
ATOM   20  O  OP2   . DC  A 1 3  ? -6.078  10.439  -9.761  1.00 116.22 ? 3   DC  A OP2   1 
ATOM   21  O  "O5'" . DC  A 1 3  ? -7.112  8.174   -9.915  1.00 98.93  ? 3   DC  A "O5'" 1 
ATOM   22  C  "C5'" . DC  A 1 3  ? -7.063  7.537   -11.183 1.00 92.19  ? 3   DC  A "C5'" 1 
ATOM   23  C  "C4'" . DC  A 1 3  ? -7.876  6.253   -11.175 1.00 85.58  ? 3   DC  A "C4'" 1 
ATOM   24  O  "O4'" . DC  A 1 3  ? -6.979  5.111   -11.174 1.00 84.36  ? 3   DC  A "O4'" 1 
ATOM   25  C  "C3'" . DC  A 1 3  ? -8.785  6.064   -9.961  1.00 78.69  ? 3   DC  A "C3'" 1 
ATOM   26  O  "O3'" . DC  A 1 3  ? -9.956  5.339   -10.344 1.00 77.04  ? 3   DC  A "O3'" 1 
ATOM   27  C  "C2'" . DC  A 1 3  ? -7.900  5.254   -9.015  1.00 78.27  ? 3   DC  A "C2'" 1 
ATOM   28  C  "C1'" . DC  A 1 3  ? -7.166  4.348   -9.995  1.00 76.73  ? 3   DC  A "C1'" 1 
ATOM   29  N  N1    . DC  A 1 3  ? -5.825  3.888   -9.527  1.00 65.98  ? 3   DC  A N1    1 
ATOM   30  C  C2    . DC  A 1 3  ? -5.535  2.519   -9.496  1.00 59.32  ? 3   DC  A C2    1 
ATOM   31  O  O2    . DC  A 1 3  ? -6.404  1.711   -9.834  1.00 57.94  ? 3   DC  A O2    1 
ATOM   32  N  N3    . DC  A 1 3  ? -4.307  2.117   -9.091  1.00 58.04  ? 3   DC  A N3    1 
ATOM   33  C  C4    . DC  A 1 3  ? -3.393  3.019   -8.730  1.00 58.89  ? 3   DC  A C4    1 
ATOM   34  N  N4    . DC  A 1 3  ? -2.196  2.573   -8.337  1.00 50.30  ? 3   DC  A N4    1 
ATOM   35  C  C5    . DC  A 1 3  ? -3.667  4.418   -8.761  1.00 67.21  ? 3   DC  A C5    1 
ATOM   36  C  C6    . DC  A 1 3  ? -4.883  4.805   -9.166  1.00 69.52  ? 3   DC  A C6    1 
ATOM   37  P  P     . DG  A 1 4  ? -11.302 5.435   -9.467  1.00 71.25  ? 4   DG  A P     1 
ATOM   38  O  OP1   . DG  A 1 4  ? -12.457 5.175   -10.362 1.00 66.82  ? 4   DG  A OP1   1 
ATOM   39  O  OP2   . DG  A 1 4  ? -11.221 6.674   -8.656  1.00 66.56  ? 4   DG  A OP2   1 
ATOM   40  O  "O5'" . DG  A 1 4  ? -11.190 4.203   -8.467  1.00 64.11  ? 4   DG  A "O5'" 1 
ATOM   41  C  "C5'" . DG  A 1 4  ? -11.413 2.889   -8.947  1.00 62.24  ? 4   DG  A "C5'" 1 
ATOM   42  C  "C4'" . DG  A 1 4  ? -10.905 1.872   -7.949  1.00 50.82  ? 4   DG  A "C4'" 1 
ATOM   43  O  "O4'" . DG  A 1 4  ? -9.477  1.978   -7.849  1.00 53.28  ? 4   DG  A "O4'" 1 
ATOM   44  C  "C3'" . DG  A 1 4  ? -11.432 2.058   -6.523  1.00 50.48  ? 4   DG  A "C3'" 1 
ATOM   45  O  "O3'" . DG  A 1 4  ? -12.324 1.026   -6.212  1.00 54.92  ? 4   DG  A "O3'" 1 
ATOM   46  C  "C2'" . DG  A 1 4  ? -10.184 1.983   -5.628  1.00 50.15  ? 4   DG  A "C2'" 1 
ATOM   47  C  "C1'" . DG  A 1 4  ? -9.098  1.513   -6.584  1.00 46.99  ? 4   DG  A "C1'" 1 
ATOM   48  N  N9    . DG  A 1 4  ? -7.798  2.071   -6.274  1.00 42.42  ? 4   DG  A N9    1 
ATOM   49  C  C8    . DG  A 1 4  ? -7.484  3.400   -6.137  1.00 49.26  ? 4   DG  A C8    1 
ATOM   50  N  N7    . DG  A 1 4  ? -6.231  3.609   -5.855  1.00 50.03  ? 4   DG  A N7    1 
ATOM   51  C  C5    . DG  A 1 4  ? -5.680  2.335   -5.808  1.00 41.82  ? 4   DG  A C5    1 
ATOM   52  C  C6    . DG  A 1 4  ? -4.356  1.928   -5.549  1.00 41.63  ? 4   DG  A C6    1 
ATOM   53  O  O6    . DG  A 1 4  ? -3.369  2.639   -5.297  1.00 44.73  ? 4   DG  A O6    1 
ATOM   54  N  N1    . DG  A 1 4  ? -4.226  0.540   -5.589  1.00 33.81  ? 4   DG  A N1    1 
ATOM   55  C  C2    . DG  A 1 4  ? -5.247  -0.339  -5.857  1.00 32.99  ? 4   DG  A C2    1 
ATOM   56  N  N2    . DG  A 1 4  ? -4.929  -1.641  -5.848  1.00 32.69  ? 4   DG  A N2    1 
ATOM   57  N  N3    . DG  A 1 4  ? -6.497  0.031   -6.105  1.00 38.06  ? 4   DG  A N3    1 
ATOM   58  C  C4    . DG  A 1 4  ? -6.637  1.379   -6.064  1.00 38.54  ? 4   DG  A C4    1 
ATOM   59  P  P     . DC  A 1 5  ? -13.904 1.244   -6.350  1.00 53.20  ? 5   DC  A P     1 
ATOM   60  O  OP1   . DC  A 1 5  ? -14.523 0.139   -5.580  1.00 53.54  ? 5   DC  A OP1   1 
ATOM   61  O  OP2   . DC  A 1 5  ? -14.208 1.413   -7.788  1.00 65.79  ? 5   DC  A OP2   1 
ATOM   62  O  "O5'" . DC  A 1 5  ? -14.196 2.618   -5.576  1.00 42.28  ? 5   DC  A "O5'" 1 
ATOM   63  C  "C5'" . DC  A 1 5  ? -14.413 3.842   -6.301  1.00 46.18  ? 5   DC  A "C5'" 1 
ATOM   64  C  "C4'" . DC  A 1 5  ? -15.386 4.750   -5.558  1.00 49.84  ? 5   DC  A "C4'" 1 
ATOM   65  O  "O4'" . DC  A 1 5  ? -16.713 4.164   -5.574  1.00 48.52  ? 5   DC  A "O4'" 1 
ATOM   66  C  "C3'" . DC  A 1 5  ? -15.066 4.998   -4.083  1.00 43.19  ? 5   DC  A "C3'" 1 
ATOM   67  O  "O3'" . DC  A 1 5  ? -15.492 6.302   -3.727  1.00 45.91  ? 5   DC  A "O3'" 1 
ATOM   68  C  "C2'" . DC  A 1 5  ? -15.908 3.938   -3.378  1.00 39.57  ? 5   DC  A "C2'" 1 
ATOM   69  C  "C1'" . DC  A 1 5  ? -17.162 3.958   -4.246  1.00 43.95  ? 5   DC  A "C1'" 1 
ATOM   70  N  N1    . DC  A 1 5  ? -17.941 2.706   -4.215  1.00 42.52  ? 5   DC  A N1    1 
ATOM   71  C  C2    . DC  A 1 5  ? -18.993 2.563   -3.306  1.00 38.59  ? 5   DC  A C2    1 
ATOM   72  O  O2    . DC  A 1 5  ? -19.247 3.484   -2.521  1.00 47.74  ? 5   DC  A O2    1 
ATOM   73  N  N3    . DC  A 1 5  ? -19.709 1.419   -3.312  1.00 39.93  ? 5   DC  A N3    1 
ATOM   74  C  C4    . DC  A 1 5  ? -19.418 0.450   -4.175  1.00 45.04  ? 5   DC  A C4    1 
ATOM   75  N  N4    . DC  A 1 5  ? -20.159 -0.666  -4.136  1.00 45.41  ? 5   DC  A N4    1 
ATOM   76  C  C5    . DC  A 1 5  ? -18.355 0.577   -5.113  1.00 44.61  ? 5   DC  A C5    1 
ATOM   77  C  C6    . DC  A 1 5  ? -17.653 1.714   -5.102  1.00 44.35  ? 5   DC  A C6    1 
ATOM   78  P  P     . DC  A 1 6  ? -14.436 7.509   -3.681  1.00 53.29  ? 6   DC  A P     1 
ATOM   79  O  OP1   . DC  A 1 6  ? -15.155 8.733   -3.265  1.00 52.19  ? 6   DC  A OP1   1 
ATOM   80  O  OP2   . DC  A 1 6  ? -13.668 7.489   -4.947  1.00 53.16  ? 6   DC  A OP2   1 
ATOM   81  O  "O5'" . DC  A 1 6  ? -13.445 7.086   -2.502  1.00 45.33  ? 6   DC  A "O5'" 1 
ATOM   82  C  "C5'" . DC  A 1 6  ? -12.527 8.024   -1.972  1.00 49.19  ? 6   DC  A "C5'" 1 
ATOM   83  C  "C4'" . DC  A 1 6  ? -11.848 7.447   -0.746  1.00 43.48  ? 6   DC  A "C4'" 1 
ATOM   84  O  "O4'" . DC  A 1 6  ? -12.787 7.435   0.357   1.00 41.18  ? 6   DC  A "O4'" 1 
ATOM   85  C  "C3'" . DC  A 1 6  ? -11.370 6.011   -0.907  1.00 40.60  ? 6   DC  A "C3'" 1 
ATOM   86  O  "O3'" . DC  A 1 6  ? -10.195 5.804   -0.164  1.00 44.49  ? 6   DC  A "O3'" 1 
ATOM   87  C  "C2'" . DC  A 1 6  ? -12.519 5.184   -0.354  1.00 39.05  ? 6   DC  A "C2'" 1 
ATOM   88  C  "C1'" . DC  A 1 6  ? -13.165 6.113   0.667   1.00 39.53  ? 6   DC  A "C1'" 1 
ATOM   89  N  N1    . DC  A 1 6  ? -14.647 6.016   0.637   1.00 39.71  ? 6   DC  A N1    1 
ATOM   90  C  C2    . DC  A 1 6  ? -15.250 4.978   1.321   1.00 37.15  ? 6   DC  A C2    1 
ATOM   91  O  O2    . DC  A 1 6  ? -14.529 4.197   1.948   1.00 34.43  ? 6   DC  A O2    1 
ATOM   92  N  N3    . DC  A 1 6  ? -16.600 4.847   1.274   1.00 38.90  ? 6   DC  A N3    1 
ATOM   93  C  C4    . DC  A 1 6  ? -17.326 5.723   0.577   1.00 44.74  ? 6   DC  A C4    1 
ATOM   94  N  N4    . DC  A 1 6  ? -18.657 5.564   0.564   1.00 56.07  ? 6   DC  A N4    1 
ATOM   95  C  C5    . DC  A 1 6  ? -16.720 6.798   -0.140  1.00 51.72  ? 6   DC  A C5    1 
ATOM   96  C  C6    . DC  A 1 6  ? -15.387 6.902   -0.088  1.00 46.30  ? 6   DC  A C6    1 
ATOM   97  P  P     . DG  A 1 7  ? -8.836  5.388   -0.917  1.00 44.93  ? 7   DG  A P     1 
ATOM   98  O  OP1   . DG  A 1 7  ? -7.727  6.025   -0.170  1.00 42.90  ? 7   DG  A OP1   1 
ATOM   99  O  OP2   . DG  A 1 7  ? -9.015  5.643   -2.368  1.00 35.81  ? 7   DG  A OP2   1 
ATOM   100 O  "O5'" . DG  A 1 7  ? -8.736  3.801   -0.691  1.00 44.47  ? 7   DG  A "O5'" 1 
ATOM   101 C  "C5'" . DG  A 1 7  ? -9.656  2.925   -1.327  1.00 40.40  ? 7   DG  A "C5'" 1 
ATOM   102 C  "C4'" . DG  A 1 7  ? -8.991  1.596   -1.611  1.00 34.77  ? 7   DG  A "C4'" 1 
ATOM   103 O  "O4'" . DG  A 1 7  ? -8.128  1.733   -2.767  1.00 35.96  ? 7   DG  A "O4'" 1 
ATOM   104 C  "C3'" . DG  A 1 7  ? -8.073  1.108   -0.506  1.00 30.95  ? 7   DG  A "C3'" 1 
ATOM   105 O  "O3'" . DG  A 1 7  ? -8.807  0.347   0.430   1.00 28.75  ? 7   DG  A "O3'" 1 
ATOM   106 C  "C2'" . DG  A 1 7  ? -7.095  0.230   -1.275  1.00 27.46  ? 7   DG  A "C2'" 1 
ATOM   107 C  "C1'" . DG  A 1 7  ? -6.911  1.037   -2.547  1.00 32.53  ? 7   DG  A "C1'" 1 
ATOM   108 N  N9    . DG  A 1 7  ? -5.808  2.005   -2.476  1.00 35.69  ? 7   DG  A N9    1 
ATOM   109 C  C8    . DG  A 1 7  ? -5.891  3.377   -2.586  1.00 39.91  ? 7   DG  A C8    1 
ATOM   110 N  N7    . DG  A 1 7  ? -4.729  3.979   -2.496  1.00 39.32  ? 7   DG  A N7    1 
ATOM   111 C  C5    . DG  A 1 7  ? -3.816  2.934   -2.313  1.00 38.73  ? 7   DG  A C5    1 
ATOM   112 C  C6    . DG  A 1 7  ? -2.409  2.965   -2.148  1.00 38.06  ? 7   DG  A C6    1 
ATOM   113 O  O6    . DG  A 1 7  ? -1.658  3.952   -2.131  1.00 43.28  ? 7   DG  A O6    1 
ATOM   114 N  N1    . DG  A 1 7  ? -1.878  1.686   -2.000  1.00 32.41  ? 7   DG  A N1    1 
ATOM   115 C  C2    . DG  A 1 7  ? -2.613  0.523   -2.011  1.00 31.22  ? 7   DG  A C2    1 
ATOM   116 N  N2    . DG  A 1 7  ? -1.925  -0.618  -1.849  1.00 31.49  ? 7   DG  A N2    1 
ATOM   117 N  N3    . DG  A 1 7  ? -3.931  0.483   -2.151  1.00 29.46  ? 7   DG  A N3    1 
ATOM   118 C  C4    . DG  A 1 7  ? -4.464  1.717   -2.305  1.00 33.52  ? 7   DG  A C4    1 
ATOM   119 P  P     . DC  A 1 8  ? -8.426  0.426   1.982   1.00 31.67  ? 8   DC  A P     1 
ATOM   120 O  OP1   . DC  A 1 8  ? -9.402  -0.389  2.747   1.00 28.17  ? 8   DC  A OP1   1 
ATOM   121 O  OP2   . DC  A 1 8  ? -8.256  1.864   2.332   1.00 33.25  ? 8   DC  A OP2   1 
ATOM   122 O  "O5'" . DC  A 1 8  ? -6.974  -0.220  2.047   1.00 29.25  ? 8   DC  A "O5'" 1 
ATOM   123 C  "C5'" . DC  A 1 8  ? -6.812  -1.615  1.860   1.00 33.71  ? 8   DC  A "C5'" 1 
ATOM   124 C  "C4'" . DC  A 1 8  ? -5.354  -1.987  1.925   1.00 26.55  ? 8   DC  A "C4'" 1 
ATOM   125 O  "O4'" . DC  A 1 8  ? -4.626  -1.188  0.984   1.00 25.00  ? 8   DC  A "O4'" 1 
ATOM   126 C  "C3'" . DC  A 1 8  ? -4.680  -1.726  3.253   1.00 23.25  ? 8   DC  A "C3'" 1 
ATOM   127 O  "O3'" . DC  A 1 8  ? -4.902  -2.842  4.117   1.00 30.66  ? 8   DC  A "O3'" 1 
ATOM   128 C  "C2'" . DC  A 1 8  ? -3.213  -1.617  2.837   1.00 23.51  ? 8   DC  A "C2'" 1 
ATOM   129 C  "C1'" . DC  A 1 8  ? -3.301  -1.024  1.428   1.00 25.08  ? 8   DC  A "C1'" 1 
ATOM   130 N  N1    . DC  A 1 8  ? -2.957  0.426   1.353   1.00 24.78  ? 8   DC  A N1    1 
ATOM   131 C  C2    . DC  A 1 8  ? -1.622  0.811   1.431   1.00 29.21  ? 8   DC  A C2    1 
ATOM   132 O  O2    . DC  A 1 8  ? -0.760  -0.057  1.560   1.00 30.07  ? 8   DC  A O2    1 
ATOM   133 N  N3    . DC  A 1 8  ? -1.309  2.122   1.356   1.00 27.98  ? 8   DC  A N3    1 
ATOM   134 C  C4    . DC  A 1 8  ? -2.269  3.028   1.203   1.00 37.54  ? 8   DC  A C4    1 
ATOM   135 N  N4    . DC  A 1 8  ? -1.907  4.313   1.139   1.00 35.02  ? 8   DC  A N4    1 
ATOM   136 C  C5    . DC  A 1 8  ? -3.646  2.660   1.125   1.00 33.52  ? 8   DC  A C5    1 
ATOM   137 C  C6    . DC  A 1 8  ? -3.941  1.355   1.195   1.00 32.39  ? 8   DC  A C6    1 
ATOM   138 P  P     . DC  A 1 9  ? -4.467  -2.790  5.659   1.00 35.63  ? 9   DC  A P     1 
ATOM   139 O  OP1   . DC  A 1 9  ? -4.983  -4.019  6.301   1.00 36.04  ? 9   DC  A OP1   1 
ATOM   140 O  OP2   . DC  A 1 9  ? -4.791  -1.459  6.195   1.00 32.64  ? 9   DC  A OP2   1 
ATOM   141 O  "O5'" . DC  A 1 9  ? -2.880  -2.837  5.606   1.00 33.88  ? 9   DC  A "O5'" 1 
ATOM   142 C  "C5'" . DC  A 1 9  ? -2.225  -3.995  5.157   1.00 32.41  ? 9   DC  A "C5'" 1 
ATOM   143 C  "C4'" . DC  A 1 9  ? -0.765  -3.938  5.537   1.00 31.64  ? 9   DC  A "C4'" 1 
ATOM   144 O  "O4'" . DC  A 1 9  ? -0.134  -2.797  4.900   1.00 35.06  ? 9   DC  A "O4'" 1 
ATOM   145 C  "C3'" . DC  A 1 9  ? -0.519  -3.795  7.036   1.00 41.22  ? 9   DC  A "C3'" 1 
ATOM   146 O  "O3'" . DC  A 1 9  ? 0.414   -4.747  7.457   1.00 39.72  ? 9   DC  A "O3'" 1 
ATOM   147 C  "C2'" . DC  A 1 9  ? 0.011   -2.376  7.200   1.00 41.34  ? 9   DC  A "C2'" 1 
ATOM   148 C  "C1'" . DC  A 1 9  ? 0.636   -2.083  5.845   1.00 45.07  ? 9   DC  A "C1'" 1 
ATOM   149 N  N1    . DC  A 1 9  ? 0.563   -0.639  5.501   1.00 37.74  ? 9   DC  A N1    1 
ATOM   150 C  C2    . DC  A 1 9  ? 1.731   0.131   5.424   1.00 35.56  ? 9   DC  A C2    1 
ATOM   151 O  O2    . DC  A 1 9  ? 2.837   -0.408  5.632   1.00 32.75  ? 9   DC  A O2    1 
ATOM   152 N  N3    . DC  A 1 9  ? 1.623   1.450   5.126   1.00 44.19  ? 9   DC  A N3    1 
ATOM   153 C  C4    . DC  A 1 9  ? 0.426   1.991   4.915   1.00 40.83  ? 9   DC  A C4    1 
ATOM   154 N  N4    . DC  A 1 9  ? 0.371   3.291   4.622   1.00 43.84  ? 9   DC  A N4    1 
ATOM   155 C  C5    . DC  A 1 9  ? -0.772  1.227   4.999   1.00 31.00  ? 9   DC  A C5    1 
ATOM   156 C  C6    . DC  A 1 9  ? -0.658  -0.068  5.302   1.00 28.95  ? 9   DC  A C6    1 
ATOM   157 P  P     . DG  A 1 10 ? 0.618   -5.028  9.026   1.00 45.45  ? 10  DG  A P     1 
ATOM   158 O  OP1   . DG  A 1 10 ? 0.748   -6.498  9.147   1.00 47.88  ? 10  DG  A OP1   1 
ATOM   159 O  OP2   . DG  A 1 10 ? -0.395  -4.277  9.803   1.00 41.59  ? 10  DG  A OP2   1 
ATOM   160 O  "O5'" . DG  A 1 10 ? 2.010   -4.328  9.345   1.00 39.28  ? 10  DG  A "O5'" 1 
ATOM   161 C  "C5'" . DG  A 1 10 ? 3.173   -4.798  8.737   1.00 34.64  ? 10  DG  A "C5'" 1 
ATOM   162 C  "C4'" . DG  A 1 10 ? 4.391   -4.121  9.317   1.00 34.83  ? 10  DG  A "C4'" 1 
ATOM   163 O  "O4'" . DG  A 1 10 ? 4.380   -2.715  8.986   1.00 37.10  ? 10  DG  A "O4'" 1 
ATOM   164 C  "C3'" . DG  A 1 10 ? 4.522   -4.184  10.825  1.00 40.12  ? 10  DG  A "C3'" 1 
ATOM   165 O  "O3'" . DG  A 1 10 ? 5.897   -4.225  11.128  1.00 40.73  ? 10  DG  A "O3'" 1 
ATOM   166 C  "C2'" . DG  A 1 10 ? 3.870   -2.866  11.279  1.00 40.81  ? 10  DG  A "C2'" 1 
ATOM   167 C  "C1'" . DG  A 1 10 ? 4.257   -1.918  10.150  1.00 35.68  ? 10  DG  A "C1'" 1 
ATOM   168 N  N9    . DG  A 1 10 ? 3.275   -0.891  9.830   1.00 36.31  ? 10  DG  A N9    1 
ATOM   169 C  C8    . DG  A 1 10 ? 1.927   -1.070  9.656   1.00 37.05  ? 10  DG  A C8    1 
ATOM   170 N  N7    . DG  A 1 10 ? 1.300   0.016   9.301   1.00 37.00  ? 10  DG  A N7    1 
ATOM   171 C  C5    . DG  A 1 10 ? 2.304   0.974   9.219   1.00 40.50  ? 10  DG  A C5    1 
ATOM   172 C  C6    . DG  A 1 10 ? 2.225   2.343   8.877   1.00 43.46  ? 10  DG  A C6    1 
ATOM   173 O  O6    . DG  A 1 10 ? 1.222   2.997   8.575   1.00 44.63  ? 10  DG  A O6    1 
ATOM   174 N  N1    . DG  A 1 10 ? 3.472   2.962   8.915   1.00 44.79  ? 10  DG  A N1    1 
ATOM   175 C  C2    . DG  A 1 10 ? 4.647   2.335   9.233   1.00 41.12  ? 10  DG  A C2    1 
ATOM   176 N  N2    . DG  A 1 10 ? 5.752   3.102   9.209   1.00 51.80  ? 10  DG  A N2    1 
ATOM   177 N  N3    . DG  A 1 10 ? 4.739   1.040   9.550   1.00 41.18  ? 10  DG  A N3    1 
ATOM   178 C  C4    . DG  A 1 10 ? 3.525   0.429   9.526   1.00 38.27  ? 10  DG  A C4    1 
ATOM   179 P  P     . DA  A 1 11 ? 6.406   -4.783  12.540  1.00 52.42  ? 11  DA  A P     1 
ATOM   180 O  OP1   . DA  A 1 11 ? 7.713   -5.441  12.289  1.00 58.98  ? 11  DA  A OP1   1 
ATOM   181 O  OP2   . DA  A 1 11 ? 5.301   -5.553  13.157  1.00 59.58  ? 11  DA  A OP2   1 
ATOM   182 O  "O5'" . DA  A 1 11 ? 6.635   -3.433  13.369  1.00 53.45  ? 11  DA  A "O5'" 1 
ATOM   183 C  "C5'" . DA  A 1 11 ? 7.313   -2.335  12.752  1.00 56.92  ? 11  DA  A "C5'" 1 
ATOM   184 C  "C4'" . DA  A 1 11 ? 7.191   -1.074  13.589  1.00 69.26  ? 11  DA  A "C4'" 1 
ATOM   185 O  "O4'" . DA  A 1 11 ? 6.141   -0.228  13.058  1.00 70.63  ? 11  DA  A "O4'" 1 
ATOM   186 C  "C3'" . DA  A 1 11 ? 6.856   -1.306  15.070  1.00 80.59  ? 11  DA  A "C3'" 1 
ATOM   187 O  "O3'" . DA  A 1 11 ? 7.835   -0.677  15.893  1.00 87.00  ? 11  DA  A "O3'" 1 
ATOM   188 C  "C2'" . DA  A 1 11 ? 5.466   -0.673  15.250  1.00 83.01  ? 11  DA  A "C2'" 1 
ATOM   189 C  "C1'" . DA  A 1 11 ? 5.438   0.358   14.130  1.00 76.36  ? 11  DA  A "C1'" 1 
ATOM   190 N  N9    . DA  A 1 11 ? 4.099   0.734   13.653  1.00 68.84  ? 11  DA  A N9    1 
ATOM   191 C  C8    . DA  A 1 11 ? 3.740   1.946   13.127  1.00 69.46  ? 11  DA  A C8    1 
ATOM   192 N  N7    . DA  A 1 11 ? 2.483   2.018   12.756  1.00 66.24  ? 11  DA  A N7    1 
ATOM   193 C  C5    . DA  A 1 11 ? 1.971   0.764   13.051  1.00 65.47  ? 11  DA  A C5    1 
ATOM   194 C  C6    . DA  A 1 11 ? 0.686   0.203   12.887  1.00 68.92  ? 11  DA  A C6    1 
ATOM   195 N  N6    . DA  A 1 11 ? -0.353  0.875   12.367  1.00 57.69  ? 11  DA  A N6    1 
ATOM   196 N  N1    . DA  A 1 11 ? 0.506   -1.079  13.281  1.00 68.36  ? 11  DA  A N1    1 
ATOM   197 C  C2    . DA  A 1 11 ? 1.546   -1.747  13.799  1.00 65.40  ? 11  DA  A C2    1 
ATOM   198 N  N3    . DA  A 1 11 ? 2.796   -1.326  14.007  1.00 61.14  ? 11  DA  A N3    1 
ATOM   199 C  C4    . DA  A 1 11 ? 2.949   -0.049  13.605  1.00 64.72  ? 11  DA  A C4    1 
ATOM   200 O  "O5'" . DT  B 1 1  ? -0.947  9.123   8.239   1.00 99.16  ? 12  DT  B "O5'" 1 
ATOM   201 C  "C5'" . DT  B 1 1  ? 0.139   10.027  8.036   1.00 108.83 ? 12  DT  B "C5'" 1 
ATOM   202 C  "C4'" . DT  B 1 1  ? 0.247   11.009  9.191   1.00 120.96 ? 12  DT  B "C4'" 1 
ATOM   203 O  "O4'" . DT  B 1 1  ? 0.265   10.279  10.442  1.00 127.03 ? 12  DT  B "O4'" 1 
ATOM   204 C  "C3'" . DT  B 1 1  ? 1.517   11.841  9.209   1.00 120.61 ? 12  DT  B "C3'" 1 
ATOM   205 O  "O3'" . DT  B 1 1  ? 1.299   13.045  9.936   1.00 118.62 ? 12  DT  B "O3'" 1 
ATOM   206 C  "C2'" . DT  B 1 1  ? 2.498   10.919  9.933   1.00 120.95 ? 12  DT  B "C2'" 1 
ATOM   207 C  "C1'" . DT  B 1 1  ? 1.595   10.183  10.931  1.00 120.82 ? 12  DT  B "C1'" 1 
ATOM   208 N  N1    . DT  B 1 1  ? 1.931   8.726   11.096  1.00 108.84 ? 12  DT  B N1    1 
ATOM   209 C  C2    . DT  B 1 1  ? 3.136   8.366   11.659  1.00 105.37 ? 12  DT  B C2    1 
ATOM   210 O  O2    . DT  B 1 1  ? 3.965   9.174   12.041  1.00 108.73 ? 12  DT  B O2    1 
ATOM   211 N  N3    . DT  B 1 1  ? 3.339   7.012   11.760  1.00 96.66  ? 12  DT  B N3    1 
ATOM   212 C  C4    . DT  B 1 1  ? 2.477   6.005   11.364  1.00 85.47  ? 12  DT  B C4    1 
ATOM   213 O  O4    . DT  B 1 1  ? 2.751   4.817   11.498  1.00 82.96  ? 12  DT  B O4    1 
ATOM   214 C  C5    . DT  B 1 1  ? 1.231   6.449   10.786  1.00 84.76  ? 12  DT  B C5    1 
ATOM   215 C  C7    . DT  B 1 1  ? 0.213   5.449   10.322  1.00 77.09  ? 12  DT  B C7    1 
ATOM   216 C  C6    . DT  B 1 1  ? 1.021   7.771   10.682  1.00 97.93  ? 12  DT  B C6    1 
ATOM   217 P  P     . DC  B 1 3  ? 3.971   12.176  6.455   1.00 98.75  ? 14  DC  B P     1 
ATOM   218 O  OP1   . DC  B 1 3  ? 3.754   13.639  6.419   1.00 98.40  ? 14  DC  B OP1   1 
ATOM   219 O  OP2   . DC  B 1 3  ? 3.733   11.350  5.249   1.00 93.93  ? 14  DC  B OP2   1 
ATOM   220 O  "O5'" . DC  B 1 3  ? 5.457   11.881  6.965   1.00 91.81  ? 14  DC  B "O5'" 1 
ATOM   221 C  "C5'" . DC  B 1 3  ? 5.712   11.729  8.355   1.00 93.02  ? 14  DC  B "C5'" 1 
ATOM   222 C  "C4'" . DC  B 1 3  ? 6.704   10.604  8.605   1.00 90.50  ? 14  DC  B "C4'" 1 
ATOM   223 O  "O4'" . DC  B 1 3  ? 5.988   9.384   8.932   1.00 88.14  ? 14  DC  B "O4'" 1 
ATOM   224 C  "C3'" . DC  B 1 3  ? 7.613   10.265  7.428   1.00 86.72  ? 14  DC  B "C3'" 1 
ATOM   225 O  "O3'" . DC  B 1 3  ? 8.920   9.943   7.903   1.00 83.13  ? 14  DC  B "O3'" 1 
ATOM   226 C  "C2'" . DC  B 1 3  ? 6.920   9.059   6.787   1.00 83.69  ? 14  DC  B "C2'" 1 
ATOM   227 C  "C1'" . DC  B 1 3  ? 6.286   8.369   7.992   1.00 80.15  ? 14  DC  B "C1'" 1 
ATOM   228 N  N1    . DC  B 1 3  ? 5.009   7.646   7.677   1.00 68.36  ? 14  DC  B N1    1 
ATOM   229 C  C2    . DC  B 1 3  ? 4.805   6.343   8.157   1.00 62.50  ? 14  DC  B C2    1 
ATOM   230 O  O2    . DC  B 1 3  ? 5.694   5.798   8.821   1.00 58.72  ? 14  DC  B O2    1 
ATOM   231 N  N3    . DC  B 1 3  ? 3.638   5.714   7.874   1.00 59.74  ? 14  DC  B N3    1 
ATOM   232 C  C4    . DC  B 1 3  ? 2.703   6.335   7.150   1.00 58.21  ? 14  DC  B C4    1 
ATOM   233 N  N4    . DC  B 1 3  ? 1.567   5.676   6.896   1.00 56.64  ? 14  DC  B N4    1 
ATOM   234 C  C5    . DC  B 1 3  ? 2.889   7.661   6.657   1.00 64.16  ? 14  DC  B C5    1 
ATOM   235 C  C6    . DC  B 1 3  ? 4.044   8.272   6.943   1.00 66.72  ? 14  DC  B C6    1 
ATOM   236 P  P     . DG  B 1 4  ? 10.188  9.992   6.912   1.00 75.35  ? 15  DG  B P     1 
ATOM   237 O  OP1   . DG  B 1 4  ? 11.384  10.320  7.721   1.00 70.19  ? 15  DG  B OP1   1 
ATOM   238 O  OP2   . DG  B 1 4  ? 9.824   10.828  5.741   1.00 73.19  ? 15  DG  B OP2   1 
ATOM   239 O  "O5'" . DG  B 1 4  ? 10.328  8.478   6.426   1.00 70.53  ? 15  DG  B "O5'" 1 
ATOM   240 C  "C5'" . DG  B 1 4  ? 10.555  7.452   7.381   1.00 61.82  ? 15  DG  B "C5'" 1 
ATOM   241 C  "C4'" . DG  B 1 4  ? 10.237  6.092   6.795   1.00 49.62  ? 15  DG  B "C4'" 1 
ATOM   242 O  "O4'" . DG  B 1 4  ? 8.814   5.932   6.703   1.00 51.12  ? 15  DG  B "O4'" 1 
ATOM   243 C  "C3'" . DG  B 1 4  ? 10.768  5.866   5.379   1.00 48.21  ? 15  DG  B "C3'" 1 
ATOM   244 O  "O3'" . DG  B 1 4  ? 11.823  4.952   5.410   1.00 57.93  ? 15  DG  B "O3'" 1 
ATOM   245 C  "C2'" . DG  B 1 4  ? 9.578   5.287   4.598   1.00 48.41  ? 15  DG  B "C2'" 1 
ATOM   246 C  "C1'" . DG  B 1 4  ? 8.547   5.012   5.680   1.00 47.58  ? 15  DG  B "C1'" 1 
ATOM   247 N  N9    . DG  B 1 4  ? 7.190   5.231   5.224   1.00 43.62  ? 15  DG  B N9    1 
ATOM   248 C  C8    . DG  B 1 4  ? 6.689   6.374   4.650   1.00 46.91  ? 15  DG  B C8    1 
ATOM   249 N  N7    . DG  B 1 4  ? 5.429   6.287   4.341   1.00 47.57  ? 15  DG  B N7    1 
ATOM   250 C  C5    . DG  B 1 4  ? 5.073   5.006   4.739   1.00 42.97  ? 15  DG  B C5    1 
ATOM   251 C  C6    . DG  B 1 4  ? 3.833   4.344   4.661   1.00 40.80  ? 15  DG  B C6    1 
ATOM   252 O  O6    . DG  B 1 4  ? 2.757   4.773   4.204   1.00 43.42  ? 15  DG  B O6    1 
ATOM   253 N  N1    . DG  B 1 4  ? 3.908   3.050   5.173   1.00 35.12  ? 15  DG  B N1    1 
ATOM   254 C  C2    . DG  B 1 4  ? 5.040   2.475   5.700   1.00 36.50  ? 15  DG  B C2    1 
ATOM   255 N  N2    . DG  B 1 4  ? 4.920   1.210   6.144   1.00 34.24  ? 15  DG  B N2    1 
ATOM   256 N  N3    . DG  B 1 4  ? 6.210   3.090   5.785   1.00 42.62  ? 15  DG  B N3    1 
ATOM   257 C  C4    . DG  B 1 4  ? 6.151   4.346   5.285   1.00 41.94  ? 15  DG  B C4    1 
ATOM   258 P  P     . DC  B 1 5  ? 13.339  5.458   5.484   1.00 53.50  ? 16  DC  B P     1 
ATOM   259 O  OP1   . DC  B 1 5  ? 14.164  4.262   5.190   1.00 56.19  ? 16  DC  B OP1   1 
ATOM   260 O  OP2   . DC  B 1 5  ? 13.508  6.188   6.760   1.00 65.83  ? 16  DC  B OP2   1 
ATOM   261 O  "O5'" . DC  B 1 5  ? 13.486  6.476   4.258   1.00 39.22  ? 16  DC  B "O5'" 1 
ATOM   262 C  "C5'" . DC  B 1 5  ? 13.434  7.892   4.466   1.00 39.84  ? 16  DC  B "C5'" 1 
ATOM   263 C  "C4'" . DC  B 1 5  ? 14.293  8.625   3.442   1.00 48.95  ? 16  DC  B "C4'" 1 
ATOM   264 O  "O4'" . DC  B 1 5  ? 15.683  8.271   3.636   1.00 49.76  ? 16  DC  B "O4'" 1 
ATOM   265 C  "C3'" . DC  B 1 5  ? 13.994  8.315   1.971   1.00 44.95  ? 16  DC  B "C3'" 1 
ATOM   266 O  "O3'" . DC  B 1 5  ? 14.229  9.477   1.194   1.00 42.82  ? 16  DC  B "O3'" 1 
ATOM   267 C  "C2'" . DC  B 1 5  ? 15.017  7.234   1.646   1.00 43.76  ? 16  DC  B "C2'" 1 
ATOM   268 C  "C1'" . DC  B 1 5  ? 16.212  7.744   2.436   1.00 45.50  ? 16  DC  B "C1'" 1 
ATOM   269 N  N1    . DC  B 1 5  ? 17.184  6.701   2.792   1.00 42.35  ? 16  DC  B N1    1 
ATOM   270 C  C2    . DC  B 1 5  ? 18.282  6.467   1.964   1.00 41.15  ? 16  DC  B C2    1 
ATOM   271 O  O2    . DC  B 1 5  ? 18.410  7.133   0.929   1.00 48.72  ? 16  DC  B O2    1 
ATOM   272 N  N3    . DC  B 1 5  ? 19.176  5.518   2.317   1.00 41.60  ? 16  DC  B N3    1 
ATOM   273 C  C4    . DC  B 1 5  ? 19.007  4.829   3.443   1.00 44.57  ? 16  DC  B C4    1 
ATOM   274 N  N4    . DC  B 1 5  ? 19.917  3.896   3.746   1.00 42.86  ? 16  DC  B N4    1 
ATOM   275 C  C5    . DC  B 1 5  ? 17.898  5.059   4.303   1.00 42.93  ? 16  DC  B C5    1 
ATOM   276 C  C6    . DC  B 1 5  ? 17.024  6.001   3.947   1.00 45.48  ? 16  DC  B C6    1 
ATOM   277 P  P     . DC  B 1 6  ? 13.012  10.434  0.776   1.00 52.73  ? 17  DC  B P     1 
ATOM   278 O  OP1   . DC  B 1 6  ? 13.557  11.524  -0.067  1.00 51.49  ? 17  DC  B OP1   1 
ATOM   279 O  OP2   . DC  B 1 6  ? 12.230  10.747  1.995   1.00 56.46  ? 17  DC  B OP2   1 
ATOM   280 O  "O5'" . DC  B 1 6  ? 12.113  9.504   -0.158  1.00 48.22  ? 17  DC  B "O5'" 1 
ATOM   281 C  "C5'" . DC  B 1 6  ? 11.105  10.074  -0.970  1.00 48.95  ? 17  DC  B "C5'" 1 
ATOM   282 C  "C4'" . DC  B 1 6  ? 10.562  9.038   -1.934  1.00 43.58  ? 17  DC  B "C4'" 1 
ATOM   283 O  "O4'" . DC  B 1 6  ? 11.524  8.823   -2.998  1.00 41.02  ? 17  DC  B "O4'" 1 
ATOM   284 C  "C3'" . DC  B 1 6  ? 10.304  7.674   -1.314  1.00 38.18  ? 17  DC  B "C3'" 1 
ATOM   285 O  "O3'" . DC  B 1 6  ? 9.199   7.065   -1.925  1.00 40.55  ? 17  DC  B "O3'" 1 
ATOM   286 C  "C2'" . DC  B 1 6  ? 11.581  6.902   -1.601  1.00 38.59  ? 17  DC  B "C2'" 1 
ATOM   287 C  "C1'" . DC  B 1 6  ? 12.092  7.540   -2.894  1.00 38.83  ? 17  DC  B "C1'" 1 
ATOM   288 N  N1    . DC  B 1 6  ? 13.566  7.671   -2.888  1.00 37.77  ? 17  DC  B N1    1 
ATOM   289 C  C2    . DC  B 1 6  ? 14.329  6.565   -3.204  1.00 35.93  ? 17  DC  B C2    1 
ATOM   290 O  O2    . DC  B 1 6  ? 13.751  5.522   -3.523  1.00 34.39  ? 17  DC  B O2    1 
ATOM   291 N  N3    . DC  B 1 6  ? 15.679  6.660   -3.154  1.00 41.12  ? 17  DC  B N3    1 
ATOM   292 C  C4    . DC  B 1 6  ? 16.255  7.808   -2.807  1.00 42.77  ? 17  DC  B C4    1 
ATOM   293 N  N4    . DC  B 1 6  ? 17.597  7.856   -2.786  1.00 51.43  ? 17  DC  B N4    1 
ATOM   294 C  C5    . DC  B 1 6  ? 15.485  8.959   -2.470  1.00 51.65  ? 17  DC  B C5    1 
ATOM   295 C  C6    . DC  B 1 6  ? 14.153  8.845   -2.514  1.00 46.02  ? 17  DC  B C6    1 
ATOM   296 P  P     . DG  B 1 7  ? 7.911   6.674   -1.043  1.00 42.61  ? 18  DG  B P     1 
ATOM   297 O  OP1   . DG  B 1 7  ? 6.739   6.875   -1.925  1.00 44.60  ? 18  DG  B OP1   1 
ATOM   298 O  OP2   . DG  B 1 7  ? 8.007   7.397   0.253   1.00 34.95  ? 18  DG  B OP2   1 
ATOM   299 O  "O5'" . DG  B 1 7  ? 8.097   5.108   -0.749  1.00 41.57  ? 18  DG  B "O5'" 1 
ATOM   300 C  "C5'" . DG  B 1 7  ? 9.051   4.671   0.211   1.00 41.16  ? 18  DG  B "C5'" 1 
ATOM   301 C  "C4'" . DG  B 1 7  ? 8.556   3.425   0.922   1.00 33.75  ? 18  DG  B "C4'" 1 
ATOM   302 O  "O4'" . DG  B 1 7  ? 7.652   3.802   1.989   1.00 35.36  ? 18  DG  B "O4'" 1 
ATOM   303 C  "C3'" . DG  B 1 7  ? 7.756   2.473   0.051   1.00 33.86  ? 18  DG  B "C3'" 1 
ATOM   304 O  "O3'" . DG  B 1 7  ? 8.634   1.560   -0.588  1.00 28.51  ? 18  DG  B "O3'" 1 
ATOM   305 C  "C2'" . DG  B 1 7  ? 6.881   1.765   1.088   1.00 26.11  ? 18  DG  B "C2'" 1 
ATOM   306 C  "C1'" . DG  B 1 7  ? 6.557   2.899   2.040   1.00 31.28  ? 18  DG  B "C1'" 1 
ATOM   307 N  N9    . DG  B 1 7  ? 5.331   3.614   1.689   1.00 35.54  ? 18  DG  B N9    1 
ATOM   308 C  C8    . DG  B 1 7  ? 5.204   4.942   1.341   1.00 39.15  ? 18  DG  B C8    1 
ATOM   309 N  N7    . DG  B 1 7  ? 3.969   5.298   1.092   1.00 35.92  ? 18  DG  B N7    1 
ATOM   310 C  C5    . DG  B 1 7  ? 3.230   4.128   1.284   1.00 35.26  ? 18  DG  B C5    1 
ATOM   311 C  C6    . DG  B 1 7  ? 1.841   3.894   1.162   1.00 37.78  ? 18  DG  B C6    1 
ATOM   312 O  O6    . DG  B 1 7  ? 0.951   4.696   0.844   1.00 42.07  ? 18  DG  B O6    1 
ATOM   313 N  N1    . DG  B 1 7  ? 1.509   2.574   1.452   1.00 30.98  ? 18  DG  B N1    1 
ATOM   314 C  C2    . DG  B 1 7  ? 2.409   1.600   1.814   1.00 29.44  ? 18  DG  B C2    1 
ATOM   315 N  N2    . DG  B 1 7  ? 1.899   0.379   2.058   1.00 28.83  ? 18  DG  B N2    1 
ATOM   316 N  N3    . DG  B 1 7  ? 3.719   1.805   1.926   1.00 29.95  ? 18  DG  B N3    1 
ATOM   317 C  C4    . DG  B 1 7  ? 4.053   3.088   1.656   1.00 32.53  ? 18  DG  B C4    1 
ATOM   318 P  P     . DC  B 1 8  ? 8.320   1.033   -2.071  1.00 33.99  ? 19  DC  B P     1 
ATOM   319 O  OP1   . DC  B 1 8  ? 9.440   0.165   -2.515  1.00 28.95  ? 19  DC  B OP1   1 
ATOM   320 O  OP2   . DC  B 1 8  ? 7.940   2.212   -2.895  1.00 34.61  ? 19  DC  B OP2   1 
ATOM   321 O  "O5'" . DC  B 1 8  ? 6.997   0.163   -1.913  1.00 29.94  ? 19  DC  B "O5'" 1 
ATOM   322 C  "C5'" . DC  B 1 8  ? 7.017   -1.042  -1.155  1.00 30.41  ? 19  DC  B "C5'" 1 
ATOM   323 C  "C4'" . DC  B 1 8  ? 5.628   -1.649  -1.075  1.00 25.39  ? 19  DC  B "C4'" 1 
ATOM   324 O  "O4'" . DC  B 1 8  ? 4.745   -0.725  -0.420  1.00 23.81  ? 19  DC  B "O4'" 1 
ATOM   325 C  "C3'" . DC  B 1 8  ? 4.964   -1.948  -2.404  1.00 22.92  ? 19  DC  B "C3'" 1 
ATOM   326 O  "O3'" . DC  B 1 8  ? 5.362   -3.241  -2.850  1.00 28.36  ? 19  DC  B "O3'" 1 
ATOM   327 C  "C2'" . DC  B 1 8  ? 3.478   -1.932  -2.026  1.00 22.64  ? 19  DC  B "C2'" 1 
ATOM   328 C  "C1'" . DC  B 1 8  ? 3.430   -0.908  -0.886  1.00 23.58  ? 19  DC  B "C1'" 1 
ATOM   329 N  N1    . DC  B 1 8  ? 2.887   0.414   -1.283  1.00 24.18  ? 19  DC  B N1    1 
ATOM   330 C  C2    . DC  B 1 8  ? 1.516   0.556   -1.443  1.00 27.26  ? 19  DC  B C2    1 
ATOM   331 O  O2    . DC  B 1 8  ? 0.799   -0.423  -1.258  1.00 26.31  ? 19  DC  B O2    1 
ATOM   332 N  N3    . DC  B 1 8  ? 1.013   1.767   -1.795  1.00 31.08  ? 19  DC  B N3    1 
ATOM   333 C  C4    . DC  B 1 8  ? 1.834   2.801   -1.975  1.00 42.10  ? 19  DC  B C4    1 
ATOM   334 N  N4    . DC  B 1 8  ? 1.296   3.974   -2.328  1.00 37.46  ? 19  DC  B N4    1 
ATOM   335 C  C5    . DC  B 1 8  ? 3.242   2.676   -1.816  1.00 34.04  ? 19  DC  B C5    1 
ATOM   336 C  C6    . DC  B 1 8  ? 3.722   1.475   -1.463  1.00 34.16  ? 19  DC  B C6    1 
ATOM   337 P  P     . DC  B 1 9  ? 4.986   -3.751  -4.324  1.00 35.81  ? 20  DC  B P     1 
ATOM   338 O  OP1   . DC  B 1 9  ? 5.744   -5.007  -4.536  1.00 35.96  ? 20  DC  B OP1   1 
ATOM   339 O  OP2   . DC  B 1 9  ? 5.111   -2.614  -5.257  1.00 33.88  ? 20  DC  B OP2   1 
ATOM   340 O  "O5'" . DC  B 1 9  ? 3.423   -4.047  -4.236  1.00 34.50  ? 20  DC  B "O5'" 1 
ATOM   341 C  "C5'" . DC  B 1 9  ? 2.940   -5.069  -3.396  1.00 37.60  ? 20  DC  B "C5'" 1 
ATOM   342 C  "C4'" . DC  B 1 9  ? 1.502   -5.382  -3.738  1.00 33.36  ? 20  DC  B "C4'" 1 
ATOM   343 O  "O4'" . DC  B 1 9  ? 0.675   -4.207  -3.507  1.00 34.05  ? 20  DC  B "O4'" 1 
ATOM   344 C  "C3'" . DC  B 1 9  ? 1.279   -5.796  -5.191  1.00 39.73  ? 20  DC  B "C3'" 1 
ATOM   345 O  "O3'" . DC  B 1 9  ? 0.496   -6.959  -5.242  1.00 41.17  ? 20  DC  B "O3'" 1 
ATOM   346 C  "C2'" . DC  B 1 9  ? 0.562   -4.601  -5.818  1.00 37.76  ? 20  DC  B "C2'" 1 
ATOM   347 C  "C1'" . DC  B 1 9  ? -0.156  -3.971  -4.629  1.00 44.46  ? 20  DC  B "C1'" 1 
ATOM   348 N  N1    . DC  B 1 9  ? -0.305  -2.501  -4.784  1.00 34.82  ? 20  DC  B N1    1 
ATOM   349 C  C2    . DC  B 1 9  ? -1.572  -1.921  -4.945  1.00 36.28  ? 20  DC  B C2    1 
ATOM   350 O  O2    . DC  B 1 9  ? -2.595  -2.644  -4.950  1.00 30.97  ? 20  DC  B O2    1 
ATOM   351 N  N3    . DC  B 1 9  ? -1.653  -0.577  -5.093  1.00 41.52  ? 20  DC  B N3    1 
ATOM   352 C  C4    . DC  B 1 9  ? -0.551  0.165   -5.084  1.00 36.97  ? 20  DC  B C4    1 
ATOM   353 N  N4    . DC  B 1 9  ? -0.687  1.485   -5.239  1.00 44.84  ? 20  DC  B N4    1 
ATOM   354 C  C5    . DC  B 1 9  ? 0.741   -0.410  -4.935  1.00 29.54  ? 20  DC  B C5    1 
ATOM   355 C  C6    . DC  B 1 9  ? 0.817   -1.730  -4.795  1.00 29.01  ? 20  DC  B C6    1 
ATOM   356 P  P     . DG  B 1 10 ? 0.402   -7.807  -6.603  1.00 44.09  ? 21  DG  B P     1 
ATOM   357 O  OP1   . DG  B 1 10 ? 0.514   -9.231  -6.224  1.00 48.67  ? 21  DG  B OP1   1 
ATOM   358 O  OP2   . DG  B 1 10 ? 1.315   -7.217  -7.607  1.00 44.38  ? 21  DG  B OP2   1 
ATOM   359 O  "O5'" . DG  B 1 10 ? -1.061  -7.490  -7.133  1.00 39.83  ? 21  DG  B "O5'" 1 
ATOM   360 C  "C5'" . DG  B 1 10 ? -2.185  -7.912  -6.401  1.00 35.92  ? 21  DG  B "C5'" 1 
ATOM   361 C  "C4'" . DG  B 1 10 ? -3.462  -7.620  -7.163  1.00 41.65  ? 21  DG  B "C4'" 1 
ATOM   362 O  "O4'" . DG  B 1 10 ? -3.655  -6.187  -7.286  1.00 37.40  ? 21  DG  B "O4'" 1 
ATOM   363 C  "C3'" . DG  B 1 10 ? -3.520  -8.152  -8.580  1.00 43.90  ? 21  DG  B "C3'" 1 
ATOM   364 O  "O3'" . DG  B 1 10 ? -4.882  -8.420  -8.882  1.00 43.21  ? 21  DG  B "O3'" 1 
ATOM   365 C  "C2'" . DG  B 1 10 ? -2.979  -6.965  -9.393  1.00 38.25  ? 21  DG  B "C2'" 1 
ATOM   366 C  "C1'" . DG  B 1 10 ? -3.591  -5.787  -8.643  1.00 37.85  ? 21  DG  B "C1'" 1 
ATOM   367 N  N9    . DG  B 1 10 ? -2.803  -4.561  -8.675  1.00 36.96  ? 21  DG  B N9    1 
ATOM   368 C  C8    . DG  B 1 10 ? -1.450  -4.451  -8.472  1.00 38.20  ? 21  DG  B C8    1 
ATOM   369 N  N7    . DG  B 1 10 ? -1.018  -3.221  -8.499  1.00 39.30  ? 21  DG  B N7    1 
ATOM   370 C  C5    . DG  B 1 10 ? -2.163  -2.464  -8.724  1.00 41.72  ? 21  DG  B C5    1 
ATOM   371 C  C6    . DG  B 1 10 ? -2.312  -1.063  -8.850  1.00 40.19  ? 21  DG  B C6    1 
ATOM   372 O  O6    . DG  B 1 10 ? -1.437  -0.195  -8.789  1.00 39.09  ? 21  DG  B O6    1 
ATOM   373 N  N1    . DG  B 1 10 ? -3.633  -0.699  -9.070  1.00 42.98  ? 21  DG  B N1    1 
ATOM   374 C  C2    . DG  B 1 10 ? -4.684  -1.576  -9.153  1.00 40.80  ? 21  DG  B C2    1 
ATOM   375 N  N2    . DG  B 1 10 ? -5.893  -1.029  -9.366  1.00 50.59  ? 21  DG  B N2    1 
ATOM   376 N  N3    . DG  B 1 10 ? -4.562  -2.900  -9.031  1.00 40.69  ? 21  DG  B N3    1 
ATOM   377 C  C4    . DG  B 1 10 ? -3.270  -3.270  -8.825  1.00 35.23  ? 21  DG  B C4    1 
ATOM   378 P  P     . DA  B 1 11 ? -5.289  -9.423  -10.069 1.00 59.18  ? 22  DA  B P     1 
ATOM   379 O  OP1   . DA  B 1 11 ? -6.203  -10.417 -9.455  1.00 62.87  ? 22  DA  B OP1   1 
ATOM   380 O  OP2   . DA  B 1 11 ? -4.063  -9.890  -10.758 1.00 64.80  ? 22  DA  B OP2   1 
ATOM   381 O  "O5'" . DA  B 1 11 ? -6.126  -8.476  -11.068 1.00 65.05  ? 22  DA  B "O5'" 1 
ATOM   382 C  "C5'" . DA  B 1 11 ? -5.519  -7.299  -11.607 1.00 75.08  ? 22  DA  B "C5'" 1 
ATOM   383 C  "C4'" . DA  B 1 11 ? -6.553  -6.286  -12.062 1.00 85.40  ? 22  DA  B "C4'" 1 
ATOM   384 O  "O4'" . DA  B 1 11 ? -6.083  -4.952  -11.737 1.00 85.85  ? 22  DA  B "O4'" 1 
ATOM   385 C  "C3'" . DA  B 1 11 ? -6.803  -6.257  -13.564 1.00 98.04  ? 22  DA  B "C3'" 1 
ATOM   386 O  "O3'" . DA  B 1 11 ? -8.105  -5.743  -13.834 1.00 101.51 ? 22  DA  B "O3'" 1 
ATOM   387 C  "C2'" . DA  B 1 11 ? -5.716  -5.303  -14.052 1.00 99.04  ? 22  DA  B "C2'" 1 
ATOM   388 C  "C1'" . DA  B 1 11 ? -5.690  -4.273  -12.924 1.00 91.81  ? 22  DA  B "C1'" 1 
ATOM   389 N  N9    . DA  B 1 11 ? -4.379  -3.653  -12.696 1.00 86.67  ? 22  DA  B N9    1 
ATOM   390 C  C8    . DA  B 1 11 ? -4.128  -2.317  -12.529 1.00 88.86  ? 22  DA  B C8    1 
ATOM   391 N  N7    . DA  B 1 11 ? -2.864  -2.032  -12.324 1.00 80.34  ? 22  DA  B N7    1 
ATOM   392 C  C5    . DA  B 1 11 ? -2.234  -3.264  -12.359 1.00 71.67  ? 22  DA  B C5    1 
ATOM   393 C  C6    . DA  B 1 11 ? -0.885  -3.638  -12.206 1.00 67.20  ? 22  DA  B C6    1 
ATOM   394 N  N6    . DA  B 1 11 ? 0.104   -2.760  -11.983 1.00 58.34  ? 22  DA  B N6    1 
ATOM   395 N  N1    . DA  B 1 11 ? -0.591  -4.956  -12.290 1.00 65.90  ? 22  DA  B N1    1 
ATOM   396 C  C2    . DA  B 1 11 ? -1.587  -5.827  -12.518 1.00 47.71  ? 22  DA  B C2    1 
ATOM   397 N  N3    . DA  B 1 11 ? -2.885  -5.595  -12.678 1.00 59.40  ? 22  DA  B N3    1 
ATOM   398 C  C4    . DA  B 1 11 ? -3.149  -4.280  -12.584 1.00 74.63  ? 22  DA  B C4    1 
HETATM 399 O  O1    . CDR C 2 .  ? 1.220   -7.883  -1.696  1.00 30.46  ? 1   CDR C O1    1 
HETATM 400 C  C1    . CDR C 2 .  ? -0.112  -8.219  -1.257  1.00 34.83  ? 1   CDR C C1    1 
HETATM 401 C  C2    . CDR C 2 .  ? -1.161  -7.626  -2.203  1.00 31.34  ? 1   CDR C C2    1 
HETATM 402 C  C3    . CDR C 2 .  ? -2.575  -8.079  -1.843  1.00 31.72  ? 1   CDR C C3    1 
HETATM 403 C  C4    . CDR C 2 .  ? -2.632  -9.574  -1.541  1.00 33.51  ? 1   CDR C C4    1 
HETATM 404 O  O4    . CDR C 2 .  ? -3.913  -9.899  -0.976  1.00 33.68  ? 1   CDR C O4    1 
HETATM 405 C  C5    . CDR C 2 .  ? -1.522  -9.958  -0.567  1.00 44.46  ? 1   CDR C C5    1 
HETATM 406 O  O5    . CDR C 2 .  ? -0.268  -9.631  -1.159  1.00 42.60  ? 1   CDR C O5    1 
HETATM 407 C  C6    . CDR C 2 .  ? -1.549  -11.443 -0.225  1.00 48.42  ? 1   CDR C C6    1 
HETATM 408 O  O1    . CDR C 2 .  ? -3.304  -7.668  -2.934  1.00 30.53  ? 2   CDR C O1    1 
HETATM 409 C  C1    . CDR C 2 .  ? -4.638  -7.211  -2.720  1.00 30.88  ? 2   CDR C C1    1 
HETATM 410 C  C2    . CDR C 2 .  ? -5.140  -6.544  -4.000  1.00 30.35  ? 2   CDR C C2    1 
HETATM 411 C  C3    . CDR C 2 .  ? -6.608  -6.169  -3.856  1.00 29.32  ? 2   CDR C C3    1 
HETATM 412 C  C4    . CDR C 2 .  ? -7.422  -7.359  -3.374  1.00 29.01  ? 2   CDR C C4    1 
HETATM 413 O  O4    . CDR C 2 .  ? -8.778  -6.955  -3.105  1.00 30.03  ? 2   CDR C O4    1 
HETATM 414 C  C5    . CDR C 2 .  ? -6.801  -7.944  -2.115  1.00 24.25  ? 2   CDR C C5    1 
HETATM 415 O  O5    . CDR C 2 .  ? -5.458  -8.337  -2.403  1.00 30.41  ? 2   CDR C O5    1 
HETATM 416 C  C6    . CDR C 2 .  ? -7.571  -9.166  -1.638  1.00 30.39  ? 2   CDR C C6    1 
HETATM 417 O  O1    . ERI C 2 .  ? -7.051  -6.052  -5.154  1.00 31.91  ? 3   ERI C O1    1 
HETATM 418 C  C1    . ERI C 2 .  ? -6.653  -4.990  -6.031  1.00 35.36  ? 3   ERI C C1    1 
HETATM 419 C  C2    . ERI C 2 .  ? -7.235  -5.161  -7.440  1.00 33.93  ? 3   ERI C C2    1 
HETATM 420 C  C3    . ERI C 2 .  ? -8.734  -4.894  -7.498  1.00 37.66  ? 3   ERI C C3    1 
HETATM 421 O  O3    . ERI C 2 .  ? -9.132  -4.738  -8.862  1.00 41.78  ? 3   ERI C O3    1 
HETATM 422 C  CC3   . ERI C 2 .  ? -9.512  -6.060  -6.898  1.00 34.42  ? 3   ERI C CC3   1 
HETATM 423 C  C4    . ERI C 2 .  ? -9.059  -3.579  -6.800  1.00 34.73  ? 3   ERI C C4    1 
HETATM 424 O  O4    . ERI C 2 .  ? -10.474 -3.442  -6.709  1.00 39.80  ? 3   ERI C O4    1 
HETATM 425 C  CME   . ERI C 2 .  ? -12.496 -1.974  -7.063  1.00 43.77  ? 3   ERI C CME   1 
HETATM 426 C  CO4   . ERI C 2 .  ? -11.034 -2.227  -7.284  1.00 40.50  ? 3   ERI C CO4   1 
HETATM 427 O  OC4   . ERI C 2 .  ? -10.338 -1.502  -7.974  1.00 43.87  ? 3   ERI C OC4   1 
HETATM 428 C  C5    . ERI C 2 .  ? -8.466  -3.577  -5.397  1.00 31.62  ? 3   ERI C C5    1 
HETATM 429 O  O5    . ERI C 2 .  ? -7.051  -3.741  -5.470  1.00 33.25  ? 3   ERI C O5    1 
HETATM 430 C  C6    . ERI C 2 .  ? -8.766  -2.269  -4.683  1.00 28.65  ? 3   ERI C C6    1 
HETATM 431 O  O1    . ARI D 3 .  ? -7.542  -3.755  -1.256  1.00 26.42  ? 1   ARI D O1    1 
HETATM 432 C  C1    . ARI D 3 .  ? -8.770  -4.034  -0.565  1.00 26.75  ? 1   ARI D C1    1 
HETATM 433 C  C2    . ARI D 3 .  ? -9.853  -3.131  -1.140  1.00 22.09  ? 1   ARI D C2    1 
HETATM 434 C  C3    . ARI D 3 .  ? -11.225 -3.480  -0.561  1.00 21.87  ? 1   ARI D C3    1 
HETATM 435 C  C4    . ARI D 3 .  ? -11.485 -4.964  -0.786  1.00 23.37  ? 1   ARI D C4    1 
HETATM 436 O  O4    . ARI D 3 .  ? -11.364 -5.234  -2.179  1.00 29.13  ? 1   ARI D O4    1 
HETATM 437 C  CME   . ARI D 3 .  ? -12.451 -5.405  -4.431  1.00 32.67  ? 1   ARI D CME   1 
HETATM 438 C  CO4   . ARI D 3 .  ? -12.580 -5.368  -2.938  1.00 31.26  ? 1   ARI D CO4   1 
HETATM 439 O  OC4   . ARI D 3 .  ? -13.658 -5.348  -2.358  1.00 27.46  ? 1   ARI D OC4   1 
HETATM 440 C  C5    . ARI D 3 .  ? -10.369 -5.717  -0.100  1.00 23.65  ? 1   ARI D C5    1 
HETATM 441 O  O5    . ARI D 3 .  ? -9.142  -5.406  -0.756  1.00 23.74  ? 1   ARI D O5    1 
HETATM 442 C  C6    . ARI D 3 .  ? -10.581 -7.229  -0.101  1.00 25.34  ? 1   ARI D C6    1 
HETATM 443 O  O1    . 1GL D 3 .  ? -12.030 -2.715  -1.373  1.00 25.39  ? 2   1GL D O1    1 
HETATM 444 C  C1    . 1GL D 3 .  ? -13.291 -2.470  -0.730  1.00 28.62  ? 2   1GL D C1    1 
HETATM 445 C  C2    . 1GL D 3 .  ? -14.338 -1.966  -1.730  1.00 24.81  ? 2   1GL D C2    1 
HETATM 446 C  C3    . 1GL D 3 .  ? -14.056 -0.549  -2.201  1.00 28.84  ? 2   1GL D C3    1 
HETATM 447 O  O3    . 1GL D 3 .  ? -15.155 -0.090  -2.998  1.00 32.77  ? 2   1GL D O3    1 
HETATM 448 C  C4    . 1GL D 3 .  ? -13.890 0.353   -0.985  1.00 29.86  ? 2   1GL D C4    1 
HETATM 449 O  O4    . 1GL D 3 .  ? -15.095 0.350   -0.223  1.00 35.25  ? 2   1GL D O4    1 
HETATM 450 C  CME   . 1GL D 3 .  ? -15.895 1.509   -0.468  1.00 40.92  ? 2   1GL D CME   1 
HETATM 451 C  C5    . 1GL D 3 .  ? -12.779 -0.198  -0.108  1.00 29.20  ? 2   1GL D C5    1 
HETATM 452 O  O5    . 1GL D 3 .  ? -13.107 -1.517  0.320   1.00 27.38  ? 2   1GL D O5    1 
HETATM 453 C  C6    . 1GL D 3 .  ? -12.608 0.683   1.129   1.00 33.10  ? 2   1GL D C6    1 
HETATM 454 O  O1    . ARI E 3 .  ? 7.948   -1.852  2.431   1.00 25.64  ? 1   ARI E O1    1 
HETATM 455 C  C1    . ARI E 3 .  ? 9.238   -2.137  1.854   1.00 29.84  ? 1   ARI E C1    1 
HETATM 456 C  C2    . ARI E 3 .  ? 10.160  -0.945  2.072   1.00 23.29  ? 1   ARI E C2    1 
HETATM 457 C  C3    . ARI E 3 .  ? 11.578  -1.259  1.580   1.00 22.69  ? 1   ARI E C3    1 
HETATM 458 C  C4    . ARI E 3 .  ? 12.054  -2.556  2.236   1.00 23.34  ? 1   ARI E C4    1 
HETATM 459 O  O4    . ARI E 3 .  ? 11.980  -2.405  3.649   1.00 28.45  ? 1   ARI E O4    1 
HETATM 460 C  CME   . ARI E 3 .  ? 13.058  -1.594  5.769   1.00 38.21  ? 1   ARI E CME   1 
HETATM 461 C  CO4   . ARI E 3 .  ? 13.193  -2.053  4.352   1.00 32.64  ? 1   ARI E CO4   1 
HETATM 462 O  OC4   . ARI E 3 .  ? 14.267  -2.091  3.771   1.00 28.45  ? 1   ARI E OC4   1 
HETATM 463 C  C5    . ARI E 3 .  ? 11.071  -3.646  1.891   1.00 24.39  ? 1   ARI E C5    1 
HETATM 464 O  O5    . ARI E 3 .  ? 9.824   -3.296  2.479   1.00 25.92  ? 1   ARI E O5    1 
HETATM 465 C  C6    . ARI E 3 .  ? 11.501  -5.020  2.408   1.00 25.16  ? 1   ARI E C6    1 
HETATM 466 O  O1    . 1GL E 3 .  ? 12.320  -0.206  2.064   1.00 24.26  ? 2   1GL E O1    1 
HETATM 467 C  C1    . 1GL E 3 .  ? 13.551  0.002   1.341   1.00 26.88  ? 2   1GL E C1    1 
HETATM 468 C  C2    . 1GL E 3 .  ? 14.488  0.973   2.065   1.00 23.93  ? 2   1GL E C2    1 
HETATM 469 C  C3    . 1GL E 3 .  ? 13.948  2.395   2.064   1.00 29.67  ? 2   1GL E C3    1 
HETATM 470 O  O3    . 1GL E 3 .  ? 14.930  3.272   2.614   1.00 32.17  ? 2   1GL E O3    1 
HETATM 471 C  C4    . 1GL E 3 .  ? 13.638  2.810   0.630   1.00 28.73  ? 2   1GL E C4    1 
HETATM 472 O  O4    . 1GL E 3 .  ? 14.833  2.785   -0.144  1.00 32.79  ? 2   1GL E O4    1 
HETATM 473 C  CME   . 1GL E 3 .  ? 15.367  4.093   -0.369  1.00 36.40  ? 2   1GL E CME   1 
HETATM 474 C  C5    . 1GL E 3 .  ? 12.664  1.809   0.027   1.00 28.32  ? 2   1GL E C5    1 
HETATM 475 O  O5    . 1GL E 3 .  ? 13.235  0.506   0.041   1.00 28.59  ? 2   1GL E O5    1 
HETATM 476 C  C6    . 1GL E 3 .  ? 12.352  2.168   -1.424  1.00 35.21  ? 2   1GL E C6    1 
HETATM 477 O  O1    . CDR F 2 .  ? -0.084  -6.972  4.405   1.00 29.67  ? 1   CDR F O1    1 
HETATM 478 C  C1    . CDR F 2 .  ? 1.313   -7.170  4.089   1.00 34.69  ? 1   CDR F C1    1 
HETATM 479 C  C2    . CDR F 2 .  ? 2.207   -6.116  4.752   1.00 32.38  ? 1   CDR F C2    1 
HETATM 480 C  C3    . CDR F 2 .  ? 3.688   -6.417  4.518   1.00 28.99  ? 1   CDR F C3    1 
HETATM 481 C  C4    . CDR F 2 .  ? 3.992   -7.893  4.764   1.00 34.25  ? 1   CDR F C4    1 
HETATM 482 O  O4    . CDR F 2 .  ? 5.322   -8.208  4.331   1.00 36.52  ? 1   CDR F O4    1 
HETATM 483 C  C5    . CDR F 2 .  ? 3.009   -8.770  4.004   1.00 38.75  ? 1   CDR F C5    1 
HETATM 484 O  O5    . CDR F 2 .  ? 1.709   -8.476  4.486   1.00 38.73  ? 1   CDR F O5    1 
HETATM 485 C  C6    . CDR F 2 .  ? 3.279   -10.254 4.219   1.00 43.04  ? 1   CDR F C6    1 
HETATM 486 O  O1    . CDR F 2 .  ? 4.364   -5.609  5.403   1.00 30.40  ? 2   CDR F O1    1 
HETATM 487 C  C1    . CDR F 2 .  ? 5.627   -5.039  5.039   1.00 31.93  ? 2   CDR F C1    1 
HETATM 488 C  C2    . CDR F 2 .  ? 5.993   -3.910  6.001   1.00 30.43  ? 2   CDR F C2    1 
HETATM 489 C  C3    . CDR F 2 .  ? 7.386   -3.374  5.679   1.00 28.82  ? 2   CDR F C3    1 
HETATM 490 C  C4    . CDR F 2 .  ? 8.388   -4.512  5.634   1.00 26.74  ? 2   CDR F C4    1 
HETATM 491 O  O4    . CDR F 2 .  ? 9.676   -4.008  5.245   1.00 30.77  ? 2   CDR F O4    1 
HETATM 492 C  C5    . CDR F 2 .  ? 7.906   -5.587  4.675   1.00 26.04  ? 2   CDR F C5    1 
HETATM 493 O  O5    . CDR F 2 .  ? 6.623   -6.055  5.117   1.00 32.29  ? 2   CDR F O5    1 
HETATM 494 C  C6    . CDR F 2 .  ? 8.870   -6.759  4.646   1.00 29.45  ? 2   CDR F C6    1 
HETATM 495 O  O1    . ERI F 2 .  ? 7.843   -2.816  6.853   1.00 31.17  ? 3   ERI F O1    1 
HETATM 496 C  C1    . ERI F 2 .  ? 7.211   -1.619  7.329   1.00 34.11  ? 3   ERI F C1    1 
HETATM 497 C  C2    . ERI F 2 .  ? 7.762   -1.199  8.695   1.00 33.54  ? 3   ERI F C2    1 
HETATM 498 C  C3    . ERI F 2 .  ? 9.182   -0.651  8.637   1.00 36.61  ? 3   ERI F C3    1 
HETATM 499 O  O3    . ERI F 2 .  ? 9.465   0.029   9.869   1.00 40.59  ? 3   ERI F O3    1 
HETATM 500 C  CC3   . ERI F 2 .  ? 10.192  -1.778  8.475   1.00 37.62  ? 3   ERI F CC3   1 
HETATM 501 C  C4    . ERI F 2 .  ? 9.305   0.379   7.517   1.00 30.85  ? 3   ERI F C4    1 
HETATM 502 O  O4    . ERI F 2 .  ? 10.677  0.732   7.338   1.00 36.31  ? 3   ERI F O4    1 
HETATM 503 C  CME   . ERI F 2 .  ? 12.453  2.534   7.358   1.00 47.25  ? 3   ERI F CME   1 
HETATM 504 C  CO4   . ERI F 2 .  ? 11.027  2.122   7.588   1.00 38.20  ? 3   ERI F CO4   1 
HETATM 505 O  OC4   . ERI F 2 .  ? 10.190  2.884   8.032   1.00 41.82  ? 3   ERI F OC4   1 
HETATM 506 C  C5    . ERI F 2 .  ? 8.762   -0.190  6.208   1.00 31.10  ? 3   ERI F C5    1 
HETATM 507 O  O5    . ERI F 2 .  ? 7.389   -0.573  6.371   1.00 32.22  ? 3   ERI F O5    1 
HETATM 508 C  C6    . ERI F 2 .  ? 8.870   0.843   5.099   1.00 27.90  ? 3   ERI F C6    1 
HETATM 509 C  C1    . CPH G 4 .  ? -1.138  -6.277  2.455   1.00 27.43  ? 106 CPH A C1    1 
HETATM 510 O  O1    . CPH G 4 .  ? -0.194  -5.530  2.241   1.00 27.89  ? 106 CPH A O1    1 
HETATM 511 C  C2    . CPH G 4 .  ? -0.966  -7.413  3.441   1.00 32.58  ? 106 CPH A C2    1 
HETATM 512 C  C3    . CPH G 4 .  ? -2.217  -7.507  4.303   1.00 30.02  ? 106 CPH A C3    1 
HETATM 513 C  C4    . CPH G 4 .  ? -3.472  -7.697  3.455   1.00 32.24  ? 106 CPH A C4    1 
HETATM 514 C  C5    . CPH G 4 .  ? -6.267  -5.290  0.189   1.00 24.66  ? 106 CPH A C5    1 
HETATM 515 C  C6    . CPH G 4 .  ? -6.382  -4.370  -0.850  1.00 24.88  ? 106 CPH A C6    1 
HETATM 516 C  C7    . CPH G 4 .  ? -5.257  -3.717  -1.364  1.00 21.12  ? 106 CPH A C7    1 
HETATM 517 C  C8    . CPH G 4 .  ? -4.011  -3.949  -0.813  1.00 23.81  ? 106 CPH A C8    1 
HETATM 518 O  O8    . CPH G 4 .  ? -2.954  -3.286  -1.329  1.00 25.37  ? 106 CPH A O8    1 
HETATM 519 C  C9    . CPH G 4 .  ? -2.603  -5.108  0.791   1.00 28.66  ? 106 CPH A C9    1 
HETATM 520 O  O9    . CPH G 4 .  ? -1.531  -4.451  0.294   1.00 25.14  ? 106 CPH A O9    1 
HETATM 521 C  "C1'" . CPH G 4 .  ? -2.036  -8.661  5.294   1.00 34.28  ? 106 CPH A "C1'" 1 
HETATM 522 O  "O1'" . CPH G 4 .  ? -2.025  -9.873  4.542   1.00 36.51  ? 106 CPH A "O1'" 1 
HETATM 523 C  C10   . CPH G 4 .  ? -4.859  -6.472  1.787   1.00 33.33  ? 106 CPH A C10   1 
HETATM 524 C  "C2'" . CPH G 4 .  ? -3.169  -8.735  6.268   1.00 47.25  ? 106 CPH A "C2'" 1 
HETATM 525 O  "O2'" . CPH G 4 .  ? -4.080  -9.503  6.036   1.00 40.47  ? 106 CPH A "O2'" 1 
HETATM 526 C  "C3'" . CPH G 4 .  ? -3.187  -7.907  7.519   1.00 59.08  ? 106 CPH A "C3'" 1 
HETATM 527 O  "O3'" . CPH G 4 .  ? -2.513  -6.665  7.310   1.00 61.00  ? 106 CPH A "O3'" 1 
HETATM 528 C  "C4'" . CPH G 4 .  ? -4.634  -7.631  7.887   1.00 66.74  ? 106 CPH A "C4'" 1 
HETATM 529 O  "O4'" . CPH G 4 .  ? -5.399  -7.580  6.683   1.00 75.09  ? 106 CPH A "O4'" 1 
HETATM 530 C  C4A   . CPH G 4 .  ? -3.594  -6.695  2.321   1.00 27.68  ? 106 CPH A C4A   1 
HETATM 531 C  "C5'" . CPH G 4 .  ? -4.759  -6.301  8.616   1.00 70.05  ? 106 CPH A "C5'" 1 
HETATM 532 C  C5A   . CPH G 4 .  ? -5.027  -5.556  0.755   1.00 26.09  ? 106 CPH A C5A   1 
HETATM 533 C  C8A   . CPH G 4 .  ? -3.847  -4.857  0.226   1.00 22.43  ? 106 CPH A C8A   1 
HETATM 534 C  C9A   . CPH G 4 .  ? -2.471  -6.025  1.823   1.00 26.66  ? 106 CPH A C9A   1 
HETATM 535 C  CC7   . CPH G 4 .  ? -5.374  -2.711  -2.491  1.00 22.37  ? 106 CPH A CC7   1 
HETATM 536 C  CME   . CPH G 4 .  ? -1.072  -10.801 5.057   1.00 43.46  ? 106 CPH A CME   1 
HETATM 537 CO CO    . CO  H 5 .  ? 0.338   -4.191  0.803   1.00 28.94  ? 107 CO  A CO    1 
HETATM 538 CO CO    . CO  I 5 .  ? -4.549  6.090   -3.065  1.00 47.96  ? 108 CO  A CO    1 
HETATM 539 C  C1    . CPH J 4 .  ? 2.118   -6.465  -0.090  1.00 28.66  ? 103 CPH B C1    1 
HETATM 540 O  O1    . CPH J 4 .  ? 1.070   -5.838  -0.115  1.00 26.42  ? 103 CPH B O1    1 
HETATM 541 C  C2    . CPH J 4 .  ? 2.144   -7.869  -0.671  1.00 33.86  ? 103 CPH B C2    1 
HETATM 542 C  C3    . CPH J 4 .  ? 3.438   -8.072  -1.452  1.00 31.02  ? 103 CPH B C3    1 
HETATM 543 C  C4    . CPH J 4 .  ? 4.667   -7.761  -0.605  1.00 32.10  ? 103 CPH B C4    1 
HETATM 544 C  C5    . CPH J 4 .  ? 6.997   -4.024  1.600   1.00 25.79  ? 103 CPH B C5    1 
HETATM 545 C  C6    . CPH J 4 .  ? 6.965   -2.804  2.276   1.00 23.93  ? 103 CPH B C6    1 
HETATM 546 C  C7    . CPH J 4 .  ? 5.743   -2.191  2.569   1.00 21.34  ? 103 CPH B C7    1 
HETATM 547 C  C8    . CPH J 4 .  ? 4.552   -2.774  2.160   1.00 22.95  ? 103 CPH B C8    1 
HETATM 548 O  O8    . CPH J 4 .  ? 3.398   -2.142  2.450   1.00 26.23  ? 103 CPH B O8    1 
HETATM 549 C  C9    . CPH J 4 .  ? 3.355   -4.592  1.073   1.00 29.65  ? 103 CPH B C9    1 
HETATM 550 O  O9    . CPH J 4 .  ? 2.198   -3.958  1.351   1.00 25.47  ? 103 CPH B O9    1 
HETATM 551 C  "C1'" . CPH J 4 .  ? 3.513   -9.511  -1.988  1.00 33.98  ? 103 CPH B "C1'" 1 
HETATM 552 O  "O1'" . CPH J 4 .  ? 3.614   -10.384 -0.861  1.00 36.66  ? 103 CPH B "O1'" 1 
HETATM 553 C  C10   . CPH J 4 .  ? 5.802   -5.864  0.526   1.00 31.94  ? 103 CPH B C10   1 
HETATM 554 C  "C2'" . CPH J 4 .  ? 4.725   -9.746  -2.849  1.00 43.27  ? 103 CPH B "C2'" 1 
HETATM 555 O  "O2'" . CPH J 4 .  ? 5.672   -10.362 -2.387  1.00 37.97  ? 103 CPH B "O2'" 1 
HETATM 556 C  "C3'" . CPH J 4 .  ? 4.794   -9.276  -4.275  1.00 55.10  ? 103 CPH B "C3'" 1 
HETATM 557 O  "O3'" . CPH J 4 .  ? 3.735   -8.360  -4.575  1.00 60.16  ? 103 CPH B "O3'" 1 
HETATM 558 C  "C4'" . CPH J 4 .  ? 6.130   -8.593  -4.524  1.00 52.74  ? 103 CPH B "C4'" 1 
HETATM 559 O  "O4'" . CPH J 4 .  ? 6.284   -7.492  -3.615  1.00 56.48  ? 103 CPH B "O4'" 1 
HETATM 560 C  C4A   . CPH J 4 .  ? 4.602   -6.433  0.125   1.00 25.26  ? 103 CPH B C4A   1 
HETATM 561 C  "C5'" . CPH J 4 .  ? 6.184   -8.074  -5.953  1.00 54.92  ? 103 CPH B "C5'" 1 
HETATM 562 C  C5A   . CPH J 4 .  ? 5.815   -4.640  1.190   1.00 25.21  ? 103 CPH B C5A   1 
HETATM 563 C  C8A   . CPH J 4 .  ? 4.537   -3.988  1.489   1.00 23.33  ? 103 CPH B C8A   1 
HETATM 564 C  C9A   . CPH J 4 .  ? 3.378   -5.816  0.407   1.00 26.19  ? 103 CPH B C9A   1 
HETATM 565 C  CC7   . CPH J 4 .  ? 5.691   -0.864  3.297   1.00 22.76  ? 103 CPH B CC7   1 
HETATM 566 C  CME   . CPH J 4 .  ? 2.855   -11.585 -1.039  1.00 40.34  ? 103 CPH B CME   1 
HETATM 567 CO CO    . CO  K 5 .  ? 3.516   7.417   0.924   1.00 47.93  ? 107 CO  B CO    1 
HETATM 568 O  O     . HOH L 6 .  ? -5.667  6.849   -1.268  1.00 45.01  ? 201 HOH A O     1 
HETATM 569 O  O     . HOH L 6 .  ? -0.042  -2.493  1.993   1.00 23.36  ? 202 HOH A O     1 
HETATM 570 O  O     . HOH L 6 .  ? -2.758  6.316   -2.140  1.00 37.25  ? 203 HOH A O     1 
HETATM 571 O  O     . HOH L 6 .  ? -11.540 -5.167  -9.787  1.00 48.89  ? 204 HOH A O     1 
HETATM 572 O  O     . HOH L 6 .  ? -10.096 -2.925  2.589   1.00 33.11  ? 205 HOH A O     1 
HETATM 573 O  O     . HOH L 6 .  ? -17.477 -1.367  -2.780  1.00 35.95  ? 206 HOH A O     1 
HETATM 574 O  O     . HOH L 6 .  ? 10.324  -4.746  12.271  1.00 61.14  ? 207 HOH A O     1 
HETATM 575 O  O     . HOH L 6 .  ? -10.879 4.837   -4.158  1.00 44.84  ? 208 HOH A O     1 
HETATM 576 O  O     . HOH L 6 .  ? -10.695 -8.737  -3.811  1.00 31.59  ? 209 HOH A O     1 
HETATM 577 O  O     . HOH L 6 .  ? -5.259  -10.872 1.174   1.00 39.90  ? 210 HOH A O     1 
HETATM 578 O  O     . HOH L 6 .  ? -15.989 -5.326  -3.850  1.00 37.12  ? 211 HOH A O     1 
HETATM 579 O  O     . HOH L 6 .  ? 0.294   -10.633 -3.679  1.00 45.17  ? 212 HOH A O     1 
HETATM 580 O  O     . HOH L 6 .  ? -3.951  -11.534 3.433   1.00 43.29  ? 213 HOH A O     1 
HETATM 581 O  O     . HOH L 6 .  ? -1.461  0.173   9.056   1.00 48.62  ? 214 HOH A O     1 
HETATM 582 O  O     . HOH L 6 .  ? 1.308   -8.531  7.297   1.00 43.19  ? 215 HOH A O     1 
HETATM 583 O  O     . HOH L 6 .  ? -19.480 -2.964  -5.634  1.00 38.57  ? 216 HOH A O     1 
HETATM 584 O  O     . HOH L 6 .  ? -3.720  5.445   -4.997  1.00 43.17  ? 217 HOH A O     1 
HETATM 585 O  O     . HOH L 6 .  ? -11.177 1.050   4.516   1.00 54.66  ? 218 HOH A O     1 
HETATM 586 O  O     . HOH L 6 .  ? -1.610  2.462   8.830   1.00 51.60  ? 219 HOH A O     1 
HETATM 587 O  O     . HOH L 6 .  ? -12.296 3.888   3.888   1.00 48.46  ? 220 HOH A O     1 
HETATM 588 O  O     . HOH L 6 .  ? -6.348  6.029   -4.004  1.00 45.33  ? 221 HOH A O     1 
HETATM 589 O  O     . HOH L 6 .  ? -8.872  8.559   -3.201  1.00 67.07  ? 222 HOH A O     1 
HETATM 590 O  O     . HOH L 6 .  ? -12.489 2.844   -2.980  1.00 37.96  ? 223 HOH A O     1 
HETATM 591 O  O     . HOH L 6 .  ? -8.817  -1.333  5.660   1.00 61.17  ? 224 HOH A O     1 
HETATM 592 O  O     . HOH L 6 .  ? -14.171 -1.626  3.705   1.00 42.39  ? 225 HOH A O     1 
HETATM 593 O  O     . HOH L 6 .  ? -7.994  -4.558  3.391   1.00 61.11  ? 226 HOH A O     1 
HETATM 594 O  O     . HOH L 6 .  ? -6.104  -12.904 -0.524  1.00 58.13  ? 227 HOH A O     1 
HETATM 595 O  O     . HOH L 6 .  ? -8.407  -7.090  2.814   1.00 38.22  ? 228 HOH A O     1 
HETATM 596 O  O     . HOH L 6 .  ? -4.311  8.228   -3.483  1.00 47.82  ? 229 HOH A O     1 
HETATM 597 O  O     . HOH L 6 .  ? -16.188 7.052   -8.994  1.00 71.93  ? 230 HOH A O     1 
HETATM 598 O  O     . HOH L 6 .  ? -4.657  2.296   8.548   1.00 67.88  ? 231 HOH A O     1 
HETATM 599 O  O     . HOH L 6 .  ? 0.685   -12.838 2.218   1.00 56.94  ? 232 HOH A O     1 
HETATM 600 O  O     . HOH L 6 .  ? -7.649  -9.458  1.862   1.00 38.18  ? 233 HOH A O     1 
HETATM 601 O  O     . HOH L 6 .  ? -13.567 -7.969  -7.086  1.00 45.62  ? 234 HOH A O     1 
HETATM 602 O  O     . HOH L 6 .  ? -10.126 -10.786 0.909   1.00 36.04  ? 235 HOH A O     1 
HETATM 603 O  O     . HOH L 6 .  ? -6.144  -15.662 4.603   1.00 65.57  ? 236 HOH A O     1 
HETATM 604 O  O     . HOH L 6 .  ? -7.633  -16.670 3.209   1.00 83.58  ? 237 HOH A O     1 
HETATM 605 O  O     . HOH M 6 .  ? 8.367   -7.797  -2.354  1.00 52.47  ? 201 HOH B O     1 
HETATM 606 O  O     . HOH M 6 .  ? 4.477   7.697   -1.066  1.00 43.01  ? 202 HOH B O     1 
HETATM 607 O  O     . HOH M 6 .  ? 10.510  -2.013  -1.571  1.00 34.93  ? 203 HOH B O     1 
HETATM 608 O  O     . HOH M 6 .  ? 7.780   1.714   11.001  1.00 56.98  ? 204 HOH B O     1 
HETATM 609 O  O     . HOH M 6 .  ? 1.530   -2.512  -8.460  1.00 45.80  ? 205 HOH B O     1 
HETATM 610 O  O     . HOH M 6 .  ? 1.762   7.078   -0.018  1.00 36.85  ? 206 HOH B O     1 
HETATM 611 O  O     . HOH M 6 .  ? 17.410  2.327   2.808   1.00 33.30  ? 207 HOH B O     1 
HETATM 612 O  O     . HOH M 6 .  ? 0.505   -3.072  -0.940  1.00 24.44  ? 208 HOH B O     1 
HETATM 613 O  O     . HOH M 6 .  ? 3.075   -5.338  -8.416  1.00 48.38  ? 209 HOH B O     1 
HETATM 614 O  O     . HOH M 6 .  ? 9.924   7.576   2.191   1.00 41.05  ? 210 HOH B O     1 
HETATM 615 O  O     . HOH M 6 .  ? 16.459  -1.236  5.192   1.00 36.18  ? 211 HOH B O     1 
HETATM 616 O  O     . HOH M 6 .  ? 11.819  -5.270  6.421   1.00 31.23  ? 212 HOH B O     1 
HETATM 617 O  O     . HOH M 6 .  ? 19.442  2.269   5.986   1.00 43.91  ? 213 HOH B O     1 
HETATM 618 O  O     . HOH M 6 .  ? 5.877   -11.273 0.589   1.00 43.49  ? 214 HOH B O     1 
HETATM 619 O  O     . HOH M 6 .  ? 6.867   -9.729  2.452   1.00 40.76  ? 215 HOH B O     1 
HETATM 620 O  O     . HOH M 6 .  ? 2.557   7.316   2.850   1.00 41.24  ? 216 HOH B O     1 
HETATM 621 O  O     . HOH M 6 .  ? 10.873  1.513   -4.668  1.00 53.27  ? 217 HOH B O     1 
HETATM 622 O  O     . HOH M 6 .  ? 6.236   1.362   -5.132  1.00 49.08  ? 218 HOH B O     1 
HETATM 623 O  O     . HOH M 6 .  ? 9.092   -1.291  -5.061  1.00 72.74  ? 219 HOH B O     1 
HETATM 624 O  O     . HOH M 6 .  ? 5.166   7.923   1.800   1.00 45.13  ? 220 HOH B O     1 
HETATM 625 O  O     . HOH M 6 .  ? 3.981   0.138   -5.126  1.00 55.36  ? 221 HOH B O     1 
HETATM 626 O  O     . HOH M 6 .  ? 2.862   -1.945  -11.056 1.00 57.60  ? 222 HOH B O     1 
HETATM 627 O  O     . HOH M 6 .  ? 1.815   3.144   -5.630  1.00 46.39  ? 223 HOH B O     1 
HETATM 628 O  O     . HOH M 6 .  ? 8.846   4.803   9.955   1.00 65.10  ? 224 HOH B O     1 
HETATM 629 O  O     . HOH M 6 .  ? 12.248  5.460   9.523   1.00 60.68  ? 225 HOH B O     1 
HETATM 630 O  O     . HOH M 6 .  ? -3.583  -8.509  -13.632 1.00 58.21  ? 226 HOH B O     1 
HETATM 631 O  O     . HOH M 6 .  ? 18.599  10.580  -1.508  1.00 62.55  ? 227 HOH B O     1 
HETATM 632 O  O     . HOH M 6 .  ? -7.246  -9.976  -6.447  1.00 69.63  ? 228 HOH B O     1 
HETATM 633 O  O     . HOH M 6 .  ? -0.969  -8.914  -11.594 1.00 62.68  ? 229 HOH B O     1 
HETATM 634 O  O     . HOH M 6 .  ? 0.948   -9.490  -10.405 1.00 59.24  ? 230 HOH B O     1 
HETATM 635 O  O     . HOH M 6 .  ? 14.279  -0.548  -3.300  1.00 42.51  ? 231 HOH B O     1 
HETATM 636 O  O     . HOH M 6 .  ? 8.171   -10.873 4.644   1.00 49.26  ? 232 HOH B O     1 
HETATM 637 O  O     . HOH M 6 .  ? 2.081   0.699   -11.978 1.00 80.78  ? 233 HOH B O     1 
HETATM 638 O  O     . HOH M 6 .  ? 9.542   -6.285  -0.353  1.00 39.61  ? 234 HOH B O     1 
HETATM 639 O  O     . HOH M 6 .  ? 3.025   9.560   0.912   1.00 46.40  ? 235 HOH B O     1 
HETATM 640 O  O     . HOH M 6 .  ? 11.648  -2.282  -5.689  1.00 64.22  ? 236 HOH B O     1 
HETATM 641 O  O     . HOH M 6 .  ? 12.207  -7.955  5.712   1.00 35.11  ? 237 HOH B O     1 
HETATM 642 O  O     . HOH M 6 .  ? 9.110   -8.178  1.528   1.00 39.73  ? 238 HOH B O     1 
HETATM 643 O  O     . HOH M 6 .  ? 0.908   -14.631 -0.398  1.00 60.23  ? 239 HOH B O     1 
HETATM 644 O  O     . HOH M 6 .  ? 12.235  -6.411  -0.866  1.00 42.32  ? 240 HOH B O     1 
# 
loop_
_atom_site_anisotrop.id 
_atom_site_anisotrop.type_symbol 
_atom_site_anisotrop.pdbx_label_atom_id 
_atom_site_anisotrop.pdbx_label_alt_id 
_atom_site_anisotrop.pdbx_label_comp_id 
_atom_site_anisotrop.pdbx_label_asym_id 
_atom_site_anisotrop.pdbx_label_seq_id 
_atom_site_anisotrop.pdbx_PDB_ins_code 
_atom_site_anisotrop.U[1][1] 
_atom_site_anisotrop.U[2][2] 
_atom_site_anisotrop.U[3][3] 
_atom_site_anisotrop.U[1][2] 
_atom_site_anisotrop.U[1][3] 
_atom_site_anisotrop.U[2][3] 
_atom_site_anisotrop.pdbx_auth_seq_id 
_atom_site_anisotrop.pdbx_auth_comp_id 
_atom_site_anisotrop.pdbx_auth_asym_id 
_atom_site_anisotrop.pdbx_auth_atom_id 
1   O  "O5'" . DT  A 1  ? 1.3169 1.6369 1.6556 -0.1146 -0.0614 0.3604  1   DT  A "O5'" 
2   C  "C5'" . DT  A 1  ? 1.2895 1.6277 1.5811 -0.1147 -0.0541 0.3471  1   DT  A "C5'" 
3   C  "C4'" . DT  A 1  ? 1.3092 1.7039 1.6147 -0.1163 -0.0666 0.3832  1   DT  A "C4'" 
4   O  "O4'" . DT  A 1  ? 1.3397 1.7906 1.5818 -0.1221 -0.0608 0.3663  1   DT  A "O4'" 
5   C  "C3'" . DT  A 1  ? 1.2830 1.6458 1.6359 -0.1072 -0.0721 0.3968  1   DT  A "C3'" 
6   O  "O3'" . DT  A 1  ? 1.1969 1.5922 1.6180 -0.1070 -0.0901 0.4424  1   DT  A "O3'" 
7   C  "C2'" . DT  A 1  ? 1.3429 1.7340 1.6423 -0.1083 -0.0652 0.3828  1   DT  A "C2'" 
8   C  "C1'" . DT  A 1  ? 1.3673 1.8332 1.6165 -0.1190 -0.0649 0.3783  1   DT  A "C1'" 
9   N  N1    . DT  A 1  ? 1.3179 1.8031 1.5048 -0.1201 -0.0529 0.3406  1   DT  A N1    
10  C  C2    . DT  A 1  ? 1.2434 1.7624 1.4245 -0.1197 -0.0563 0.3459  1   DT  A C2    
11  O  O2    . DT  A 1  ? 1.1873 1.7248 1.4109 -0.1192 -0.0684 0.3819  1   DT  A O2    
12  N  N3    . DT  A 1  ? 1.1994 1.7329 1.3302 -0.1198 -0.0454 0.3063  1   DT  A N3    
13  C  C4    . DT  A 1  ? 1.1242 1.6445 1.2167 -0.1197 -0.0324 0.2631  1   DT  A C4    
14  O  O4    . DT  A 1  ? 1.0583 1.5953 1.1197 -0.1186 -0.0247 0.2276  1   DT  A O4    
15  C  C5    . DT  A 1  ? 1.1404 1.6284 1.2407 -0.1209 -0.0292 0.2613  1   DT  A C5    
16  C  C7    . DT  A 1  ? 1.0835 1.5494 1.1510 -0.1165 -0.0196 0.2100  1   DT  A C7    
17  C  C6    . DT  A 1  ? 1.2358 1.7067 1.3800 -0.1213 -0.0393 0.2994  1   DT  A C6    
18  P  P     . DC  A 3  ? 1.1563 1.4086 1.6334 -0.0768 -0.0786 0.3957  3   DC  A P     
19  O  OP1   . DC  A 3  ? 1.2080 1.4868 1.6306 -0.0859 -0.0734 0.3913  3   DC  A OP1   
20  O  OP2   . DC  A 3  ? 1.1907 1.4607 1.7644 -0.0753 -0.0948 0.4291  3   DC  A OP2   
21  O  "O5'" . DC  A 3  ? 1.0173 1.2977 1.4440 -0.0781 -0.0736 0.3952  3   DC  A "O5'" 
22  C  "C5'" . DC  A 3  ? 0.9225 1.2766 1.3038 -0.0885 -0.0747 0.4096  3   DC  A "C5'" 
23  C  "C4'" . DC  A 3  ? 0.8607 1.2179 1.1731 -0.0872 -0.0630 0.3827  3   DC  A "C4'" 
24  O  "O4'" . DC  A 3  ? 0.8631 1.2317 1.1106 -0.0918 -0.0525 0.3544  3   DC  A "O4'" 
25  C  "C3'" . DC  A 3  ? 0.7972 1.0852 1.1075 -0.0749 -0.0558 0.3597  3   DC  A "C3'" 
26  O  "O3'" . DC  A 3  ? 0.7808 1.0894 1.0569 -0.0737 -0.0521 0.3536  3   DC  A "O3'" 
27  C  "C2'" . DC  A 3  ? 0.8211 1.0678 1.0851 -0.0690 -0.0455 0.3185  3   DC  A "C2'" 
28  C  "C1'" . DC  A 3  ? 0.7977 1.1064 1.0114 -0.0820 -0.0409 0.3179  3   DC  A "C1'" 
29  N  N1    . DC  A 3  ? 0.6761 0.9672 0.8634 -0.0799 -0.0359 0.2847  3   DC  A N1    
30  C  C2    . DC  A 3  ? 0.6078 0.9077 0.7382 -0.0779 -0.0272 0.2438  3   DC  A C2    
31  O  O2    . DC  A 3  ? 0.5921 0.9129 0.6967 -0.0773 -0.0237 0.2333  3   DC  A O2    
32  N  N3    . DC  A 3  ? 0.6025 0.8880 0.7148 -0.0765 -0.0235 0.2167  3   DC  A N3    
33  C  C4    . DC  A 3  ? 0.6104 0.8741 0.7530 -0.0771 -0.0275 0.2277  3   DC  A C4    
34  N  N4    . DC  A 3  ? 0.5128 0.7636 0.6349 -0.0759 -0.0235 0.2004  3   DC  A N4    
35  C  C5    . DC  A 3  ? 0.6985 0.9533 0.9018 -0.0790 -0.0364 0.2670  3   DC  A C5    
36  C  C6    . DC  A 3  ? 0.7153 0.9842 0.9421 -0.0805 -0.0407 0.2952  3   DC  A C6    
37  P  P     . DG  A 4  ? 0.7202 0.9774 1.0096 -0.0610 -0.0503 0.3433  4   DG  A P     
38  O  OP1   . DG  A 4  ? 0.6523 0.9537 0.9327 -0.0647 -0.0517 0.3538  4   DG  A OP1   
39  O  OP2   . DG  A 4  ? 0.6521 0.8627 1.0143 -0.0539 -0.0573 0.3486  4   DG  A OP2   
40  O  "O5'" . DG  A 4  ? 0.6644 0.8809 0.8907 -0.0493 -0.0391 0.2935  4   DG  A "O5'" 
41  C  "C5'" . DG  A 4  ? 0.6501 0.8976 0.8171 -0.0520 -0.0320 0.2752  4   DG  A "C5'" 
42  C  "C4'" . DG  A 4  ? 0.5313 0.7413 0.6583 -0.0409 -0.0242 0.2256  4   DG  A "C4'" 
43  O  "O4'" . DG  A 4  ? 0.5630 0.7721 0.6892 -0.0448 -0.0237 0.2179  4   DG  A "O4'" 
44  C  "C3'" . DG  A 4  ? 0.5431 0.6947 0.6803 -0.0243 -0.0230 0.2015  4   DG  A "C3'" 
45  O  "O3'" . DG  A 4  ? 0.6119 0.7580 0.7167 -0.0172 -0.0181 0.1817  4   DG  A "O3'" 
46  C  "C2'" . DG  A 4  ? 0.5498 0.6748 0.6810 -0.0194 -0.0204 0.1743  4   DG  A "C2'" 
47  C  "C1'" . DG  A 4  ? 0.5042 0.6667 0.6146 -0.0321 -0.0191 0.1802  4   DG  A "C1'" 
48  N  N9    . DG  A 4  ? 0.4452 0.5957 0.5708 -0.0340 -0.0206 0.1772  4   DG  A N9    
49  C  C8    . DG  A 4  ? 0.5192 0.6565 0.6960 -0.0349 -0.0272 0.1966  4   DG  A C8    
50  N  N7    . DG  A 4  ? 0.5305 0.6591 0.7115 -0.0364 -0.0270 0.1871  4   DG  A N7    
51  C  C5    . DG  A 4  ? 0.4413 0.5779 0.5697 -0.0365 -0.0199 0.1607  4   DG  A C5    
52  C  C6    . DG  A 4  ? 0.4462 0.5793 0.5564 -0.0380 -0.0169 0.1413  4   DG  A C6    
53  O  O6    . DG  A 4  ? 0.4819 0.6037 0.6139 -0.0394 -0.0192 0.1430  4   DG  A O6    
54  N  N1    . DG  A 4  ? 0.3572 0.5011 0.4264 -0.0375 -0.0110 0.1173  4   DG  A N1    
55  C  C2    . DG  A 4  ? 0.3485 0.5054 0.3996 -0.0358 -0.0086 0.1118  4   DG  A C2    
56  N  N2    . DG  A 4  ? 0.3494 0.5151 0.3775 -0.0355 -0.0044 0.0865  4   DG  A N2    
57  N  N3    . DG  A 4  ? 0.4079 0.5686 0.4697 -0.0345 -0.0109 0.1295  4   DG  A N3    
58  C  C4    . DG  A 4  ? 0.4052 0.5551 0.5043 -0.0350 -0.0164 0.1540  4   DG  A C4    
59  P  P     . DC  A 5  ? 0.5862 0.7324 0.7029 -0.0135 -0.0201 0.1966  5   DC  A P     
60  O  OP1   . DC  A 5  ? 0.6066 0.7356 0.6919 -0.0031 -0.0147 0.1680  5   DC  A OP1   
61  O  OP2   . DC  A 5  ? 0.7268 0.9241 0.8488 -0.0274 -0.0234 0.2309  5   DC  A OP2   
62  O  "O5'" . DC  A 5  ? 0.4410 0.5540 0.6113 -0.0061 -0.0257 0.2027  5   DC  A "O5'" 
63  C  "C5'" . DC  A 5  ? 0.4676 0.5938 0.6931 -0.0138 -0.0341 0.2417  5   DC  A "C5'" 
64  C  "C4'" . DC  A 5  ? 0.5066 0.6030 0.7841 -0.0035 -0.0386 0.2384  5   DC  A "C4'" 
65  O  "O4'" . DC  A 5  ? 0.4973 0.5961 0.7499 0.0013  -0.0357 0.2360  5   DC  A "O4'" 
66  C  "C3'" . DC  A 5  ? 0.4298 0.4904 0.7210 0.0103  -0.0364 0.1948  5   DC  A "C3'" 
67  O  "O3'" . DC  A 5  ? 0.4428 0.4879 0.8138 0.0149  -0.0441 0.1973  5   DC  A "O3'" 
68  C  "C2'" . DC  A 5  ? 0.4028 0.4578 0.6428 0.0201  -0.0291 0.1674  5   DC  A "C2'" 
69  C  "C1'" . DC  A 5  ? 0.4517 0.5208 0.6975 0.0161  -0.0319 0.1971  5   DC  A "C1'" 
70  N  N1    . DC  A 5  ? 0.4497 0.5261 0.6396 0.0194  -0.0255 0.1870  5   DC  A N1    
71  C  C2    . DC  A 5  ? 0.4049 0.4674 0.5937 0.0311  -0.0237 0.1672  5   DC  A C2    
72  O  O2    . DC  A 5  ? 0.5108 0.5590 0.7441 0.0387  -0.0267 0.1529  5   DC  A O2    
73  N  N3    . DC  A 5  ? 0.4340 0.5040 0.5790 0.0334  -0.0190 0.1625  5   DC  A N3    
74  C  C4    . DC  A 5  ? 0.5040 0.5936 0.6137 0.0253  -0.0164 0.1711  5   DC  A C4    
75  N  N4    . DC  A 5  ? 0.5168 0.6125 0.5961 0.0283  -0.0127 0.1638  5   DC  A N4    
76  C  C5    . DC  A 5  ? 0.4921 0.6012 0.6018 0.0135  -0.0177 0.1854  5   DC  A C5    
77  C  C6    . DC  A 5  ? 0.4786 0.5806 0.6258 0.0107  -0.0223 0.1958  5   DC  A C6    
78  P  P     . DC  A 6  ? 0.5145 0.5511 0.9592 0.0115  -0.0518 0.2033  6   DC  A P     
79  O  OP1   . DC  A 6  ? 0.4742 0.4956 1.0132 0.0180  -0.0601 0.1993  6   DC  A OP1   
80  O  OP2   . DC  A 6  ? 0.5062 0.5703 0.9434 -0.0045 -0.0549 0.2486  6   DC  A OP2   
81  O  "O5'" . DC  A 6  ? 0.4293 0.4521 0.8409 0.0200  -0.0446 0.1532  6   DC  A "O5'" 
82  C  "C5'" . DC  A 6  ? 0.4622 0.4733 0.9335 0.0222  -0.0490 0.1359  6   DC  A "C5'" 
83  C  "C4'" . DC  A 6  ? 0.4051 0.4130 0.8338 0.0313  -0.0410 0.0855  6   DC  A "C4'" 
84  O  "O4'" . DC  A 6  ? 0.3732 0.3838 0.8079 0.0440  -0.0381 0.0465  6   DC  A "O4'" 
85  C  "C3'" . DC  A 6  ? 0.3969 0.4143 0.7313 0.0276  -0.0323 0.0870  6   DC  A "C3'" 
86  O  "O3'" . DC  A 6  ? 0.4524 0.4688 0.7694 0.0300  -0.0285 0.0591  6   DC  A "O3'" 
87  C  "C2'" . DC  A 6  ? 0.3890 0.4123 0.6822 0.0357  -0.0268 0.0716  6   DC  A "C2'" 
88  C  "C1'" . DC  A 6  ? 0.3762 0.3978 0.7280 0.0467  -0.0296 0.0392  6   DC  A "C1'" 
89  N  N1    . DC  A 6  ? 0.3768 0.4015 0.7306 0.0512  -0.0300 0.0441  6   DC  A N1    
90  C  C2    . DC  A 6  ? 0.3586 0.3973 0.6555 0.0574  -0.0232 0.0275  6   DC  A C2    
91  O  O2    . DC  A 6  ? 0.3352 0.3853 0.5878 0.0586  -0.0177 0.0116  6   DC  A O2    
92  N  N3    . DC  A 6  ? 0.3799 0.4220 0.6761 0.0612  -0.0233 0.0331  6   DC  A N3    
93  C  C4    . DC  A 6  ? 0.4397 0.4707 0.7896 0.0592  -0.0300 0.0535  6   DC  A C4    
94  N  N4    . DC  A 6  ? 0.5829 0.6173 0.9303 0.0632  -0.0299 0.0576  6   DC  A N4    
95  C  C5    . DC  A 6  ? 0.5107 0.5294 0.9249 0.0523  -0.0379 0.0746  6   DC  A C5    
96  C  C6    . DC  A 6  ? 0.4431 0.4593 0.8566 0.0484  -0.0377 0.0695  6   DC  A C6    
97  P  P     . DG  A 7  ? 0.4673 0.4868 0.7531 0.0189  -0.0273 0.0781  7   DG  A P     
98  O  OP1   . DG  A 7  ? 0.4337 0.4457 0.7506 0.0220  -0.0283 0.0524  7   DG  A OP1   
99  O  OP2   . DG  A 7  ? 0.3436 0.3743 0.6428 0.0065  -0.0325 0.1251  7   DG  A OP2   
100 O  "O5'" . DG  A 7  ? 0.4851 0.5139 0.6907 0.0198  -0.0188 0.0671  7   DG  A "O5'" 
101 C  "C5'" . DG  A 7  ? 0.4420 0.4805 0.6124 0.0173  -0.0167 0.0838  7   DG  A "C5'" 
102 C  "C4'" . DG  A 7  ? 0.3847 0.4338 0.5026 0.0125  -0.0117 0.0814  7   DG  A "C4'" 
103 O  "O4'" . DG  A 7  ? 0.3952 0.4574 0.5139 0.0002  -0.0136 0.1018  7   DG  A "O4'" 
104 C  "C3'" . DG  A 7  ? 0.3435 0.3884 0.4440 0.0178  -0.0078 0.0545  7   DG  A "C3'" 
105 O  "O3'" . DG  A 7  ? 0.3201 0.3705 0.4017 0.0263  -0.0048 0.0408  7   DG  A "O3'" 
106 C  "C2'" . DG  A 7  ? 0.3055 0.3596 0.3782 0.0087  -0.0059 0.0605  7   DG  A "C2'" 
107 C  "C1'" . DG  A 7  ? 0.3597 0.4233 0.4528 -0.0018 -0.0100 0.0862  7   DG  A "C1'" 
108 N  N9    . DG  A 7  ? 0.3930 0.4493 0.5137 -0.0049 -0.0130 0.0875  7   DG  A N9    
109 C  C8    . DG  A 7  ? 0.4313 0.4804 0.6048 -0.0057 -0.0191 0.1016  7   DG  A C8    
110 N  N7    . DG  A 7  ? 0.4183 0.4621 0.6134 -0.0088 -0.0212 0.0996  7   DG  A N7    
111 C  C5    . DG  A 7  ? 0.4251 0.4733 0.5733 -0.0101 -0.0155 0.0826  7   DG  A C5    
112 C  C6    . DG  A 7  ? 0.4188 0.4643 0.5630 -0.0132 -0.0146 0.0730  7   DG  A C6    
113 O  O6    . DG  A 7  ? 0.4746 0.5134 0.6563 -0.0156 -0.0187 0.0775  7   DG  A O6    
114 N  N1    . DG  A 7  ? 0.3605 0.4122 0.4589 -0.0136 -0.0091 0.0573  7   DG  A N1    
115 C  C2    . DG  A 7  ? 0.3529 0.4122 0.4211 -0.0113 -0.0056 0.0521  7   DG  A C2    
116 N  N2    . DG  A 7  ? 0.3632 0.4276 0.4058 -0.0123 -0.0021 0.0377  7   DG  A N2    
117 N  N3    . DG  A 7  ? 0.3291 0.3907 0.3995 -0.0082 -0.0063 0.0605  7   DG  A N3    
118 C  C4    . DG  A 7  ? 0.3703 0.4261 0.4773 -0.0078 -0.0110 0.0755  7   DG  A C4    
119 P  P     . DC  A 8  ? 0.3532 0.4130 0.4372 0.0349  -0.0028 0.0134  8   DC  A P     
120 O  OP1   . DC  A 8  ? 0.3087 0.3864 0.3754 0.0413  -0.0008 0.0104  8   DC  A OP1   
121 O  OP2   . DC  A 8  ? 0.3602 0.4148 0.4886 0.0383  -0.0058 -0.0018 8   DC  A OP2   
122 O  "O5'" . DC  A 8  ? 0.3286 0.3898 0.3931 0.0300  -0.0009 0.0099  8   DC  A "O5'" 
123 C  "C5'" . DC  A 8  ? 0.3917 0.4594 0.4297 0.0269  0.0009  0.0180  8   DC  A "C5'" 
124 C  "C4'" . DC  A 8  ? 0.3034 0.3709 0.3343 0.0224  0.0018  0.0123  8   DC  A "C4'" 
125 O  "O4'" . DC  A 8  ? 0.2848 0.3400 0.3250 0.0154  0.0005  0.0162  8   DC  A "O4'" 
126 C  "C3'" . DC  A 8  ? 0.2562 0.3370 0.2902 0.0276  0.0028  -0.0047 8   DC  A "C3'" 
127 O  "O3'" . DC  A 8  ? 0.3458 0.4501 0.3693 0.0304  0.0036  -0.0008 8   DC  A "O3'" 
128 C  "C2'" . DC  A 8  ? 0.2634 0.3335 0.2963 0.0210  0.0030  -0.0079 8   DC  A "C2'" 
129 C  "C1'" . DC  A 8  ? 0.2862 0.3400 0.3270 0.0141  0.0011  0.0049  8   DC  A "C1'" 
130 N  N1    . DC  A 8  ? 0.2762 0.3198 0.3457 0.0139  -0.0014 0.0014  8   DC  A N1    
131 C  C2    . DC  A 8  ? 0.3315 0.3708 0.4075 0.0105  -0.0015 -0.0062 8   DC  A C2    
132 O  O2    . DC  A 8  ? 0.3484 0.3921 0.4021 0.0079  0.0007  -0.0102 8   DC  A O2    
133 N  N3    . DC  A 8  ? 0.3064 0.3366 0.4202 0.0101  -0.0050 -0.0083 8   DC  A N3    
134 C  C4    . DC  A 8  ? 0.4172 0.4426 0.5667 0.0130  -0.0088 -0.0027 8   DC  A C4    
135 N  N4    . DC  A 8  ? 0.3706 0.3870 0.5729 0.0124  -0.0137 -0.0038 8   DC  A N4    
136 C  C5    . DC  A 8  ? 0.3678 0.3975 0.5081 0.0164  -0.0082 0.0046  8   DC  A C5    
137 C  C6    . DC  A 8  ? 0.3648 0.4037 0.4623 0.0167  -0.0043 0.0064  8   DC  A C6    
138 P  P     . DC  A 9  ? 0.3960 0.5374 0.4204 0.0352  0.0045  -0.0134 9   DC  A P     
139 O  OP1   . DC  A 9  ? 0.3926 0.5637 0.4129 0.0361  0.0035  0.0045  9   DC  A OP1   
140 O  OP2   . DC  A 9  ? 0.3495 0.5011 0.3895 0.0409  0.0050  -0.0371 9   DC  A OP2   
141 O  "O5'" . DC  A 9  ? 0.3771 0.5108 0.3995 0.0302  0.0050  -0.0188 9   DC  A "O5'" 
142 C  "C5'" . DC  A 9  ? 0.3623 0.4883 0.3807 0.0244  0.0041  -0.0045 9   DC  A "C5'" 
143 C  "C4'" . DC  A 9  ? 0.3513 0.4814 0.3694 0.0215  0.0045  -0.0128 9   DC  A "C4'" 
144 O  "O4'" . DC  A 9  ? 0.4026 0.5075 0.4222 0.0193  0.0055  -0.0269 9   DC  A "O4'" 
145 C  "C3'" . DC  A 9  ? 0.4578 0.6322 0.4763 0.0256  0.0051  -0.0201 9   DC  A "C3'" 
146 O  "O3'" . DC  A 9  ? 0.4322 0.6231 0.4537 0.0216  0.0037  -0.0078 9   DC  A "O3'" 
147 C  "C2'" . DC  A 9  ? 0.4592 0.6287 0.4828 0.0278  0.0069  -0.0478 9   DC  A "C2'" 
148 C  "C1'" . DC  A 9  ? 0.5220 0.6438 0.5465 0.0220  0.0063  -0.0453 9   DC  A "C1'" 
149 N  N1    . DC  A 9  ? 0.4289 0.5330 0.4720 0.0237  0.0059  -0.0607 9   DC  A N1    
150 C  C2    . DC  A 9  ? 0.4010 0.4940 0.4561 0.0213  0.0057  -0.0735 9   DC  A C2    
151 O  O2    . DC  A 9  ? 0.3681 0.4654 0.4109 0.0178  0.0066  -0.0736 9   DC  A O2    
152 N  N3    . DC  A 9  ? 0.5044 0.5825 0.5919 0.0225  0.0035  -0.0841 9   DC  A N3    
153 C  C4    . DC  A 9  ? 0.4567 0.5309 0.5639 0.0261  0.0016  -0.0825 9   DC  A C4    
154 N  N4    . DC  A 9  ? 0.4842 0.5440 0.6375 0.0270  -0.0022 -0.0901 9   DC  A N4    
155 C  C5    . DC  A 9  ? 0.3350 0.4201 0.4227 0.0289  0.0027  -0.0715 9   DC  A C5    
156 C  C6    . DC  A 9  ? 0.3145 0.4147 0.3707 0.0276  0.0049  -0.0609 9   DC  A C6    
157 P  P     . DG  A 10 ? 0.4822 0.7384 0.5063 0.0232  0.0031  -0.0021 10  DG  A P     
158 O  OP1   . DG  A 10 ? 0.5028 0.7723 0.5441 0.0188  -0.0013 0.0311  10  DG  A OP1   
159 O  OP2   . DG  A 10 ? 0.4215 0.7167 0.4420 0.0295  0.0047  -0.0165 10  DG  A OP2   
160 O  "O5'" . DG  A 10 ? 0.4045 0.6633 0.4245 0.0217  0.0050  -0.0238 10  DG  A "O5'" 
161 C  "C5'" . DG  A 10 ? 0.3552 0.5830 0.3777 0.0160  0.0041  -0.0180 10  DG  A "C5'" 
162 C  "C4'" . DG  A 10 ? 0.3540 0.5966 0.3728 0.0154  0.0060  -0.0378 10  DG  A "C4'" 
163 O  "O4'" . DG  A 10 ? 0.3906 0.6103 0.4089 0.0187  0.0085  -0.0677 10  DG  A "O4'" 
164 C  "C3'" . DG  A 10 ? 0.3960 0.7128 0.4157 0.0169  0.0060  -0.0378 10  DG  A "C3'" 
165 O  "O3'" . DG  A 10 ? 0.4011 0.7256 0.4210 0.0131  0.0061  -0.0418 10  DG  A "O3'" 
166 C  "C2'" . DG  A 10 ? 0.3975 0.7362 0.4169 0.0236  0.0090  -0.0728 10  DG  A "C2'" 
167 C  "C1'" . DG  A 10 ? 0.3538 0.6242 0.3777 0.0239  0.0101  -0.0927 10  DG  A "C1'" 
168 N  N9    . DG  A 10 ? 0.3629 0.6172 0.3997 0.0292  0.0106  -0.1120 10  DG  A N9    
169 C  C8    . DG  A 10 ? 0.3720 0.6271 0.4085 0.0323  0.0100  -0.1020 10  DG  A C8    
170 N  N7    . DG  A 10 ? 0.3715 0.6068 0.4277 0.0364  0.0098  -0.1219 10  DG  A N7    
171 C  C5    . DG  A 10 ? 0.4143 0.6345 0.4901 0.0360  0.0097  -0.1453 10  DG  A C5    
172 C  C6    . DG  A 10 ? 0.4461 0.6430 0.5621 0.0389  0.0079  -0.1696 10  DG  A C6    
173 O  O6    . DG  A 10 ? 0.4561 0.6414 0.5983 0.0427  0.0060  -0.1753 10  DG  A O6    
174 N  N1    . DG  A 10 ? 0.4603 0.6481 0.5935 0.0370  0.0075  -0.1865 10  DG  A N1    
175 C  C2    . DG  A 10 ? 0.4183 0.6175 0.5266 0.0328  0.0093  -0.1817 10  DG  A C2    
176 N  N2    . DG  A 10 ? 0.5501 0.7374 0.6808 0.0317  0.0086  -0.2005 10  DG  A N2    
177 N  N3    . DG  A 10 ? 0.4241 0.6450 0.4957 0.0299  0.0109  -0.1582 10  DG  A N3    
178 C  C4    . DG  A 10 ? 0.3877 0.6183 0.4479 0.0317  0.0107  -0.1405 10  DG  A C4    
179 P  P     . DA  A 11 ? 0.5203 0.9269 0.5444 0.0104  0.0045  -0.0264 11  DA  A P     
180 O  OP1   . DA  A 11 ? 0.6079 0.9933 0.6396 0.0043  0.0024  -0.0118 11  DA  A OP1   
181 O  OP2   . DA  A 11 ? 0.5909 1.0499 0.6230 0.0105  0.0014  0.0036  11  DA  A OP2   
182 O  "O5'" . DA  A 11 ? 0.5207 0.9716 0.5386 0.0149  0.0088  -0.0709 11  DA  A "O5'" 
183 C  "C5'" . DA  A 11 ? 0.5815 0.9808 0.6005 0.0170  0.0115  -0.1060 11  DA  A "C5'" 
184 C  "C4'" . DA  A 11 ? 0.7178 1.1658 0.7479 0.0227  0.0144  -0.1527 11  DA  A "C4'" 
185 O  "O4'" . DA  A 11 ? 0.7413 1.1572 0.7852 0.0285  0.0148  -0.1731 11  DA  A "O4'" 
186 C  "C3'" . DA  A 11 ? 0.8248 1.3838 0.8533 0.0231  0.0148  -0.1562 11  DA  A "C3'" 
187 O  "O3'" . DA  A 11 ? 0.8911 1.4838 0.9308 0.0202  0.0100  -0.1821 11  DA  A "O3'" 
188 C  "C2'" . DA  A 11 ? 0.8470 1.4201 0.8870 0.0284  0.0128  -0.1764 11  DA  A "C2'" 
189 C  "C1'" . DA  A 11 ? 0.7841 1.2760 0.8411 0.0339  0.0163  -0.2050 11  DA  A "C1'" 
190 N  N9    . DA  A 11 ? 0.6936 1.1604 0.7617 0.0388  0.0158  -0.2093 11  DA  A N9    
191 C  C8    . DA  A 11 ? 0.7038 1.1302 0.8052 0.0440  0.0152  -0.2415 11  DA  A C8    
192 N  N7    . DA  A 11 ? 0.6662 1.0771 0.7735 0.0473  0.0143  -0.2353 11  DA  A N7    
193 C  C5    . DA  A 11 ? 0.6574 1.0993 0.7311 0.0444  0.0144  -0.1978 11  DA  A C5    
194 C  C6    . DA  A 11 ? 0.7037 1.1478 0.7673 0.0458  0.0136  -0.1745 11  DA  A C6    
195 N  N6    . DA  A 11 ? 0.5654 0.9790 0.6474 0.0506  0.0130  -0.1869 11  DA  A N6    
196 N  N1    . DA  A 11 ? 0.6923 1.1722 0.7328 0.0416  0.0126  -0.1351 11  DA  A N1    
197 C  C2    . DA  A 11 ? 0.6474 1.1594 0.6781 0.0361  0.0121  -0.1185 11  DA  A C2    
198 N  N3    . DA  A 11 ? 0.5916 1.1061 0.6253 0.0344  0.0133  -0.1381 11  DA  A N3    
199 C  C4    . DA  A 11 ? 0.6427 1.1198 0.6966 0.0389  0.0147  -0.1794 11  DA  A C4    
200 O  "O5'" . DT  B 1  ? 1.0445 1.1892 1.5338 0.0643  -0.0170 -0.2910 12  DT  B "O5'" 
201 C  "C5'" . DT  B 1  ? 1.1554 1.2801 1.6997 0.0598  -0.0227 -0.2981 12  DT  B "C5'" 
202 C  "C4'" . DT  B 1  ? 1.2781 1.4458 1.8719 0.0546  -0.0292 -0.3472 12  DT  B "C4'" 
203 O  "O4'" . DT  B 1  ? 1.3546 1.5838 1.8881 0.0561  -0.0236 -0.3758 12  DT  B "O4'" 
204 C  "C3'" . DT  B 1  ? 1.2592 1.4208 1.9027 0.0478  -0.0349 -0.3571 12  DT  B "C3'" 
205 O  "O3'" . DT  B 1  ? 1.1961 1.3896 1.9215 0.0424  -0.0447 -0.3985 12  DT  B "O3'" 
206 C  "C2'" . DT  B 1  ? 1.2779 1.4713 1.8463 0.0486  -0.0269 -0.3674 12  DT  B "C2'" 
207 C  "C1'" . DT  B 1  ? 1.2753 1.5235 1.7919 0.0522  -0.0225 -0.3867 12  DT  B "C1'" 
208 N  N1    . DT  B 1  ? 1.1492 1.4130 1.5733 0.0549  -0.0122 -0.3658 12  DT  B N1    
209 C  C2    . DT  B 1  ? 1.1070 1.3959 1.5006 0.0511  -0.0101 -0.3709 12  DT  B C2    
210 O  O2    . DT  B 1  ? 1.1318 1.4320 1.5673 0.0466  -0.0154 -0.3935 12  DT  B O2    
211 N  N3    . DT  B 1  ? 1.0172 1.3205 1.3352 0.0520  -0.0020 -0.3466 12  DT  B N3    
212 C  C4    . DT  B 1  ? 0.8918 1.1903 1.1654 0.0564  0.0043  -0.3200 12  DT  B C4    
213 O  O4    . DT  B 1  ? 0.8744 1.1883 1.0893 0.0538  0.0088  -0.2936 12  DT  B O4    
214 C  C5    . DT  B 1  ? 0.8803 1.1538 1.1863 0.0615  0.0024  -0.3178 12  DT  B C5    
215 C  C7    . DT  B 1  ? 0.8039 1.0648 1.0605 0.0596  0.0037  -0.2762 12  DT  B C7    
216 C  C6    . DT  B 1  ? 1.0289 1.2852 1.4068 0.0606  -0.0057 -0.3400 12  DT  B C6    
217 P  P     . DC  B 3  ? 1.0088 1.0551 1.6881 0.0376  -0.0401 -0.2588 14  DC  B P     
218 O  OP1   . DC  B 3  ? 0.9659 1.0180 1.7548 0.0319  -0.0520 -0.2653 14  DC  B OP1   
219 O  OP2   . DC  B 3  ? 0.9770 0.9877 1.6041 0.0346  -0.0380 -0.2035 14  DC  B OP2   
220 O  "O5'" . DC  B 3  ? 0.9288 0.9878 1.5716 0.0359  -0.0355 -0.2759 14  DC  B "O5'" 
221 C  "C5'" . DC  B 3  ? 0.9348 1.0471 1.5525 0.0379  -0.0315 -0.3225 14  DC  B "C5'" 
222 C  "C4'" . DC  B 3  ? 0.9293 1.0480 1.4614 0.0382  -0.0225 -0.3189 14  DC  B "C4'" 
223 O  "O4'" . DC  B 3  ? 0.9183 1.0560 1.3747 0.0429  -0.0143 -0.3165 14  DC  B "O4'" 
224 C  "C3'" . DC  B 3  ? 0.9052 0.9717 1.4181 0.0338  -0.0217 -0.2805 14  DC  B "C3'" 
225 O  "O3'" . DC  B 3  ? 0.8665 0.9475 1.3447 0.0309  -0.0179 -0.2908 14  DC  B "O3'" 
226 C  "C2'" . DC  B 3  ? 0.8973 0.9514 1.3311 0.0306  -0.0171 -0.2402 14  DC  B "C2'" 
227 C  "C1'" . DC  B 3  ? 0.8502 0.9525 1.2428 0.0383  -0.0104 -0.2722 14  DC  B "C1'" 
228 N  N1    . DC  B 3  ? 0.7139 0.8154 1.0679 0.0387  -0.0087 -0.2468 14  DC  B N1    
229 C  C2    . DC  B 3  ? 0.6554 0.7840 0.9353 0.0387  -0.0023 -0.2380 14  DC  B C2    
230 O  O2    . DC  B 3  ? 0.6097 0.7641 0.8572 0.0376  0.0015  -0.2481 14  DC  B O2    
231 N  N3    . DC  B 3  ? 0.6301 0.7576 0.8821 0.0392  -0.0014 -0.2160 14  DC  B N3    
232 C  C4    . DC  B 3  ? 0.6070 0.7089 0.8960 0.0399  -0.0058 -0.2040 14  DC  B C4    
233 N  N4    . DC  B 3  ? 0.5968 0.6995 0.8559 0.0405  -0.0045 -0.1835 14  DC  B N4    
234 C  C5    . DC  B 3  ? 0.6653 0.7417 1.0308 0.0395  -0.0126 -0.2094 14  DC  B C5    
235 C  C6    . DC  B 3  ? 0.6867 0.7633 1.0851 0.0389  -0.0141 -0.2305 14  DC  B C6    
236 P  P     . DG  B 4  ? 0.7820 0.8199 1.2610 0.0229  -0.0201 -0.2618 15  DG  B P     
237 O  OP1   . DG  B 4  ? 0.7054 0.7718 1.1899 0.0225  -0.0191 -0.2851 15  DG  B OP1   
238 O  OP2   . DG  B 4  ? 0.7450 0.7484 1.2876 0.0176  -0.0292 -0.2244 15  DG  B OP2   
239 O  "O5'" . DG  B 4  ? 0.7573 0.7908 1.1319 0.0162  -0.0134 -0.2236 15  DG  B "O5'" 
240 C  "C5'" . DG  B 4  ? 0.6568 0.7234 0.9686 0.0192  -0.0059 -0.2417 15  DG  B "C5'" 
241 C  "C4'" . DG  B 4  ? 0.5291 0.5880 0.7683 0.0138  -0.0023 -0.2036 15  DG  B "C4'" 
242 O  "O4'" . DG  B 4  ? 0.5472 0.6105 0.7849 0.0174  -0.0025 -0.1958 15  DG  B "O4'" 
243 C  "C3'" . DG  B 4  ? 0.5279 0.5517 0.7520 0.0032  -0.0044 -0.1625 15  DG  B "C3'" 
244 O  "O3'" . DG  B 4  ? 0.6656 0.6922 0.8431 -0.0014 -0.0005 -0.1574 15  DG  B "O3'" 
245 C  "C2'" . DG  B 4  ? 0.5403 0.5573 0.7415 0.0011  -0.0046 -0.1334 15  DG  B "C2'" 
246 C  "C1'" . DG  B 4  ? 0.5234 0.5670 0.7175 0.0106  -0.0017 -0.1561 15  DG  B "C1'" 
247 N  N9    . DG  B 4  ? 0.4703 0.5073 0.6800 0.0125  -0.0042 -0.1431 15  DG  B N9    
248 C  C8    . DG  B 4  ? 0.4978 0.5179 0.7667 0.0123  -0.0102 -0.1364 15  DG  B C8    
249 N  N7    . DG  B 4  ? 0.5062 0.5252 0.7762 0.0141  -0.0113 -0.1234 15  DG  B N7    
250 C  C5    . DG  B 4  ? 0.4630 0.4987 0.6710 0.0158  -0.0054 -0.1226 15  DG  B C5    
251 C  C6    . DG  B 4  ? 0.4415 0.4839 0.6248 0.0181  -0.0037 -0.1111 15  DG  B C6    
252 O  O6    . DG  B 4  ? 0.4696 0.5041 0.6762 0.0193  -0.0068 -0.1003 15  DG  B O6    
253 N  N1    . DG  B 4  ? 0.3805 0.4415 0.5125 0.0186  0.0010  -0.1100 15  DG  B N1    
254 C  C2    . DG  B 4  ? 0.4017 0.4747 0.5106 0.0169  0.0037  -0.1174 15  DG  B C2    
255 N  N2    . DG  B 4  ? 0.3784 0.4711 0.4513 0.0169  0.0064  -0.1088 15  DG  B N2    
256 N  N3    . DG  B 4  ? 0.4755 0.5424 0.6015 0.0148  0.0029  -0.1301 15  DG  B N3    
257 C  C4    . DG  B 4  ? 0.4571 0.5046 0.6317 0.0145  -0.0015 -0.1328 15  DG  B C4    
258 P  P     . DC  B 5  ? 0.6064 0.6262 0.8001 -0.0049 -0.0014 -0.1681 16  DC  B P     
259 O  OP1   . DC  B 5  ? 0.6586 0.6778 0.7986 -0.0112 0.0022  -0.1530 16  DC  B OP1   
260 O  OP2   . DC  B 5  ? 0.7429 0.7868 0.9716 0.0036  -0.0011 -0.2108 16  DC  B OP2   
261 O  "O5'" . DC  B 5  ? 0.4186 0.4120 0.6594 -0.0118 -0.0082 -0.1427 16  DC  B "O5'" 
262 C  "C5'" . DC  B 5  ? 0.4025 0.3896 0.7217 -0.0083 -0.0144 -0.1575 16  DC  B "C5'" 
263 C  "C4'" . DC  B 5  ? 0.5109 0.4801 0.8687 -0.0179 -0.0207 -0.1286 16  DC  B "C4'" 
264 O  "O4'" . DC  B 5  ? 0.5308 0.5006 0.8592 -0.0213 -0.0174 -0.1373 16  DC  B "O4'" 
265 C  "C3'" . DC  B 5  ? 0.4676 0.4342 0.8061 -0.0294 -0.0232 -0.0772 16  DC  B "C3'" 
266 O  "O3'" . DC  B 5  ? 0.4184 0.3792 0.8292 -0.0364 -0.0326 -0.0480 16  DC  B "O3'" 
267 C  "C2'" . DC  B 5  ? 0.4731 0.4459 0.7435 -0.0362 -0.0175 -0.0713 16  DC  B "C2'" 
268 C  "C1'" . DC  B 5  ? 0.4895 0.4564 0.7829 -0.0332 -0.0175 -0.0989 16  DC  B "C1'" 
269 N  N1    . DC  B 5  ? 0.4678 0.4404 0.7008 -0.0344 -0.0108 -0.1123 16  DC  B N1    
270 C  C2    . DC  B 5  ? 0.4586 0.4311 0.6739 -0.0447 -0.0111 -0.0928 16  DC  B C2    
271 O  O2    . DC  B 5  ? 0.5433 0.5175 0.7905 -0.0537 -0.0168 -0.0616 16  DC  B O2    
272 N  N3    . DC  B 5  ? 0.4786 0.4553 0.6469 -0.0455 -0.0056 -0.1068 16  DC  B N3    
273 C  C4    . DC  B 5  ? 0.5227 0.5061 0.6646 -0.0372 -0.0008 -0.1326 16  DC  B C4    
274 N  N4    . DC  B 5  ? 0.5116 0.5005 0.6165 -0.0391 0.0032  -0.1403 16  DC  B N4    
275 C  C5    . DC  B 5  ? 0.4947 0.4856 0.6508 -0.0275 -0.0004 -0.1496 16  DC  B C5    
276 C  C6    . DC  B 5  ? 0.5145 0.4983 0.7154 -0.0260 -0.0052 -0.1420 16  DC  B C6    
277 P  P     . DC  B 6  ? 0.5200 0.4780 1.0054 -0.0358 -0.0414 -0.0255 17  DC  B P     
278 O  OP1   . DC  B 6  ? 0.4782 0.4363 1.0417 -0.0457 -0.0522 0.0138  17  DC  B OP1   
279 O  OP2   . DC  B 6  ? 0.5589 0.5121 1.0744 -0.0215 -0.0400 -0.0726 17  DC  B OP2   
280 O  "O5'" . DC  B 6  ? 0.4782 0.4516 0.9023 -0.0423 -0.0383 0.0082  17  DC  B "O5'" 
281 C  "C5'" . DC  B 6  ? 0.4699 0.4506 0.9393 -0.0470 -0.0456 0.0465  17  DC  B "C5'" 
282 C  "C4'" . DC  B 6  ? 0.4171 0.4220 0.8169 -0.0551 -0.0415 0.0748  17  DC  B "C4'" 
283 O  "O4'" . DC  B 6  ? 0.3825 0.4150 0.7612 -0.0696 -0.0424 0.1072  17  DC  B "O4'" 
284 C  "C3'" . DC  B 6  ? 0.3773 0.3796 0.6939 -0.0477 -0.0306 0.0404  17  DC  B "C3'" 
285 O  "O3'" . DC  B 6  ? 0.4122 0.4296 0.6990 -0.0500 -0.0291 0.0581  17  DC  B "O3'" 
286 C  "C2'" . DC  B 6  ? 0.3957 0.4088 0.6618 -0.0547 -0.0259 0.0373  17  DC  B "C2'" 
287 C  "C1'" . DC  B 6  ? 0.3798 0.4188 0.6770 -0.0698 -0.0329 0.0834  17  DC  B "C1'" 
288 N  N1    . DC  B 6  ? 0.3662 0.4056 0.6631 -0.0747 -0.0327 0.0791  17  DC  B N1    
289 C  C2    . DC  B 6  ? 0.3584 0.4153 0.5913 -0.0800 -0.0261 0.0689  17  DC  B C2    
290 O  O2    . DC  B 6  ? 0.3495 0.4223 0.5347 -0.0807 -0.0210 0.0637  17  DC  B O2    
291 N  N3    . DC  B 6  ? 0.4249 0.4814 0.6562 -0.0841 -0.0257 0.0630  17  DC  B N3    
292 C  C4    . DC  B 6  ? 0.4318 0.4709 0.7224 -0.0830 -0.0318 0.0677  17  DC  B C4    
293 N  N4    . DC  B 6  ? 0.5428 0.5825 0.8289 -0.0874 -0.0312 0.0622  17  DC  B N4    
294 C  C5    . DC  B 6  ? 0.5254 0.5468 0.8901 -0.0774 -0.0392 0.0759  17  DC  B C5    
295 C  C6    . DC  B 6  ? 0.4537 0.4758 0.8189 -0.0733 -0.0394 0.0809  17  DC  B C6    
296 P  P     . DG  B 7  ? 0.4472 0.4519 0.7200 -0.0371 -0.0253 0.0319  18  DG  B P     
297 O  OP1   . DG  B 7  ? 0.4627 0.4805 0.7515 -0.0418 -0.0294 0.0653  18  DG  B OP1   
298 O  OP2   . DG  B 7  ? 0.3425 0.3285 0.6571 -0.0254 -0.0261 -0.0050 18  DG  B OP2   
299 O  "O5'" . DG  B 7  ? 0.4581 0.4691 0.6522 -0.0352 -0.0162 0.0114  18  DG  B "O5'" 
300 C  "C5'" . DG  B 7  ? 0.4629 0.4663 0.6347 -0.0302 -0.0116 -0.0192 18  DG  B "C5'" 
301 C  "C4'" . DG  B 7  ? 0.3832 0.3909 0.5085 -0.0235 -0.0054 -0.0377 18  DG  B "C4'" 
302 O  "O4'" . DG  B 7  ? 0.3979 0.4040 0.5416 -0.0125 -0.0054 -0.0573 18  DG  B "O4'" 
303 C  "C3'" . DG  B 7  ? 0.3905 0.4103 0.4859 -0.0281 -0.0040 -0.0204 18  DG  B "C3'" 
304 O  "O3'" . DG  B 7  ? 0.3283 0.3601 0.3948 -0.0362 -0.0017 -0.0185 18  DG  B "O3'" 
305 C  "C2'" . DG  B 7  ? 0.2981 0.3179 0.3762 -0.0180 -0.0007 -0.0370 18  DG  B "C2'" 
306 C  "C1'" . DG  B 7  ? 0.3533 0.3672 0.4682 -0.0094 -0.0027 -0.0533 18  DG  B "C1'" 
307 N  N9    . DG  B 7  ? 0.3984 0.4088 0.5432 -0.0073 -0.0063 -0.0419 18  DG  B N9    
308 C  C8    . DG  B 7  ? 0.4283 0.4299 0.6293 -0.0085 -0.0124 -0.0332 18  DG  B C8    
309 N  N7    . DG  B 7  ? 0.3802 0.3813 0.6033 -0.0063 -0.0152 -0.0221 18  DG  B N7    
310 C  C5    . DG  B 7  ? 0.3856 0.3954 0.5588 -0.0032 -0.0100 -0.0250 18  DG  B C5    
311 C  C6    . DG  B 7  ? 0.4178 0.4312 0.5866 0.0001  -0.0101 -0.0170 18  DG  B C6    
312 O  O6    . DG  B 7  ? 0.4606 0.4698 0.6680 0.0012  -0.0145 -0.0057 18  DG  B O6    
313 N  N1    . DG  B 7  ? 0.3447 0.3676 0.4647 0.0023  -0.0050 -0.0215 18  DG  B N1    
314 C  C2    . DG  B 7  ? 0.3344 0.3631 0.4212 0.0011  -0.0012 -0.0306 18  DG  B C2    
315 N  N2    . DG  B 7  ? 0.3331 0.3718 0.3907 0.0031  0.0016  -0.0297 18  DG  B N2    
316 N  N3    . DG  B 7  ? 0.3411 0.3667 0.4303 -0.0022 -0.0010 -0.0383 18  DG  B N3    
317 C  C4    . DG  B 7  ? 0.3635 0.3794 0.4932 -0.0040 -0.0051 -0.0360 18  DG  B C4    
318 P  P     . DC  B 8  ? 0.3929 0.4525 0.4460 -0.0472 -0.0021 0.0010  19  DC  B P     
319 O  OP1   . DC  B 8  ? 0.3304 0.4061 0.3635 -0.0542 0.0004  -0.0094 19  DC  B OP1   
320 O  OP2   . DC  B 8  ? 0.3868 0.4573 0.4708 -0.0535 -0.0075 0.0304  19  DC  B OP2   
321 O  "O5'" . DC  B 8  ? 0.3457 0.4073 0.3844 -0.0414 -0.0001 -0.0029 19  DC  B "O5'" 
322 C  "C5'" . DC  B 8  ? 0.3593 0.4157 0.3806 -0.0357 0.0031  -0.0218 19  DC  B "C5'" 
323 C  "C4'" . DC  B 8  ? 0.2961 0.3555 0.3132 -0.0307 0.0036  -0.0192 19  DC  B "C4'" 
324 O  "O4'" . DC  B 8  ? 0.2763 0.3226 0.3060 -0.0230 0.0023  -0.0144 19  DC  B "O4'" 
325 C  "C3'" . DC  B 8  ? 0.2575 0.3415 0.2719 -0.0383 0.0030  -0.0084 19  DC  B "C3'" 
326 O  "O3'" . DC  B 8  ? 0.3220 0.4244 0.3312 -0.0426 0.0046  -0.0235 19  DC  B "O3'" 
327 C  "C2'" . DC  B 8  ? 0.2558 0.3319 0.2725 -0.0308 0.0026  -0.0020 19  DC  B "C2'" 
328 C  "C1'" . DC  B 8  ? 0.2713 0.3243 0.3003 -0.0222 0.0016  -0.0036 19  DC  B "C1'" 
329 N  N1    . DC  B 8  ? 0.2720 0.3215 0.3252 -0.0233 -0.0019 0.0127  19  DC  B N1    
330 C  C2    . DC  B 8  ? 0.3084 0.3595 0.3678 -0.0201 -0.0031 0.0230  19  DC  B C2    
331 O  O2    . DC  B 8  ? 0.3012 0.3563 0.3423 -0.0165 -0.0008 0.0174  19  DC  B O2    
332 N  N3    . DC  B 8  ? 0.3467 0.3950 0.4392 -0.0213 -0.0077 0.0404  19  DC  B N3    
333 C  C4    . DC  B 8  ? 0.4772 0.5217 0.6008 -0.0256 -0.0115 0.0488  19  DC  B C4    
334 N  N4    . DC  B 8  ? 0.4033 0.4460 0.5740 -0.0271 -0.0176 0.0701  19  DC  B N4    
335 C  C5    . DC  B 8  ? 0.3786 0.4214 0.4933 -0.0287 -0.0100 0.0379  19  DC  B C5    
336 C  C6    . DC  B 8  ? 0.3920 0.4371 0.4686 -0.0273 -0.0049 0.0192  19  DC  B C6    
337 P  P     . DC  B 9  ? 0.4018 0.5478 0.4109 -0.0527 0.0047  -0.0247 20  DC  B P     
338 O  OP1   . DC  B 9  ? 0.3957 0.5578 0.4129 -0.0558 0.0059  -0.0511 20  DC  B OP1   
339 O  OP2   . DC  B 9  ? 0.3692 0.5402 0.3777 -0.0619 0.0027  -0.0024 20  DC  B OP2   
340 O  "O5'" . DC  B 9  ? 0.3857 0.5286 0.3964 -0.0467 0.0043  -0.0186 20  DC  B "O5'" 
341 C  "C5'" . DC  B 9  ? 0.4285 0.5539 0.4464 -0.0382 0.0048  -0.0297 20  DC  B "C5'" 
342 C  "C4'" . DC  B 9  ? 0.3708 0.5056 0.3912 -0.0360 0.0043  -0.0244 20  DC  B "C4'" 
343 O  "O4'" . DC  B 9  ? 0.3869 0.5075 0.3993 -0.0323 0.0035  -0.0029 20  DC  B "O4'" 
344 C  "C3'" . DC  B 9  ? 0.4347 0.6163 0.4587 -0.0460 0.0047  -0.0330 20  DC  B "C3'" 
345 O  "O3'" . DC  B 9  ? 0.4444 0.6337 0.4862 -0.0428 0.0044  -0.0478 20  DC  B "O3'" 
346 C  "C2'" . DC  B 9  ? 0.4091 0.6043 0.4214 -0.0500 0.0037  -0.0065 20  DC  B "C2'" 
347 C  "C1'" . DC  B 9  ? 0.5097 0.6589 0.5208 -0.0385 0.0028  0.0082  20  DC  B "C1'" 
348 N  N1    . DC  B 9  ? 0.3880 0.5323 0.4025 -0.0404 0.0004  0.0332  20  DC  B N1    
349 C  C2    . DC  B 9  ? 0.4048 0.5483 0.4255 -0.0382 -0.0015 0.0520  20  DC  B C2    
350 O  O2    . DC  B 9  ? 0.3381 0.4848 0.3539 -0.0343 -0.0004 0.0469  20  DC  B O2    
351 N  N3    . DC  B 9  ? 0.4661 0.6055 0.5058 -0.0403 -0.0053 0.0761  20  DC  B N3    
352 C  C4    . DC  B 9  ? 0.4056 0.5417 0.4576 -0.0445 -0.0071 0.0819  20  DC  B C4    
353 N  N4    . DC  B 9  ? 0.4953 0.6276 0.5809 -0.0467 -0.0125 0.1078  20  DC  B N4    
354 C  C5    . DC  B 9  ? 0.3156 0.4529 0.3539 -0.0469 -0.0045 0.0626  20  DC  B C5    
355 C  C6    . DC  B 9  ? 0.3137 0.4552 0.3334 -0.0448 -0.0008 0.0386  20  DC  B C6    
356 P  P     . DG  B 10 ? 0.4566 0.7034 0.5155 -0.0521 0.0049  -0.0738 21  DG  B P     
357 O  OP1   . DG  B 10 ? 0.5034 0.7438 0.6022 -0.0478 0.0033  -0.1005 21  DG  B OP1   
358 O  OP2   . DG  B 10 ? 0.4497 0.7407 0.4958 -0.0642 0.0059  -0.0759 21  DG  B OP2   
359 O  "O5'" . DG  B 10 ? 0.4001 0.6638 0.4495 -0.0522 0.0047  -0.0588 21  DG  B "O5'" 
360 C  "C5'" . DG  B 10 ? 0.3581 0.5908 0.4160 -0.0422 0.0038  -0.0527 21  DG  B "C5'" 
361 C  "C4'" . DG  B 10 ? 0.4247 0.6840 0.4739 -0.0446 0.0040  -0.0419 21  DG  B "C4'" 
362 O  "O4'" . DG  B 10 ? 0.3804 0.6353 0.4052 -0.0470 0.0035  -0.0093 21  DG  B "O4'" 
363 C  "C3'" . DG  B 10 ? 0.4261 0.7557 0.4861 -0.0555 0.0048  -0.0655 21  DG  B "C3'" 
364 O  "O3'" . DG  B 10 ? 0.4118 0.7539 0.4761 -0.0532 0.0044  -0.0633 21  DG  B "O3'" 
365 C  "C2'" . DG  B 10 ? 0.3501 0.7176 0.3855 -0.0668 0.0051  -0.0437 21  DG  B "C2'" 
366 C  "C1'" . DG  B 10 ? 0.3672 0.6845 0.3864 -0.0600 0.0035  -0.0036 21  DG  B "C1'" 
367 N  N9    . DG  B 10 ? 0.3602 0.6739 0.3704 -0.0650 0.0020  0.0224  21  DG  B N9    
368 C  C8    . DG  B 10 ? 0.3782 0.6855 0.3879 -0.0677 0.0024  0.0144  21  DG  B C8    
369 N  N7    . DG  B 10 ? 0.3943 0.6963 0.4028 -0.0715 0.0000  0.0435  21  DG  B N7    
370 C  C5    . DG  B 10 ? 0.4224 0.7270 0.4355 -0.0714 -0.0027 0.0735  21  DG  B C5    
371 C  C6    . DG  B 10 ? 0.3987 0.7003 0.4279 -0.0747 -0.0075 0.1135  21  DG  B C6    
372 O  O6    . DG  B 10 ? 0.3823 0.6779 0.4251 -0.0786 -0.0104 0.1302  21  DG  B O6    
373 N  N1    . DG  B 10 ? 0.4299 0.7359 0.4673 -0.0733 -0.0097 0.1351  21  DG  B N1    
374 C  C2    . DG  B 10 ? 0.4042 0.7165 0.4297 -0.0690 -0.0071 0.1194  21  DG  B C2    
375 N  N2    . DG  B 10 ? 0.5237 0.8392 0.5593 -0.0684 -0.0100 0.1453  21  DG  B N2    
376 N  N3    . DG  B 10 ? 0.4062 0.7212 0.4186 -0.0657 -0.0028 0.0816  21  DG  B N3    
377 C  C4    . DG  B 10 ? 0.3391 0.6505 0.3490 -0.0673 -0.0010 0.0608  21  DG  B C4    
378 P  P     . DA  B 11 ? 0.5818 0.9947 0.6721 -0.0605 0.0051  -0.1003 22  DA  B P     
379 O  OP1   . DA  B 11 ? 0.6289 1.0096 0.7503 -0.0502 0.0035  -0.1122 22  DA  B OP1   
380 O  OP2   . DA  B 11 ? 0.6304 1.0939 0.7378 -0.0697 0.0061  -0.1352 22  DA  B OP2   
381 O  "O5'" . DA  B 11 ? 0.6483 1.1126 0.7105 -0.0692 0.0057  -0.0736 22  DA  B "O5'" 
382 C  "C5'" . DA  B 11 ? 0.7735 1.2684 0.8108 -0.0795 0.0055  -0.0442 22  DA  B "C5'" 
383 C  "C4'" . DA  B 11 ? 0.9035 1.4175 0.9240 -0.0834 0.0037  -0.0018 22  DA  B "C4'" 
384 O  "O4'" . DA  B 11 ? 0.9224 1.4076 0.9319 -0.0848 0.0012  0.0407  22  DA  B "O4'" 
385 C  "C3'" . DA  B 11 ? 1.0303 1.6480 1.0466 -0.0984 0.0036  -0.0025 22  DA  B "C3'" 
386 O  "O3'" . DA  B 11 ? 1.0737 1.6997 1.0835 -0.0984 0.0015  0.0290  22  DA  B "O3'" 
387 C  "C2'" . DA  B 11 ? 1.0398 1.6826 1.0405 -0.1082 0.0002  0.0243  22  DA  B "C2'" 
388 C  "C1'" . DA  B 11 ? 0.9717 1.5387 0.9778 -0.1014 -0.0006 0.0638  22  DA  B "C1'" 
389 N  N9    . DA  B 11 ? 0.9113 1.4646 0.9170 -0.1049 -0.0018 0.0751  22  DA  B N9    
390 C  C8    . DA  B 11 ? 0.9433 1.4768 0.9560 -0.1075 -0.0065 0.1217  22  DA  B C8    
391 N  N7    . DA  B 11 ? 0.8384 1.3619 0.8523 -0.1101 -0.0067 0.1203  22  DA  B N7    
392 C  C5    . DA  B 11 ? 0.7266 1.2645 0.7321 -0.1093 -0.0019 0.0700  22  DA  B C5    
393 C  C6    . DA  B 11 ? 0.6708 1.2076 0.6750 -0.1110 0.0001  0.0441  22  DA  B C6    
394 N  N6    . DA  B 11 ? 0.5637 1.0837 0.5694 -0.1142 -0.0022 0.0671  22  DA  B N6    
395 N  N1    . DA  B 11 ? 0.6472 1.2006 0.6561 -0.1094 0.0038  -0.0072 22  DA  B N1    
396 C  C2    . DA  B 11 ? 0.4083 0.9789 0.4254 -0.1061 0.0053  -0.0312 22  DA  B C2    
397 N  N3    . DA  B 11 ? 0.5564 1.1301 0.5703 -0.1042 0.0041  -0.0110 22  DA  B N3    
398 C  C4    . DA  B 11 ? 0.7579 1.3141 0.7635 -0.1060 0.0007  0.0407  22  DA  B C4    
399 O  O1    . CDR C .  ? 0.3283 0.4359 0.3931 -0.0212 0.0015  -0.0378 1   CDR C O1    
400 C  C1    . CDR C .  ? 0.3827 0.4865 0.4541 -0.0147 0.0002  -0.0263 1   CDR C C1    
401 C  C2    . CDR C .  ? 0.3404 0.4543 0.3959 -0.0169 0.0015  -0.0226 1   CDR C C2    
402 C  C3    . CDR C .  ? 0.3435 0.4545 0.4074 -0.0104 0.0002  -0.0129 1   CDR C C3    
403 C  C4    . CDR C .  ? 0.3504 0.4668 0.4561 -0.0088 -0.0031 -0.0194 1   CDR C C4    
404 O  O4    . CDR C .  ? 0.3509 0.4639 0.4647 -0.0022 -0.0048 -0.0041 1   CDR C O4    
405 C  C5    . CDR C .  ? 0.4865 0.5950 0.6078 -0.0075 -0.0050 -0.0164 1   CDR C C5    
406 O  O5    . CDR C .  ? 0.4648 0.5762 0.5775 -0.0140 -0.0031 -0.0326 1   CDR C O5    
407 C  C6    . CDR C .  ? 0.5153 0.6305 0.6942 -0.0066 -0.0105 -0.0157 1   CDR C C6    
408 O  O1    . CDR C .  ? 0.3267 0.4534 0.3799 -0.0146 0.0013  -0.0129 2   CDR C O1    
409 C  C1    . CDR C .  ? 0.3370 0.4563 0.3800 -0.0092 0.0013  0.0026  2   CDR C C1    
410 C  C2    . CDR C .  ? 0.3268 0.4687 0.3579 -0.0163 0.0021  0.0073  2   CDR C C2    
411 C  C3    . CDR C .  ? 0.3180 0.4527 0.3436 -0.0109 0.0016  0.0228  2   CDR C C3    
412 C  C4    . CDR C .  ? 0.3096 0.4408 0.3520 -0.0047 0.0006  0.0173  2   CDR C C4    
413 O  O4    . CDR C .  ? 0.3276 0.4507 0.3625 0.0011  0.0004  0.0321  2   CDR C O4    
414 C  C5    . CDR C .  ? 0.2507 0.3649 0.3057 0.0011  -0.0005 0.0160  2   CDR C C5    
415 O  O5    . CDR C .  ? 0.3231 0.4439 0.3886 -0.0048 -0.0005 0.0011  2   CDR C O5    
416 C  C6    . CDR C .  ? 0.3183 0.4345 0.4020 0.0059  -0.0033 0.0185  2   CDR C C6    
417 O  O1    . ERI C .  ? 0.3404 0.5083 0.3637 -0.0190 0.0017  0.0246  3   ERI C O1    
418 C  C1    . ERI C .  ? 0.3794 0.5698 0.3942 -0.0282 0.0012  0.0390  3   ERI C C1    
419 C  C2    . ERI C .  ? 0.3432 0.5883 0.3576 -0.0382 0.0011  0.0410  3   ERI C C2    
420 C  C3    . ERI C .  ? 0.3919 0.6337 0.4053 -0.0341 0.0001  0.0580  3   ERI C C3    
421 O  O3    . ERI C .  ? 0.4244 0.7267 0.4363 -0.0458 -0.0005 0.0673  3   ERI C O3    
422 C  CC3   . ERI C .  ? 0.3546 0.5776 0.3757 -0.0250 0.0011  0.0396  3   ERI C CC3   
423 C  C4    . ERI C .  ? 0.3668 0.5710 0.3817 -0.0285 -0.0022 0.0848  3   ERI C C4    
424 O  O4    . ERI C .  ? 0.4329 0.6296 0.4498 -0.0233 -0.0030 0.0966  3   ERI C O4    
425 C  CME   . ERI C .  ? 0.4776 0.6733 0.5119 -0.0216 -0.0080 0.1410  3   ERI C CME   
426 C  CO4   . ERI C .  ? 0.4337 0.6432 0.4621 -0.0282 -0.0067 0.1287  3   ERI C CO4   
427 O  OC4   . ERI C .  ? 0.4647 0.7002 0.5019 -0.0382 -0.0092 0.1470  3   ERI C OC4   
428 C  C5    . ERI C .  ? 0.3428 0.5000 0.3585 -0.0184 -0.0014 0.0733  3   ERI C C5    
429 O  O5    . ERI C .  ? 0.3622 0.5251 0.3762 -0.0234 -0.0005 0.0617  3   ERI C O5    
430 C  C6    . ERI C .  ? 0.3112 0.4393 0.3383 -0.0124 -0.0037 0.0893  3   ERI C C6    
431 O  O1    . ARI D .  ? 0.3022 0.3817 0.3199 0.0092  0.0007  0.0454  1   ARI D O1    
432 C  C1    . ARI D .  ? 0.3067 0.3849 0.3248 0.0171  0.0006  0.0484  1   ARI D C1    
433 C  C2    . ARI D .  ? 0.2467 0.3229 0.2697 0.0174  -0.0006 0.0600  1   ARI D C2    
434 C  C3    . ARI D .  ? 0.2438 0.3211 0.2661 0.0251  -0.0006 0.0628  1   ARI D C3    
435 C  C4    . ARI D .  ? 0.2605 0.3478 0.2796 0.0238  -0.0002 0.0628  1   ARI D C4    
436 O  O4    . ARI D .  ? 0.3297 0.4285 0.3487 0.0150  -0.0003 0.0633  1   ARI D O4    
437 C  CME   . ARI D .  ? 0.3618 0.4996 0.3799 0.0031  -0.0006 0.0715  1   ARI D CME   
438 C  CO4   . ARI D .  ? 0.3530 0.4625 0.3721 0.0139  -0.0007 0.0710  1   ARI D CO4   
439 O  OC4   . ARI D .  ? 0.3073 0.4092 0.3267 0.0210  -0.0010 0.0770  1   ARI D OC4   
440 C  C5    . ARI D .  ? 0.2620 0.3518 0.2849 0.0238  -0.0001 0.0549  1   ARI D C5    
441 O  O5    . ARI D .  ? 0.2645 0.3523 0.2850 0.0165  0.0005  0.0480  1   ARI D O5    
442 C  C6    . ARI D .  ? 0.2748 0.3741 0.3140 0.0235  -0.0016 0.0558  1   ARI D C6    
443 O  O1    . 1GL D .  ? 0.2864 0.3628 0.3155 0.0229  -0.0021 0.0748  2   1GL D O1    
444 C  C1    . 1GL D .  ? 0.3266 0.4001 0.3607 0.0311  -0.0024 0.0761  2   1GL D C1    
445 C  C2    . 1GL D .  ? 0.2750 0.3503 0.3172 0.0280  -0.0044 0.0930  2   1GL D C2    
446 C  C3    . 1GL D .  ? 0.3187 0.3888 0.3884 0.0240  -0.0080 0.1042  2   1GL D C3    
447 O  O3    . 1GL D .  ? 0.3619 0.4381 0.4450 0.0213  -0.0109 0.1251  2   1GL D O3    
448 C  C4    . 1GL D .  ? 0.3280 0.3846 0.4220 0.0326  -0.0090 0.0867  2   1GL D C4    
449 O  O4    . 1GL D .  ? 0.3945 0.4523 0.4924 0.0418  -0.0085 0.0781  2   1GL D O4    
450 C  CME   . 1GL D .  ? 0.4551 0.5062 0.5934 0.0434  -0.0128 0.0857  2   1GL D CME   
451 C  C5    . 1GL D .  ? 0.3247 0.3831 0.4017 0.0349  -0.0059 0.0668  2   1GL D C5    
452 O  O5    . 1GL D .  ? 0.3075 0.3760 0.3569 0.0377  -0.0029 0.0636  2   1GL D O5    
453 C  C6    . 1GL D .  ? 0.3656 0.4245 0.4677 0.0431  -0.0063 0.0431  2   1GL D C6    
454 O  O1    . ARI E .  ? 0.3053 0.3480 0.3208 -0.0158 0.0068  -0.0566 1   ARI E O1    
455 C  C1    . ARI E .  ? 0.3604 0.4009 0.3725 -0.0232 0.0071  -0.0596 1   ARI E C1    
456 C  C2    . ARI E .  ? 0.2775 0.3094 0.2978 -0.0239 0.0067  -0.0662 1   ARI E C2    
457 C  C3    . ARI E .  ? 0.2718 0.3035 0.2867 -0.0315 0.0072  -0.0698 1   ARI E C3    
458 C  C4    . ARI E .  ? 0.2796 0.3185 0.2887 -0.0302 0.0083  -0.0765 1   ARI E C4    
459 O  O4    . ARI E .  ? 0.3417 0.3875 0.3518 -0.0224 0.0088  -0.0817 1   ARI E O4    
460 C  CME   . ARI E .  ? 0.4560 0.5260 0.4698 -0.0147 0.0103  -0.1032 1   ARI E CME   
461 C  CO4   . ARI E .  ? 0.3937 0.4422 0.4043 -0.0222 0.0095  -0.0926 1   ARI E CO4   
462 O  OC4   . ARI E .  ? 0.3441 0.3836 0.3533 -0.0283 0.0096  -0.0952 1   ARI E OC4   
463 C  C5    . ARI E .  ? 0.2895 0.3364 0.3009 -0.0299 0.0076  -0.0702 1   ARI E C5    
464 O  O5    . ARI E .  ? 0.3086 0.3567 0.3196 -0.0227 0.0075  -0.0641 1   ARI E O5    
465 C  C6    . ARI E .  ? 0.2922 0.3475 0.3161 -0.0297 0.0066  -0.0715 1   ARI E C6    
466 O  O1    . 1GL E .  ? 0.2908 0.3144 0.3167 -0.0301 0.0066  -0.0770 2   1GL E O1    
467 C  C1    . 1GL E .  ? 0.3244 0.3464 0.3505 -0.0384 0.0062  -0.0755 2   1GL E C1    
468 C  C2    . 1GL E .  ? 0.2851 0.2979 0.3264 -0.0359 0.0056  -0.0870 2   1GL E C2    
469 C  C3    . 1GL E .  ? 0.3488 0.3536 0.4250 -0.0331 0.0021  -0.0836 2   1GL E C3    
470 O  O3    . 1GL E .  ? 0.3747 0.3729 0.4748 -0.0316 0.0009  -0.0977 2   1GL E O3    
471 C  C4    . 1GL E .  ? 0.3317 0.3402 0.4196 -0.0424 -0.0014 -0.0559 2   1GL E C4    
472 O  O4    . 1GL E .  ? 0.3823 0.3985 0.4651 -0.0523 -0.0020 -0.0475 2   1GL E O4    
473 C  CME   . 1GL E .  ? 0.4162 0.4269 0.5401 -0.0558 -0.0070 -0.0358 2   1GL E CME   
474 C  C5    . 1GL E .  ? 0.3307 0.3521 0.3933 -0.0443 0.0003  -0.0463 2   1GL E C5    
475 O  O5    . 1GL E .  ? 0.3412 0.3703 0.3748 -0.0463 0.0039  -0.0572 2   1GL E O5    
476 C  C6    . 1GL E .  ? 0.4086 0.4494 0.4799 -0.0550 -0.0030 -0.0183 2   1GL E C6    
477 O  O1    . CDR F .  ? 0.3205 0.4397 0.3673 0.0103  -0.0007 0.0163  1   CDR F O1    
478 C  C1    . CDR F .  ? 0.3855 0.4953 0.4373 0.0049  -0.0007 0.0081  1   CDR F C1    
479 C  C2    . CDR F .  ? 0.3607 0.4742 0.3955 0.0060  0.0017  -0.0030 1   CDR F C2    
480 C  C3    . CDR F .  ? 0.3184 0.4241 0.3590 0.0004  0.0014  -0.0094 1   CDR F C3    
481 C  C4    . CDR F .  ? 0.3703 0.4885 0.4425 -0.0021 -0.0027 0.0046  1   CDR F C4    
482 O  O4    . CDR F .  ? 0.3990 0.5068 0.4817 -0.0078 -0.0032 -0.0052 1   CDR F O4    
483 C  C5    . CDR F .  ? 0.4217 0.5346 0.5162 -0.0029 -0.0052 0.0101  1   CDR F C5    
484 O  O5    . CDR F .  ? 0.4213 0.5450 0.5052 0.0028  -0.0049 0.0210  1   CDR F O5    
485 C  C6    . CDR F .  ? 0.4551 0.5793 0.6008 -0.0053 -0.0111 0.0233  1   CDR F C6    
486 O  O1    . CDR F .  ? 0.3360 0.4532 0.3656 0.0026  0.0031  -0.0174 2   CDR F O1    
487 C  C1    . CDR F .  ? 0.3628 0.4641 0.3862 -0.0013 0.0045  -0.0312 2   CDR F C1    
488 C  C2    . CDR F .  ? 0.3415 0.4571 0.3576 0.0029  0.0065  -0.0453 2   CDR F C2    
489 C  C3    . CDR F .  ? 0.3273 0.4264 0.3413 -0.0013 0.0074  -0.0578 2   CDR F C3    
490 C  C4    . CDR F .  ? 0.2985 0.3997 0.3179 -0.0065 0.0060  -0.0499 2   CDR F C4    
491 O  O4    . CDR F .  ? 0.3561 0.4416 0.3716 -0.0108 0.0072  -0.0619 2   CDR F O4    
492 C  C5    . CDR F .  ? 0.2895 0.3797 0.3203 -0.0103 0.0041  -0.0394 2   CDR F C5    
493 O  O5    . CDR F .  ? 0.3613 0.4668 0.3986 -0.0057 0.0027  -0.0260 2   CDR F O5    
494 C  C6    . CDR F .  ? 0.3244 0.4179 0.3767 -0.0150 0.0016  -0.0355 2   CDR F C6    
495 O  O1    . ERI F .  ? 0.3483 0.4734 0.3627 0.0025  0.0084  -0.0705 3   ERI F O1    
496 C  C1    . ERI F .  ? 0.3797 0.5154 0.4011 0.0086  0.0094  -0.0890 3   ERI F C1    
497 C  C2    . ERI F .  ? 0.3562 0.5365 0.3816 0.0122  0.0107  -0.1091 3   ERI F C2    
498 C  C3    . ERI F .  ? 0.3980 0.5654 0.4278 0.0092  0.0114  -0.1241 3   ERI F C3    
499 O  O3    . ERI F .  ? 0.4293 0.6434 0.4695 0.0138  0.0128  -0.1522 3   ERI F O3    
500 C  CC3   . ERI F .  ? 0.4165 0.5792 0.4338 0.0029  0.0108  -0.1052 3   ERI F CC3   
501 C  C4    . ERI F .  ? 0.3356 0.4558 0.3808 0.0076  0.0103  -0.1305 3   ERI F C4    
502 O  O4    . ERI F .  ? 0.4082 0.5144 0.4571 0.0035  0.0104  -0.1383 3   ERI F O4    
503 C  CME   . ERI F .  ? 0.5395 0.6274 0.6284 0.0022  0.0091  -0.1713 3   ERI F CME   
504 C  CO4   . ERI F .  ? 0.4219 0.5260 0.5035 0.0067  0.0094  -0.1648 3   ERI F CO4   
505 O  OC4   . ERI F .  ? 0.4544 0.5728 0.5619 0.0130  0.0086  -0.1831 3   ERI F OC4   
506 C  C5    . ERI F .  ? 0.3528 0.4406 0.3883 0.0027  0.0091  -0.1051 3   ERI F C5    
507 O  O5    . ERI F .  ? 0.3639 0.4638 0.3964 0.0068  0.0089  -0.0967 3   ERI F O5    
508 C  C6    . ERI F .  ? 0.3167 0.3727 0.3706 -0.0009 0.0070  -0.1031 3   ERI F C6    
509 C  C1    . CPH G .  ? 0.3064 0.3955 0.3402 0.0073  0.0013  0.0075  106 CPH A C1    
510 O  O1    . CPH G .  ? 0.3180 0.3986 0.3431 0.0044  0.0027  -0.0017 106 CPH A O1    
511 C  C2    . CPH G .  ? 0.3587 0.4664 0.4128 0.0090  -0.0015 0.0188  106 CPH A C2    
512 C  C3    . CPH G .  ? 0.3196 0.4467 0.3743 0.0153  -0.0025 0.0331  106 CPH A C3    
513 C  C4    . CPH G .  ? 0.3506 0.4672 0.4074 0.0161  -0.0027 0.0358  106 CPH A C4    
514 C  C5    . CPH G .  ? 0.2781 0.3600 0.2988 0.0130  0.0014  0.0310  106 CPH A C5    
515 C  C6    . CPH G .  ? 0.2829 0.3626 0.2997 0.0079  0.0015  0.0348  106 CPH A C6    
516 C  C7    . CPH G .  ? 0.2357 0.3147 0.2518 0.0013  0.0014  0.0328  106 CPH A C7    
517 C  C8    . CPH G .  ? 0.2712 0.3464 0.2869 0.0009  0.0021  0.0223  106 CPH A C8    
518 O  O8    . CPH G .  ? 0.2910 0.3662 0.3068 -0.0056 0.0020  0.0215  106 CPH A O8    
519 C  C9    . CPH G .  ? 0.3309 0.4069 0.3511 0.0050  0.0026  0.0097  106 CPH A C9    
520 O  O9    . CPH G .  ? 0.2894 0.3602 0.3057 -0.0005 0.0032  0.0041  106 CPH A O9    
521 C  "C1'" . CPH G .  ? 0.3545 0.5108 0.4371 0.0154  -0.0069 0.0539  106 CPH A "C1'" 
522 O  "O1'" . CPH G .  ? 0.3742 0.5196 0.4933 0.0115  -0.0107 0.0589  106 CPH A "O1'" 
523 C  C10   . CPH G .  ? 0.3800 0.4726 0.4137 0.0155  0.0003  0.0275  106 CPH A C10   
524 C  "C2'" . CPH G .  ? 0.5075 0.6971 0.5905 0.0204  -0.0082 0.0717  106 CPH A "C2'" 
525 O  "O2'" . CPH G .  ? 0.4146 0.6053 0.5178 0.0210  -0.0111 0.0862  106 CPH A "O2'" 
526 C  "C3'" . CPH G .  ? 0.6508 0.8802 0.7139 0.0243  -0.0060 0.0688  106 CPH A "C3'" 
527 O  "O3'" . CPH G .  ? 0.6887 0.8996 0.7293 0.0251  -0.0017 0.0406  106 CPH A "O3'" 
528 C  "C4'" . CPH G .  ? 0.7434 0.9935 0.7989 0.0296  -0.0054 0.0732  106 CPH A "C4'" 
529 O  "O4'" . CPH G .  ? 0.8642 1.0713 0.9176 0.0301  -0.0047 0.0677  106 CPH A "O4'" 
530 C  C4A   . CPH G .  ? 0.3059 0.4018 0.3440 0.0136  0.0000  0.0232  106 CPH A C4A   
531 C  "C5'" . CPH G .  ? 0.7840 1.0592 0.8185 0.0346  -0.0014 0.0484  106 CPH A "C5'" 
532 C  C5A   . CPH G .  ? 0.2953 0.3775 0.3185 0.0119  0.0016  0.0240  106 CPH A C5A   
533 C  C8A   . CPH G .  ? 0.2526 0.3288 0.2709 0.0060  0.0024  0.0172  106 CPH A C8A   
534 C  C9A   . CPH G .  ? 0.2994 0.3847 0.3289 0.0088  0.0016  0.0121  106 CPH A C9A   
535 C  CC7   . CPH G .  ? 0.2476 0.3346 0.2679 -0.0060 -0.0001 0.0465  106 CPH A CC7   
536 C  CME   . CPH G .  ? 0.4455 0.6046 0.6010 0.0080  -0.0153 0.0712  106 CPH A CME   
537 CO CO    . CO  H .  ? 0.3393 0.4054 0.3548 -0.0033 0.0039  -0.0073 107 CO  A CO    
538 CO CO    . CO  I .  ? 0.4938 0.5337 0.7949 -0.0151 -0.0343 0.1350  108 CO  A CO    
539 C  C1    . CPH J .  ? 0.3233 0.4045 0.3610 -0.0148 0.0029  -0.0245 103 CPH B C1    
540 O  O1    . CPH J .  ? 0.2992 0.3776 0.3270 -0.0114 0.0033  -0.0156 103 CPH B O1    
541 C  C2    . CPH J .  ? 0.3752 0.4697 0.4417 -0.0185 0.0010  -0.0350 103 CPH B C2    
542 C  C3    . CPH J .  ? 0.3335 0.4385 0.4068 -0.0267 0.0016  -0.0533 103 CPH B C3    
543 C  C4    . CPH J .  ? 0.3533 0.4452 0.4209 -0.0258 0.0018  -0.0518 103 CPH B C4    
544 C  C5    . CPH J .  ? 0.3035 0.3589 0.3174 -0.0192 0.0062  -0.0464 103 CPH B C5    
545 C  C6    . CPH J .  ? 0.2824 0.3321 0.2947 -0.0145 0.0065  -0.0489 103 CPH B C6    
546 C  C7    . CPH J .  ? 0.2483 0.2983 0.2641 -0.0085 0.0062  -0.0455 103 CPH B C7    
547 C  C8    . CPH J .  ? 0.2681 0.3217 0.2822 -0.0077 0.0057  -0.0357 103 CPH B C8    
548 O  O8    . CPH J .  ? 0.3081 0.3620 0.3266 -0.0020 0.0053  -0.0332 103 CPH B O8    
549 C  C9    . CPH J .  ? 0.3484 0.4128 0.3656 -0.0113 0.0047  -0.0252 103 CPH B C9    
550 O  O9    . CPH J .  ? 0.2970 0.3593 0.3115 -0.0058 0.0047  -0.0187 103 CPH B O9    
551 C  "C1'" . CPH J .  ? 0.3505 0.4731 0.4673 -0.0298 -0.0010 -0.0725 103 CPH B "C1'" 
552 O  "O1'" . CPH J .  ? 0.3773 0.4884 0.5271 -0.0244 -0.0048 -0.0627 103 CPH B "O1'" 
553 C  C10   . CPH J .  ? 0.3704 0.4411 0.4019 -0.0225 0.0044  -0.0437 103 CPH B C10   
554 C  "C2'" . CPH J .  ? 0.4580 0.6004 0.5856 -0.0382 -0.0003 -0.0975 103 CPH B "C2'" 
555 O  "O2'" . CPH J .  ? 0.3842 0.5206 0.5380 -0.0384 -0.0023 -0.1049 103 CPH B "O2'" 
556 C  "C3'" . CPH J .  ? 0.6013 0.7803 0.7118 -0.0475 0.0024  -0.1121 103 CPH B "C3'" 
557 O  "O3'" . CPH J .  ? 0.6749 0.8562 0.7547 -0.0470 0.0039  -0.0921 103 CPH B "O3'" 
558 C  "C4'" . CPH J .  ? 0.5760 0.7609 0.6671 -0.0539 0.0042  -0.1152 103 CPH B "C4'" 
559 O  "O4'" . CPH J .  ? 0.6448 0.7949 0.7063 -0.0490 0.0049  -0.0893 103 CPH B "O4'" 
560 C  C4A   . CPH J .  ? 0.2809 0.3584 0.3205 -0.0212 0.0035  -0.0397 103 CPH B C4A   
561 C  "C5'" . CPH J .  ? 0.5921 0.8276 0.6671 -0.0651 0.0061  -0.1221 103 CPH B "C5'" 
562 C  C5A   . CPH J .  ? 0.2929 0.3541 0.3107 -0.0182 0.0055  -0.0398 103 CPH B C5A   
563 C  C8A   . CPH J .  ? 0.2712 0.3302 0.2853 -0.0123 0.0055  -0.0321 103 CPH B C8A   
564 C  C9A   . CPH J .  ? 0.2975 0.3709 0.3266 -0.0157 0.0039  -0.0285 103 CPH B C9A   
565 C  CC7   . CPH J .  ? 0.2625 0.3109 0.2915 -0.0030 0.0059  -0.0564 103 CPH B CC7   
566 C  CME   . CPH J .  ? 0.4045 0.5252 0.6032 -0.0231 -0.0089 -0.0673 103 CPH B CME   
567 CO CO    . CO  K .  ? 0.4973 0.4853 0.8384 -0.0047 -0.0270 -0.0139 107 CO  B CO    
568 O  O     . HOH L .  ? 0.4486 0.4588 0.8027 0.0058  -0.0349 0.0852  201 HOH A O     
569 O  O     . HOH L .  ? 0.2693 0.3293 0.2889 0.0058  0.0041  -0.0120 202 HOH A O     
570 O  O     . HOH L .  ? 0.3621 0.3854 0.6680 -0.0121 -0.0322 0.1012  203 HOH A O     
571 O  O     . HOH L .  ? 0.5002 0.8444 0.5130 -0.0460 -0.0008 0.0764  204 HOH A O     
572 O  O     . HOH L .  ? 0.3793 0.4721 0.4068 0.0392  0.0011  0.0339  205 HOH A O     
573 O  O     . HOH L .  ? 0.4087 0.4905 0.4669 0.0304  -0.0080 0.1248  206 HOH A O     
574 O  O     . HOH L .  ? 0.6456 1.0073 0.6701 -0.0006 0.0052  -0.0420 207 HOH A O     
575 O  O     . HOH L .  ? 0.4583 0.5247 0.7207 -0.0044 -0.0331 0.1792  208 HOH A O     
576 O  O     . HOH L .  ? 0.3290 0.4757 0.3954 0.0031  -0.0016 0.0238  209 HOH A O     
577 O  O     . HOH L .  ? 0.4181 0.5341 0.5640 0.0101  -0.0109 0.0366  210 HOH A O     
578 O  O     . HOH L .  ? 0.4230 0.5458 0.4416 0.0185  -0.0019 0.0945  211 HOH A O     
579 O  O     . HOH L .  ? 0.4674 0.6321 0.6169 -0.0291 -0.0026 -0.0848 212 HOH A O     
580 O  O     . HOH L .  ? 0.4428 0.5828 0.6194 0.0119  -0.0167 0.0694  213 HOH A O     
581 O  O     . HOH L .  ? 0.5141 0.7532 0.5798 0.0443  0.0086  -0.1148 214 HOH A O     
582 O  O     . HOH L .  ? 0.4511 0.6536 0.5365 0.0095  -0.0075 0.0548  215 HOH A O     
583 O  O     . HOH L .  ? 0.4298 0.5735 0.4622 0.0148  -0.0075 0.1535  216 HOH A O     
584 O  O     . HOH L .  ? 0.4294 0.5223 0.6887 -0.0374 -0.0345 0.1826  217 HOH A O     
585 O  O     . HOH L .  ? 0.6175 0.7298 0.7296 0.0583  -0.0016 -0.0280 218 HOH A O     
586 O  O     . HOH L .  ? 0.5374 0.7531 0.6700 0.0507  0.0063  -0.1631 219 HOH A O     
587 O  O     . HOH L .  ? 0.5097 0.5924 0.7390 0.0635  -0.0112 -0.0454 220 HOH A O     
588 O  O     . HOH L .  ? 0.4525 0.5116 0.7582 -0.0186 -0.0374 0.1710  221 HOH A O     
589 O  O     . HOH L .  ? 0.6798 0.7035 1.1651 -0.0026 -0.0545 0.1781  222 HOH A O     
590 O  O     . HOH L .  ? 0.4030 0.4603 0.5791 0.0125  -0.0209 0.1346  223 HOH A O     
591 O  O     . HOH L .  ? 0.7083 0.8592 0.7568 0.0514  0.0033  -0.0191 224 HOH A O     
592 O  O     . HOH L .  ? 0.4800 0.5989 0.5317 0.0589  -0.0001 0.0276  225 HOH A O     
593 O  O     . HOH L .  ? 0.7305 0.8407 0.7506 0.0341  0.0016  0.0333  226 HOH A O     
594 O  O     . HOH L .  ? 0.6160 0.7456 0.8472 0.0052  -0.0167 0.0104  227 HOH A O     
595 O  O     . HOH L .  ? 0.4316 0.5484 0.4721 0.0294  -0.0021 0.0557  228 HOH A O     
596 O  O     . HOH L .  ? 0.4498 0.4840 0.8831 -0.0209 -0.0498 0.1718  229 HOH A O     
597 O  O     . HOH L .  ? 0.7034 0.9194 1.1104 -0.0423 -0.0602 0.3617  230 HOH A O     
598 O  O     . HOH L .  ? 0.7405 0.9614 0.8771 0.0584  0.0050  -0.1473 231 HOH A O     
599 O  O     . HOH L .  ? 0.5961 0.7180 0.8493 -0.0061 -0.0204 0.0179  232 HOH A O     
600 O  O     . HOH L .  ? 0.4134 0.5305 0.5067 0.0209  -0.0073 0.0577  233 HOH A O     
601 O  O     . HOH L .  ? 0.4853 0.7182 0.5297 -0.0113 0.0003  0.0334  234 HOH A O     
602 O  O     . HOH L .  ? 0.3723 0.4949 0.5023 0.0236  -0.0111 0.0667  235 HOH A O     
603 O  O     . HOH L .  ? 0.6421 0.8294 1.0200 0.0120  -0.0418 0.1515  236 HOH A O     
604 O  O     . HOH L .  ? 0.8645 1.0252 1.2858 0.0123  -0.0437 0.1279  237 HOH A O     
605 O  O     . HOH M .  ? 0.5995 0.7211 0.6729 -0.0471 0.0041  -0.0973 201 HOH B O     
606 O  O     . HOH M .  ? 0.4283 0.4271 0.7787 -0.0258 -0.0336 0.0519  202 HOH B O     
607 O  O     . HOH M .  ? 0.4161 0.4861 0.4250 -0.0498 0.0058  -0.0480 203 HOH B O     
608 O  O     . HOH M .  ? 0.6041 0.8749 0.6861 0.0269  0.0135  -0.2050 204 HOH B O     
609 O  O     . HOH M .  ? 0.4755 0.7799 0.4848 -0.0808 -0.0007 0.0432  205 HOH B O     
610 O  O     . HOH M .  ? 0.3586 0.3537 0.6877 -0.0074 -0.0285 0.0218  206 HOH B O     
611 O  O     . HOH M .  ? 0.4000 0.4001 0.4653 -0.0390 0.0048  -0.1107 207 HOH B O     
612 O  O     . HOH M .  ? 0.2820 0.3504 0.2962 -0.0138 0.0032  0.0006  208 HOH B O     
613 O  O     . HOH M .  ? 0.4985 0.8246 0.5153 -0.0804 0.0057  -0.0458 209 HOH B O     
614 O  O     . HOH M .  ? 0.4215 0.3998 0.7385 -0.0149 -0.0208 -0.0734 210 HOH B O     
615 O  O     . HOH M .  ? 0.4391 0.4850 0.4507 -0.0269 0.0111  -0.1184 211 HOH B O     
616 O  O     . HOH M .  ? 0.3486 0.4600 0.3779 -0.0157 0.0053  -0.0566 212 HOH B O     
617 O  O     . HOH M .  ? 0.5264 0.5548 0.5872 -0.0264 0.0102  -0.1686 213 HOH B O     
618 O  O     . HOH M .  ? 0.4518 0.5545 0.6463 -0.0253 -0.0097 -0.0579 214 HOH B O     
619 O  O     . HOH M .  ? 0.4406 0.5330 0.5751 -0.0202 -0.0062 -0.0324 215 HOH B O     
620 O  O     . HOH M .  ? 0.4084 0.4081 0.7506 0.0140  -0.0216 -0.0760 216 HOH B O     
621 O  O     . HOH M .  ? 0.6116 0.7452 0.6670 -0.0793 -0.0057 0.0324  217 HOH B O     
622 O  O     . HOH M .  ? 0.5529 0.6955 0.6163 -0.0684 -0.0082 0.0641  218 HOH B O     
623 O  O     . HOH M .  ? 0.8627 1.0258 0.8751 -0.0745 0.0018  -0.0054 219 HOH B O     
624 O  O     . HOH M .  ? 0.4558 0.4390 0.8198 -0.0023 -0.0266 -0.0481 220 HOH B O     
625 O  O     . HOH M .  ? 0.6386 0.7847 0.6800 -0.0597 -0.0049 0.0548  221 HOH B O     
626 O  O     . HOH M .  ? 0.5719 1.0357 0.5808 -0.1148 -0.0032 0.0677  222 HOH B O     
627 O  O     . HOH M .  ? 0.4968 0.6368 0.6289 -0.0606 -0.0194 0.1321  223 HOH B O     
628 O  O     . HOH M .  ? 0.6977 0.8908 0.8849 0.0301  0.0080  -0.2615 224 HOH B O     
629 O  O     . HOH M .  ? 0.6511 0.8013 0.8531 0.0198  0.0068  -0.2706 225 HOH B O     
630 O  O     . HOH M .  ? 0.5187 1.1337 0.5595 -0.0957 0.0121  -0.1180 226 HOH B O     
631 O  O     . HOH M .  ? 0.6438 0.6329 1.1000 -0.0780 -0.0463 0.0504  227 HOH B O     
632 O  O     . HOH M .  ? 0.7679 1.0038 0.8738 -0.0242 0.0002  -0.0510 228 HOH B O     
633 O  O     . HOH M .  ? 0.5952 1.1135 0.6727 -0.0883 0.0092  -0.1413 229 HOH B O     
634 O  O     . HOH M .  ? 0.5624 1.0217 0.6666 -0.0831 0.0080  -0.1657 230 HOH B O     
635 O  O     . HOH M .  ? 0.4983 0.6048 0.5121 -0.0762 0.0037  -0.0405 231 HOH B O     
636 O  O     . HOH M .  ? 0.5223 0.6420 0.7073 -0.0194 -0.0139 0.0026  232 HOH B O     
637 O  O     . HOH M .  ? 0.8375 1.3443 0.8876 -0.1303 -0.0162 0.1789  233 HOH B O     
638 O  O     . HOH M .  ? 0.4620 0.5399 0.5031 -0.0389 0.0053  -0.0755 234 HOH B O     
639 O  O     . HOH M .  ? 0.4337 0.4083 0.9208 -0.0018 -0.0410 -0.0101 235 HOH B O     
640 O  O     . HOH M .  ? 0.7453 0.9460 0.7488 -0.0874 0.0048  -0.0399 236 HOH B O     
641 O  O     . HOH M .  ? 0.3789 0.4884 0.4669 -0.0237 -0.0022 -0.0342 237 HOH B O     
642 O  O     . HOH M .  ? 0.4482 0.5257 0.5355 -0.0291 0.0002  -0.0620 238 HOH B O     
643 O  O     . HOH M .  ? 0.6000 0.7332 0.9554 -0.0157 -0.0246 -0.0512 239 HOH B O     
644 O  O     . HOH M .  ? 0.4922 0.5774 0.5382 -0.0502 0.0063  -0.0991 240 HOH B O     
# 
